data_6P7I
#
_entry.id   6P7I
#
_cell.length_a   78.091
_cell.length_b   135.133
_cell.length_c   83.206
_cell.angle_alpha   90.000
_cell.angle_beta   98.010
_cell.angle_gamma   90.000
#
_symmetry.space_group_name_H-M   'P 1 21 1'
#
loop_
_entity.id
_entity.type
_entity.pdbx_description
1 polymer 'Protein arginine N-methyltransferase 6'
2 non-polymer S-ADENOSYL-L-HOMOCYSTEINE
3 non-polymer N-[3-(4-{[(2-aminoethyl)(methyl)amino]methyl}-1H-pyrrol-3-yl)phenyl]prop-2-enamide
4 non-polymer GLYCEROL
5 non-polymer N-[3-(4-{[(2-aminoethyl)(methyl)amino]methyl}-1H-pyrrol-3-yl)phenyl]propanamide
6 water water
#
_entity_poly.entity_id   1
_entity_poly.type   'polypeptide(L)'
_entity_poly.pdbx_seq_one_letter_code
;GMSQPKKRKLESGGGGEGGEGTEEEDGAEREAALERPRRTKRERDQLYYECYSDVSVHEEMIADRVRTDAYRLGILRNWA
ALRGKTVLDVGAGTGILSIFCAQAGARRVYAVEASAIWQQAREVVRFNGLEDRVHVLPGPVETVELPEQVDAIVSEWMGY
GLLHESMLSSVLHARTKWLKEGGLLLPASAELFIVPISDQMLEWRLGFWSQVKQHYGVDMSCLEGFATRCLMGHSEIVVQ
GLSGEDVLARPQRFAQLELSRAGLEQELEAGVGGRFRCSCYGSAPMHGFAIWFQVTFPGGESEKPLVLSTSPFHPATHWK
QALLYLNEPVQVEQDTDVSGEITLLPSRDNPRRLRVLLRYKVGDQEEKTKDFAMED
;
_entity_poly.pdbx_strand_id   A,B,C,D
#
loop_
_chem_comp.id
_chem_comp.type
_chem_comp.name
_chem_comp.formula
GOL non-polymer GLYCEROL 'C3 H8 O3'
O3P non-polymer N-[3-(4-{[(2-aminoethyl)(methyl)amino]methyl}-1H-pyrrol-3-yl)phenyl]prop-2-enamide 'C17 H22 N4 O'
O3S non-polymer N-[3-(4-{[(2-aminoethyl)(methyl)amino]methyl}-1H-pyrrol-3-yl)phenyl]propanamide 'C17 H24 N4 O'
SAH non-polymer S-ADENOSYL-L-HOMOCYSTEINE 'C14 H20 N6 O5 S'
#
# COMPACT_ATOMS: atom_id res chain seq x y z
N ARG A 38 29.42 -15.81 26.37
CA ARG A 38 30.84 -15.41 26.64
C ARG A 38 31.08 -13.87 26.61
N ARG A 39 30.01 -13.07 26.61
CA ARG A 39 30.10 -11.65 26.25
C ARG A 39 30.47 -10.75 27.43
N THR A 40 31.62 -10.10 27.34
CA THR A 40 32.14 -9.22 28.41
C THR A 40 31.44 -7.85 28.38
N LYS A 41 31.66 -7.03 29.43
CA LYS A 41 31.08 -5.67 29.49
C LYS A 41 31.62 -4.74 28.39
N ARG A 42 32.92 -4.78 28.12
CA ARG A 42 33.48 -3.97 27.03
C ARG A 42 32.97 -4.42 25.64
N GLU A 43 32.82 -5.72 25.42
CA GLU A 43 32.27 -6.27 24.18
C GLU A 43 30.77 -5.94 24.01
N ARG A 44 29.98 -6.19 25.05
CA ARG A 44 28.55 -5.77 25.08
C ARG A 44 28.38 -4.29 24.77
N ASP A 45 29.16 -3.43 25.42
CA ASP A 45 29.02 -1.98 25.15
C ASP A 45 29.47 -1.65 23.72
N GLN A 46 30.57 -2.24 23.26
CA GLN A 46 31.00 -2.14 21.84
C GLN A 46 29.87 -2.43 20.87
N LEU A 47 29.24 -3.60 21.01
CA LEU A 47 28.13 -4.00 20.15
C LEU A 47 26.90 -3.10 20.29
N TYR A 48 26.57 -2.72 21.52
CA TYR A 48 25.48 -1.79 21.77
C TYR A 48 25.73 -0.47 21.05
N TYR A 49 26.88 0.16 21.27
CA TYR A 49 27.18 1.45 20.58
C TYR A 49 27.34 1.35 19.05
N GLU A 50 27.84 0.22 18.54
CA GLU A 50 28.02 0.05 17.08
C GLU A 50 26.66 0.04 16.38
N CYS A 51 25.67 -0.52 17.03
CA CYS A 51 24.31 -0.46 16.55
C CYS A 51 23.82 1.00 16.33
N TYR A 52 24.17 1.93 17.22
CA TYR A 52 23.80 3.35 17.02
C TYR A 52 24.72 4.12 16.03
N SER A 53 25.73 3.44 15.47
CA SER A 53 26.58 4.08 14.47
C SER A 53 25.95 4.04 13.07
N ASP A 54 24.88 3.27 12.88
CA ASP A 54 24.22 3.12 11.58
C ASP A 54 23.11 4.13 11.41
N VAL A 55 22.92 4.56 10.16
CA VAL A 55 21.89 5.55 9.84
C VAL A 55 20.43 5.14 10.18
N SER A 56 20.06 3.86 10.04
CA SER A 56 18.66 3.46 10.05
C SER A 56 17.97 3.75 11.36
N VAL A 57 18.66 3.49 12.44
CA VAL A 57 18.10 3.70 13.77
C VAL A 57 17.84 5.21 14.02
N HIS A 58 18.72 6.09 13.55
CA HIS A 58 18.51 7.55 13.71
C HIS A 58 17.45 8.11 12.77
N GLU A 59 17.41 7.56 11.56
CA GLU A 59 16.34 7.84 10.62
C GLU A 59 15.01 7.49 11.26
N GLU A 60 14.91 6.30 11.87
CA GLU A 60 13.64 5.90 12.48
C GLU A 60 13.25 6.85 13.64
N MET A 61 14.21 7.20 14.47
CA MET A 61 13.97 8.09 15.60
C MET A 61 13.54 9.49 15.18
N ILE A 62 14.22 10.05 14.17
CA ILE A 62 13.93 11.42 13.72
C ILE A 62 12.66 11.45 12.86
N ALA A 63 12.38 10.36 12.12
CA ALA A 63 11.10 10.21 11.42
C ALA A 63 9.91 10.01 12.37
N ASP A 64 10.17 9.64 13.61
CA ASP A 64 9.13 9.58 14.64
C ASP A 64 8.80 11.01 15.09
N ARG A 65 7.80 11.59 14.43
CA ARG A 65 7.38 12.98 14.67
C ARG A 65 6.80 13.16 16.07
N VAL A 66 6.06 12.18 16.57
CA VAL A 66 5.48 12.29 17.91
C VAL A 66 6.63 12.45 18.94
N ARG A 67 7.62 11.55 18.86
CA ARG A 67 8.81 11.60 19.70
C ARG A 67 9.57 12.92 19.57
N THR A 68 9.95 13.25 18.34
CA THR A 68 10.91 14.30 18.11
C THR A 68 10.26 15.65 18.35
N ASP A 69 8.99 15.85 17.94
CA ASP A 69 8.24 17.07 18.32
C ASP A 69 8.00 17.21 19.81
N ALA A 70 7.75 16.10 20.52
CA ALA A 70 7.59 16.15 21.98
C ALA A 70 8.83 16.72 22.67
N TYR A 71 10.02 16.24 22.26
CA TYR A 71 11.28 16.79 22.77
C TYR A 71 11.48 18.26 22.35
N ARG A 72 11.23 18.58 21.09
CA ARG A 72 11.35 19.97 20.62
C ARG A 72 10.47 20.90 21.44
N LEU A 73 9.22 20.52 21.64
CA LEU A 73 8.26 21.35 22.36
C LEU A 73 8.52 21.37 23.86
N GLY A 74 8.95 20.24 24.42
CA GLY A 74 9.34 20.19 25.84
C GLY A 74 10.52 21.08 26.18
N ILE A 75 11.49 21.07 25.26
CA ILE A 75 12.65 21.94 25.36
C ILE A 75 12.23 23.43 25.26
N LEU A 76 11.50 23.80 24.21
CA LEU A 76 11.10 25.21 24.00
C LEU A 76 10.22 25.77 25.10
N ARG A 77 9.33 24.95 25.67
CA ARG A 77 8.55 25.36 26.84
C ARG A 77 9.37 25.59 28.10
N ASN A 78 10.56 25.00 28.18
CA ASN A 78 11.46 25.25 29.30
C ASN A 78 12.52 26.31 28.98
N TRP A 79 12.22 27.20 28.04
CA TRP A 79 13.12 28.31 27.66
C TRP A 79 13.68 29.07 28.85
N ALA A 80 12.83 29.38 29.82
CA ALA A 80 13.21 30.23 30.98
C ALA A 80 14.30 29.59 31.81
N ALA A 81 14.22 28.29 32.00
CA ALA A 81 15.26 27.54 32.69
C ALA A 81 16.51 27.31 31.85
N LEU A 82 16.42 27.37 30.52
CA LEU A 82 17.56 27.08 29.62
C LEU A 82 18.32 28.31 29.08
N ARG A 83 17.60 29.42 28.88
CA ARG A 83 18.17 30.64 28.26
C ARG A 83 19.37 31.16 29.06
N GLY A 84 20.53 31.25 28.41
CA GLY A 84 21.79 31.66 29.06
C GLY A 84 22.46 30.58 29.90
N LYS A 85 21.88 29.38 29.96
CA LYS A 85 22.32 28.32 30.85
C LYS A 85 23.02 27.18 30.09
N THR A 86 23.52 26.20 30.84
CA THR A 86 24.30 25.11 30.26
C THR A 86 23.54 23.78 30.33
N VAL A 87 23.68 22.97 29.29
CA VAL A 87 22.91 21.72 29.13
C VAL A 87 23.85 20.55 28.79
N LEU A 88 23.56 19.38 29.36
CA LEU A 88 24.22 18.13 28.97
C LEU A 88 23.19 17.27 28.23
N ASP A 89 23.49 16.88 26.99
CA ASP A 89 22.62 15.99 26.21
C ASP A 89 23.25 14.62 26.33
N VAL A 90 22.61 13.74 27.09
CA VAL A 90 23.18 12.41 27.34
C VAL A 90 22.75 11.50 26.19
N GLY A 91 23.71 11.15 25.33
CA GLY A 91 23.44 10.30 24.17
C GLY A 91 22.91 11.11 23.01
N ALA A 92 23.73 12.02 22.52
CA ALA A 92 23.27 13.07 21.62
C ALA A 92 22.93 12.53 20.21
N GLY A 93 23.43 11.35 19.83
CA GLY A 93 23.16 10.78 18.52
C GLY A 93 23.64 11.68 17.38
N THR A 94 22.70 12.06 16.52
CA THR A 94 22.97 12.97 15.41
C THR A 94 23.05 14.47 15.83
N GLY A 95 22.83 14.75 17.12
CA GLY A 95 22.95 16.09 17.70
C GLY A 95 21.65 16.86 17.83
N ILE A 96 20.54 16.29 17.35
CA ILE A 96 19.29 17.03 17.18
C ILE A 96 18.73 17.70 18.45
N LEU A 97 18.71 17.00 19.59
CA LEU A 97 18.21 17.57 20.85
C LEU A 97 19.10 18.69 21.37
N SER A 98 20.41 18.54 21.20
CA SER A 98 21.38 19.56 21.60
C SER A 98 21.14 20.84 20.85
N ILE A 99 20.86 20.71 19.55
CA ILE A 99 20.54 21.85 18.71
C ILE A 99 19.19 22.48 19.07
N PHE A 100 18.17 21.68 19.42
CA PHE A 100 16.94 22.25 19.98
C PHE A 100 17.25 23.11 21.21
N CYS A 101 18.14 22.64 22.08
CA CYS A 101 18.51 23.38 23.28
C CYS A 101 19.23 24.71 22.95
N ALA A 102 20.12 24.67 21.97
CA ALA A 102 20.75 25.90 21.47
C ALA A 102 19.69 26.87 20.97
N GLN A 103 18.74 26.36 20.19
CA GLN A 103 17.64 27.16 19.66
C GLN A 103 16.74 27.75 20.74
N ALA A 104 16.58 27.06 21.87
CA ALA A 104 15.89 27.62 23.05
C ALA A 104 16.68 28.71 23.80
N GLY A 105 17.96 28.92 23.45
CA GLY A 105 18.80 29.96 24.04
C GLY A 105 19.90 29.52 24.97
N ALA A 106 20.19 28.21 25.02
CA ALA A 106 21.24 27.73 25.93
C ALA A 106 22.56 28.38 25.54
N ARG A 107 23.31 28.79 26.55
CA ARG A 107 24.65 29.36 26.36
C ARG A 107 25.63 28.31 25.83
N ARG A 108 25.57 27.10 26.40
N ARG A 108 25.56 27.09 26.39
CA ARG A 108 26.40 26.02 25.95
CA ARG A 108 26.50 26.02 26.03
C ARG A 108 25.71 24.69 26.16
C ARG A 108 25.84 24.64 26.23
N VAL A 109 25.92 23.78 25.21
CA VAL A 109 25.39 22.40 25.29
C VAL A 109 26.53 21.42 25.07
N TYR A 110 26.68 20.47 25.99
CA TYR A 110 27.66 19.39 25.88
C TYR A 110 26.91 18.18 25.33
N ALA A 111 27.21 17.84 24.09
CA ALA A 111 26.54 16.77 23.36
C ALA A 111 27.41 15.55 23.46
N VAL A 112 27.07 14.66 24.39
CA VAL A 112 27.93 13.52 24.71
C VAL A 112 27.34 12.29 24.03
N GLU A 113 28.20 11.53 23.37
CA GLU A 113 27.75 10.40 22.57
C GLU A 113 28.86 9.38 22.46
N ALA A 114 28.53 8.14 22.81
CA ALA A 114 29.53 7.07 22.88
C ALA A 114 29.68 6.31 21.57
N SER A 115 28.64 6.32 20.72
CA SER A 115 28.68 5.64 19.44
C SER A 115 29.41 6.52 18.44
N ALA A 116 29.97 5.91 17.39
CA ALA A 116 30.68 6.65 16.32
C ALA A 116 29.83 7.70 15.62
N ILE A 117 28.50 7.63 15.82
CA ILE A 117 27.60 8.66 15.34
C ILE A 117 27.94 10.06 15.85
N TRP A 118 28.72 10.16 16.94
CA TRP A 118 29.22 11.48 17.38
C TRP A 118 29.85 12.28 16.23
N GLN A 119 30.47 11.59 15.28
CA GLN A 119 31.12 12.27 14.14
C GLN A 119 30.08 12.94 13.26
N GLN A 120 28.95 12.25 13.05
CA GLN A 120 27.83 12.84 12.35
C GLN A 120 27.31 14.06 13.14
N ALA A 121 27.22 13.96 14.47
CA ALA A 121 26.72 15.08 15.30
C ALA A 121 27.62 16.33 15.17
N ARG A 122 28.93 16.13 15.26
CA ARG A 122 29.89 17.21 15.06
C ARG A 122 29.68 17.88 13.70
N GLU A 123 29.49 17.08 12.65
CA GLU A 123 29.25 17.62 11.29
C GLU A 123 27.96 18.41 11.24
N VAL A 124 26.89 17.92 11.85
CA VAL A 124 25.62 18.64 11.88
C VAL A 124 25.74 19.97 12.68
N VAL A 125 26.47 19.96 13.79
CA VAL A 125 26.62 21.18 14.60
C VAL A 125 27.37 22.22 13.77
N ARG A 126 28.52 21.84 13.23
CA ARG A 126 29.27 22.72 12.33
C ARG A 126 28.44 23.21 11.12
N PHE A 127 27.62 22.32 10.54
CA PHE A 127 26.76 22.67 9.39
C PHE A 127 25.67 23.68 9.74
N ASN A 128 25.21 23.69 10.99
CA ASN A 128 24.20 24.65 11.42
C ASN A 128 24.84 25.91 12.06
N GLY A 129 26.16 26.07 11.95
CA GLY A 129 26.86 27.24 12.51
C GLY A 129 26.85 27.35 14.02
N LEU A 130 26.82 26.22 14.74
CA LEU A 130 26.71 26.25 16.21
C LEU A 130 27.90 25.67 16.94
N GLU A 131 29.08 25.66 16.31
CA GLU A 131 30.28 25.13 16.98
C GLU A 131 30.57 25.82 18.30
N ASP A 132 30.33 27.13 18.34
CA ASP A 132 30.61 27.94 19.55
C ASP A 132 29.63 27.71 20.72
N ARG A 133 28.48 27.09 20.43
CA ARG A 133 27.39 26.85 21.40
C ARG A 133 27.16 25.36 21.73
N VAL A 134 27.50 24.44 20.82
CA VAL A 134 27.29 22.99 21.06
C VAL A 134 28.63 22.30 20.90
N HIS A 135 29.12 21.69 21.96
CA HIS A 135 30.39 20.99 21.96
C HIS A 135 30.10 19.48 21.96
N VAL A 136 30.43 18.80 20.86
CA VAL A 136 30.26 17.36 20.78
C VAL A 136 31.43 16.67 21.47
N LEU A 137 31.14 15.83 22.46
CA LEU A 137 32.16 15.11 23.23
C LEU A 137 32.03 13.59 23.06
N PRO A 138 33.04 12.95 22.46
CA PRO A 138 32.94 11.48 22.24
C PRO A 138 33.09 10.67 23.52
N GLY A 139 32.43 9.51 23.56
CA GLY A 139 32.64 8.52 24.60
C GLY A 139 31.48 8.40 25.57
N PRO A 140 31.55 7.41 26.47
CA PRO A 140 30.46 7.23 27.44
C PRO A 140 30.35 8.41 28.41
N VAL A 141 29.11 8.78 28.74
CA VAL A 141 28.83 9.88 29.67
C VAL A 141 29.42 9.64 31.07
N GLU A 142 29.51 8.37 31.44
CA GLU A 142 30.10 7.96 32.70
C GLU A 142 31.57 8.43 32.89
N THR A 143 32.35 8.47 31.80
CA THR A 143 33.77 8.85 31.86
C THR A 143 34.14 10.15 31.17
N VAL A 144 33.20 10.81 30.49
CA VAL A 144 33.46 12.09 29.84
C VAL A 144 33.84 13.19 30.85
N GLU A 145 34.63 14.16 30.38
CA GLU A 145 35.04 15.30 31.21
C GLU A 145 34.45 16.58 30.66
N LEU A 146 33.47 17.13 31.37
CA LEU A 146 32.94 18.44 31.08
C LEU A 146 33.80 19.47 31.83
N PRO A 147 33.95 20.69 31.27
CA PRO A 147 34.70 21.72 31.99
C PRO A 147 33.93 22.35 33.17
N GLU A 148 32.62 22.07 33.27
CA GLU A 148 31.76 22.61 34.32
C GLU A 148 30.54 21.69 34.52
N GLN A 149 29.92 21.78 35.69
CA GLN A 149 28.60 21.22 35.91
C GLN A 149 27.54 22.00 35.15
N VAL A 150 26.39 21.36 34.91
CA VAL A 150 25.36 21.91 34.06
C VAL A 150 24.10 22.28 34.80
N ASP A 151 23.31 23.16 34.19
CA ASP A 151 22.04 23.58 34.75
C ASP A 151 20.92 22.64 34.38
N ALA A 152 21.10 21.88 33.29
CA ALA A 152 20.03 21.02 32.81
C ALA A 152 20.57 19.78 32.11
N ILE A 153 19.83 18.67 32.20
CA ILE A 153 20.12 17.46 31.39
C ILE A 153 18.92 17.18 30.50
N VAL A 154 19.20 16.92 29.22
CA VAL A 154 18.18 16.39 28.29
C VAL A 154 18.66 15.04 27.77
N SER A 155 17.74 14.08 27.63
CA SER A 155 18.09 12.77 27.11
C SER A 155 16.87 12.00 26.62
N GLU A 156 17.02 11.38 25.44
CA GLU A 156 16.07 10.37 24.96
C GLU A 156 16.72 9.00 25.14
N TRP A 157 16.40 8.41 26.30
CA TRP A 157 17.05 7.20 26.83
C TRP A 157 16.12 5.97 26.83
N MET A 158 14.88 6.15 26.39
CA MET A 158 13.83 5.14 26.58
C MET A 158 13.96 4.10 25.52
N GLY A 159 13.96 2.85 25.93
CA GLY A 159 13.94 1.73 25.02
C GLY A 159 12.57 1.12 24.91
N TYR A 160 12.47 0.05 24.12
CA TYR A 160 11.27 -0.78 24.10
C TYR A 160 10.92 -1.21 25.51
N GLY A 161 9.63 -1.15 25.84
CA GLY A 161 9.17 -1.50 27.18
C GLY A 161 9.69 -0.51 28.23
N LEU A 162 10.03 0.71 27.81
CA LEU A 162 10.69 1.76 28.62
C LEU A 162 12.16 1.48 28.93
N LEU A 163 12.42 0.33 29.51
CA LEU A 163 13.74 0.05 30.13
C LEU A 163 14.67 -0.90 29.33
N HIS A 164 14.24 -1.44 28.19
CA HIS A 164 15.16 -2.18 27.32
C HIS A 164 16.31 -1.20 26.97
N GLU A 165 17.52 -1.76 26.87
CA GLU A 165 18.79 -1.04 26.69
C GLU A 165 19.45 -0.60 28.00
N SER A 166 18.64 -0.41 29.05
CA SER A 166 19.10 -0.01 30.38
C SER A 166 19.85 1.33 30.37
N MET A 167 19.45 2.23 29.49
CA MET A 167 20.16 3.51 29.40
C MET A 167 19.87 4.46 30.56
N LEU A 168 18.77 4.24 31.29
CA LEU A 168 18.41 5.16 32.37
C LEU A 168 19.51 5.33 33.44
N SER A 169 20.28 4.27 33.70
CA SER A 169 21.35 4.36 34.72
C SER A 169 22.47 5.30 34.28
N SER A 170 22.69 5.42 32.98
CA SER A 170 23.63 6.37 32.44
C SER A 170 23.18 7.84 32.65
N VAL A 171 21.88 8.09 32.42
CA VAL A 171 21.26 9.39 32.68
C VAL A 171 21.34 9.74 34.18
N LEU A 172 21.03 8.78 35.06
CA LEU A 172 21.13 9.02 36.51
C LEU A 172 22.56 9.20 37.00
N HIS A 173 23.50 8.47 36.40
CA HIS A 173 24.92 8.64 36.70
C HIS A 173 25.33 10.08 36.36
N ALA A 174 24.89 10.57 35.19
CA ALA A 174 25.17 11.93 34.74
C ALA A 174 24.55 12.97 35.64
N ARG A 175 23.32 12.71 36.08
CA ARG A 175 22.62 13.62 36.99
C ARG A 175 23.43 13.81 38.29
N THR A 176 23.84 12.70 38.90
CA THR A 176 24.62 12.73 40.14
C THR A 176 25.97 13.43 39.94
N LYS A 177 26.67 13.08 38.88
CA LYS A 177 28.03 13.61 38.64
C LYS A 177 28.08 15.05 38.12
N TRP A 178 27.17 15.43 37.23
CA TRP A 178 27.27 16.69 36.46
C TRP A 178 26.17 17.73 36.63
N LEU A 179 25.00 17.35 37.15
CA LEU A 179 23.88 18.28 37.26
C LEU A 179 23.96 19.03 38.57
N LYS A 180 23.86 20.35 38.46
CA LYS A 180 23.86 21.22 39.63
C LYS A 180 22.65 20.89 40.51
N GLU A 181 22.81 21.11 41.80
CA GLU A 181 21.70 21.10 42.74
C GLU A 181 20.60 21.99 42.21
N GLY A 182 19.38 21.46 42.16
CA GLY A 182 18.22 22.19 41.60
C GLY A 182 18.08 22.27 40.08
N GLY A 183 18.97 21.60 39.34
CA GLY A 183 18.93 21.66 37.89
C GLY A 183 17.77 20.89 37.27
N LEU A 184 17.61 21.08 35.97
CA LEU A 184 16.43 20.62 35.26
C LEU A 184 16.70 19.30 34.51
N LEU A 185 15.74 18.39 34.56
CA LEU A 185 15.87 17.07 33.93
C LEU A 185 14.74 16.90 32.96
N LEU A 186 15.05 16.65 31.70
CA LEU A 186 14.08 16.58 30.63
C LEU A 186 14.19 15.23 29.85
N PRO A 187 13.16 14.36 29.85
CA PRO A 187 11.98 14.45 30.72
C PRO A 187 12.31 14.26 32.20
N ALA A 188 11.32 14.48 33.05
CA ALA A 188 11.50 14.46 34.50
C ALA A 188 11.00 13.16 35.12
N SER A 189 10.09 12.46 34.44
CA SER A 189 9.48 11.24 35.01
C SER A 189 9.00 10.29 33.92
N ALA A 190 8.71 9.04 34.31
CA ALA A 190 8.17 8.03 33.38
C ALA A 190 7.14 7.23 34.11
N GLU A 191 6.18 6.70 33.37
CA GLU A 191 5.11 5.87 33.93
C GLU A 191 4.88 4.67 33.04
N LEU A 192 4.59 3.53 33.63
CA LEU A 192 4.42 2.29 32.92
C LEU A 192 3.00 1.80 33.09
N PHE A 193 2.39 1.30 32.01
CA PHE A 193 1.00 0.84 31.97
C PHE A 193 0.91 -0.57 31.44
N ILE A 194 -0.11 -1.32 31.88
CA ILE A 194 -0.38 -2.66 31.35
C ILE A 194 -1.88 -2.83 31.08
N VAL A 195 -2.21 -3.69 30.12
CA VAL A 195 -3.64 -4.00 29.86
C VAL A 195 -3.74 -5.34 29.15
N PRO A 196 -4.82 -6.13 29.42
CA PRO A 196 -5.02 -7.29 28.59
C PRO A 196 -5.41 -6.92 27.17
N ILE A 197 -5.00 -7.74 26.20
CA ILE A 197 -5.20 -7.47 24.80
C ILE A 197 -5.66 -8.70 24.05
N SER A 198 -6.33 -8.47 22.93
CA SER A 198 -6.52 -9.46 21.89
C SER A 198 -5.92 -8.83 20.64
N ASP A 199 -4.78 -9.37 20.20
CA ASP A 199 -4.03 -8.88 19.05
C ASP A 199 -4.67 -9.37 17.76
N GLN A 200 -5.37 -8.47 17.08
CA GLN A 200 -6.07 -8.75 15.81
C GLN A 200 -5.19 -9.44 14.76
N MET A 201 -3.98 -8.92 14.58
CA MET A 201 -3.03 -9.51 13.64
C MET A 201 -2.67 -10.97 14.01
N LEU A 202 -2.39 -11.22 15.28
CA LEU A 202 -2.12 -12.56 15.76
C LEU A 202 -3.33 -13.49 15.54
N GLU A 203 -4.53 -12.98 15.79
CA GLU A 203 -5.74 -13.76 15.59
C GLU A 203 -5.87 -14.20 14.12
N TRP A 204 -5.63 -13.29 13.18
CA TRP A 204 -5.63 -13.65 11.73
C TRP A 204 -4.57 -14.73 11.47
N ARG A 205 -3.37 -14.55 12.02
CA ARG A 205 -2.29 -15.52 11.82
C ARG A 205 -2.62 -16.92 12.34
N LEU A 206 -3.28 -16.99 13.50
CA LEU A 206 -3.73 -18.25 14.05
C LEU A 206 -4.90 -18.84 13.24
N GLY A 207 -5.83 -17.98 12.81
CA GLY A 207 -6.97 -18.40 11.96
C GLY A 207 -6.63 -18.79 10.53
N PHE A 208 -5.46 -18.34 10.04
CA PHE A 208 -4.99 -18.68 8.69
C PHE A 208 -5.12 -20.15 8.30
N TRP A 209 -4.74 -21.05 9.21
CA TRP A 209 -4.67 -22.49 8.93
C TRP A 209 -6.03 -23.15 8.64
N SER A 210 -7.09 -22.60 9.26
CA SER A 210 -8.47 -23.01 8.98
C SER A 210 -9.02 -22.43 7.68
N GLN A 211 -8.43 -21.33 7.21
CA GLN A 211 -8.78 -20.75 5.90
C GLN A 211 -8.11 -21.42 4.69
N VAL A 212 -7.12 -22.29 4.90
CA VAL A 212 -6.43 -22.96 3.77
C VAL A 212 -7.42 -23.75 2.89
N LYS A 213 -8.29 -24.53 3.53
CA LYS A 213 -9.34 -25.28 2.82
C LYS A 213 -10.12 -24.42 1.81
N GLN A 214 -10.61 -23.25 2.20
CA GLN A 214 -11.36 -22.39 1.28
C GLN A 214 -10.47 -21.75 0.19
N HIS A 215 -9.18 -21.52 0.47
CA HIS A 215 -8.24 -20.99 -0.54
C HIS A 215 -7.72 -22.04 -1.55
N TYR A 216 -7.27 -23.19 -1.06
CA TYR A 216 -6.57 -24.18 -1.89
C TYR A 216 -7.14 -25.59 -1.87
N GLY A 217 -8.26 -25.80 -1.17
CA GLY A 217 -8.90 -27.11 -1.13
C GLY A 217 -8.13 -28.18 -0.39
N VAL A 218 -7.37 -27.78 0.65
CA VAL A 218 -6.64 -28.71 1.54
C VAL A 218 -6.92 -28.25 2.98
N ASP A 219 -7.34 -29.17 3.87
CA ASP A 219 -7.73 -28.80 5.22
C ASP A 219 -6.47 -28.84 6.09
N MET A 220 -6.08 -27.68 6.61
CA MET A 220 -4.92 -27.57 7.51
C MET A 220 -5.31 -26.95 8.85
N SER A 221 -6.61 -27.00 9.16
CA SER A 221 -7.14 -26.49 10.44
C SER A 221 -6.44 -27.15 11.65
N CYS A 222 -5.99 -28.38 11.46
CA CYS A 222 -5.26 -29.13 12.46
C CYS A 222 -3.86 -28.57 12.84
N LEU A 223 -3.32 -27.63 12.07
CA LEU A 223 -2.04 -26.97 12.43
C LEU A 223 -2.21 -25.73 13.33
N GLU A 224 -3.46 -25.42 13.71
CA GLU A 224 -3.72 -24.32 14.62
C GLU A 224 -2.96 -24.44 15.94
N GLY A 225 -2.94 -25.65 16.51
CA GLY A 225 -2.23 -25.90 17.77
C GLY A 225 -0.73 -25.62 17.62
N PHE A 226 -0.18 -26.05 16.49
CA PHE A 226 1.24 -25.84 16.15
C PHE A 226 1.53 -24.34 15.96
N ALA A 227 0.67 -23.65 15.22
CA ALA A 227 0.86 -22.24 15.00
C ALA A 227 0.84 -21.49 16.34
N THR A 228 -0.04 -21.92 17.25
CA THR A 228 -0.14 -21.34 18.58
C THR A 228 1.14 -21.55 19.39
N ARG A 229 1.63 -22.79 19.43
CA ARG A 229 2.91 -23.10 20.11
C ARG A 229 4.07 -22.21 19.60
N CYS A 230 4.13 -22.03 18.30
CA CYS A 230 5.18 -21.23 17.68
C CYS A 230 5.05 -19.75 17.95
N LEU A 231 3.84 -19.20 17.85
CA LEU A 231 3.64 -17.77 17.94
C LEU A 231 3.40 -17.25 19.36
N MET A 232 2.88 -18.10 20.25
CA MET A 232 2.53 -17.71 21.62
C MET A 232 3.33 -18.43 22.70
N GLY A 233 3.75 -19.66 22.42
CA GLY A 233 4.41 -20.51 23.41
C GLY A 233 5.85 -20.19 23.73
N HIS A 234 6.49 -19.32 22.95
CA HIS A 234 7.84 -18.82 23.29
C HIS A 234 7.77 -17.84 24.50
N SER A 235 8.94 -17.42 24.98
CA SER A 235 9.08 -16.52 26.13
C SER A 235 9.80 -15.21 25.75
N GLU A 236 9.54 -14.72 24.55
CA GLU A 236 10.08 -13.47 24.05
C GLU A 236 9.04 -12.36 24.15
N ILE A 237 9.51 -11.15 24.47
CA ILE A 237 8.69 -9.95 24.44
C ILE A 237 8.64 -9.56 22.96
N VAL A 238 7.45 -9.34 22.44
CA VAL A 238 7.23 -9.02 21.04
C VAL A 238 6.87 -7.55 20.93
N VAL A 239 7.63 -6.83 20.12
CA VAL A 239 7.37 -5.40 19.92
C VAL A 239 6.50 -5.22 18.69
N GLN A 240 5.27 -4.75 18.89
CA GLN A 240 4.26 -4.69 17.84
C GLN A 240 3.23 -3.61 18.24
N GLY A 241 2.79 -2.86 17.23
CA GLY A 241 1.86 -1.74 17.41
C GLY A 241 0.46 -2.30 17.41
N LEU A 242 -0.33 -1.90 18.39
CA LEU A 242 -1.73 -2.31 18.47
C LEU A 242 -2.60 -1.07 18.24
N SER A 243 -3.90 -1.30 18.11
CA SER A 243 -4.90 -0.23 18.11
C SER A 243 -5.70 -0.30 19.40
N GLY A 244 -6.50 0.73 19.66
CA GLY A 244 -7.44 0.73 20.76
C GLY A 244 -8.42 -0.44 20.74
N GLU A 245 -8.80 -0.92 19.56
CA GLU A 245 -9.70 -2.09 19.47
C GLU A 245 -9.08 -3.39 19.93
N ASP A 246 -7.75 -3.45 20.03
CA ASP A 246 -7.09 -4.62 20.62
C ASP A 246 -7.07 -4.62 22.16
N VAL A 247 -7.40 -3.49 22.78
CA VAL A 247 -7.34 -3.32 24.24
C VAL A 247 -8.66 -3.79 24.88
N LEU A 248 -8.56 -4.70 25.83
CA LEU A 248 -9.73 -5.39 26.42
C LEU A 248 -10.23 -4.88 27.73
N ALA A 249 -9.60 -3.85 28.30
CA ALA A 249 -9.95 -3.33 29.62
C ALA A 249 -9.41 -1.93 29.75
N ARG A 250 -9.61 -1.33 30.91
CA ARG A 250 -9.03 -0.03 31.22
C ARG A 250 -7.53 -0.25 31.53
N PRO A 251 -6.64 0.48 30.86
CA PRO A 251 -5.22 0.30 31.18
C PRO A 251 -4.89 0.69 32.62
N GLN A 252 -3.97 -0.05 33.24
CA GLN A 252 -3.57 0.18 34.62
C GLN A 252 -2.13 0.63 34.71
N ARG A 253 -1.88 1.73 35.41
CA ARG A 253 -0.54 2.14 35.67
C ARG A 253 0.03 1.19 36.73
N PHE A 254 1.22 0.63 36.49
CA PHE A 254 1.86 -0.27 37.46
C PHE A 254 3.16 0.24 38.07
N ALA A 255 3.70 1.33 37.54
CA ALA A 255 4.91 1.93 38.10
C ALA A 255 5.04 3.36 37.65
N GLN A 256 5.71 4.14 38.50
CA GLN A 256 5.95 5.56 38.27
C GLN A 256 7.40 5.76 38.66
N LEU A 257 8.18 6.38 37.77
CA LEU A 257 9.59 6.61 38.03
C LEU A 257 9.87 8.09 37.99
N GLU A 258 10.08 8.67 39.18
CA GLU A 258 10.48 10.06 39.35
C GLU A 258 11.98 10.07 39.28
N LEU A 259 12.53 10.69 38.25
CA LEU A 259 13.97 10.52 37.95
C LEU A 259 14.89 11.11 39.02
N SER A 260 14.39 12.08 39.77
CA SER A 260 15.15 12.68 40.87
C SER A 260 15.08 11.89 42.19
N ARG A 261 14.28 10.82 42.24
CA ARG A 261 14.07 10.07 43.49
C ARG A 261 15.36 9.36 43.91
N ALA A 262 15.78 9.58 45.15
CA ALA A 262 16.97 8.93 45.71
C ALA A 262 16.73 7.43 45.74
N GLY A 263 17.72 6.63 45.34
CA GLY A 263 17.57 5.18 45.35
C GLY A 263 16.94 4.57 44.11
N LEU A 264 16.62 5.38 43.10
CA LEU A 264 16.09 4.88 41.82
C LEU A 264 17.04 3.91 41.12
N GLU A 265 18.35 4.14 41.20
CA GLU A 265 19.34 3.21 40.64
C GLU A 265 19.16 1.80 41.20
N GLN A 266 18.97 1.73 42.52
CA GLN A 266 18.84 0.46 43.22
C GLN A 266 17.49 -0.22 42.91
N GLU A 267 16.45 0.59 42.70
CA GLU A 267 15.16 0.05 42.28
C GLU A 267 15.24 -0.61 40.91
N LEU A 268 15.93 0.03 39.97
CA LEU A 268 16.05 -0.50 38.61
C LEU A 268 16.78 -1.86 38.60
N GLU A 269 17.85 -1.96 39.39
CA GLU A 269 18.58 -3.21 39.52
C GLU A 269 17.75 -4.33 40.16
N ALA A 270 17.02 -4.03 41.22
CA ALA A 270 16.15 -5.02 41.87
C ALA A 270 14.89 -5.37 41.07
N GLY A 271 14.38 -4.40 40.31
CA GLY A 271 13.19 -4.57 39.48
C GLY A 271 12.15 -3.53 39.86
N VAL A 272 11.46 -3.00 38.85
CA VAL A 272 10.33 -2.08 39.09
C VAL A 272 9.04 -2.73 38.61
N GLY A 273 7.96 -2.38 39.28
CA GLY A 273 6.65 -2.87 38.90
C GLY A 273 5.72 -2.96 40.09
N GLY A 274 4.68 -3.76 39.92
CA GLY A 274 3.70 -3.96 40.95
C GLY A 274 2.49 -4.73 40.46
N ARG A 275 1.47 -4.73 41.32
CA ARG A 275 0.24 -5.46 41.05
C ARG A 275 -0.70 -4.64 40.19
N PHE A 276 -1.62 -5.33 39.53
CA PHE A 276 -2.68 -4.67 38.74
C PHE A 276 -3.93 -5.52 38.75
N ARG A 277 -5.04 -4.88 38.40
CA ARG A 277 -6.31 -5.55 38.31
C ARG A 277 -7.22 -4.78 37.37
N CYS A 278 -8.02 -5.48 36.60
CA CYS A 278 -8.98 -4.80 35.73
C CYS A 278 -10.03 -5.79 35.30
N SER A 279 -11.06 -5.27 34.63
CA SER A 279 -12.22 -6.04 34.18
C SER A 279 -12.40 -5.89 32.68
N CYS A 280 -12.62 -7.00 31.97
CA CYS A 280 -12.70 -6.97 30.51
C CYS A 280 -14.03 -6.42 30.02
N TYR A 281 -14.00 -5.81 28.85
CA TYR A 281 -15.17 -5.17 28.25
C TYR A 281 -16.12 -6.13 27.58
N GLY A 282 -15.64 -7.26 27.09
CA GLY A 282 -16.48 -8.09 26.22
C GLY A 282 -15.86 -9.38 25.83
N SER A 283 -16.57 -10.09 24.94
CA SER A 283 -16.14 -11.38 24.41
C SER A 283 -14.95 -11.18 23.50
N ALA A 284 -13.88 -11.91 23.73
CA ALA A 284 -12.66 -11.75 22.94
C ALA A 284 -11.72 -12.90 23.23
N PRO A 285 -10.94 -13.33 22.25
CA PRO A 285 -9.86 -14.25 22.53
C PRO A 285 -8.66 -13.44 23.08
N MET A 286 -8.44 -13.50 24.39
CA MET A 286 -7.33 -12.79 25.04
C MET A 286 -6.03 -13.51 24.73
N HIS A 287 -5.04 -12.75 24.27
CA HIS A 287 -3.74 -13.30 23.90
C HIS A 287 -2.63 -13.01 24.89
N GLY A 288 -2.89 -12.10 25.82
CA GLY A 288 -1.88 -11.67 26.78
C GLY A 288 -2.03 -10.20 27.12
N PHE A 289 -0.89 -9.51 27.30
CA PHE A 289 -0.89 -8.16 27.85
C PHE A 289 -0.05 -7.33 26.94
N ALA A 290 -0.32 -6.02 26.91
CA ALA A 290 0.59 -5.06 26.31
C ALA A 290 1.07 -4.16 27.42
N ILE A 291 2.33 -3.78 27.38
CA ILE A 291 2.83 -2.72 28.20
C ILE A 291 3.32 -1.59 27.35
N TRP A 292 3.25 -0.39 27.92
CA TRP A 292 3.79 0.81 27.29
C TRP A 292 4.11 1.85 28.33
N PHE A 293 4.64 2.98 27.90
CA PHE A 293 5.02 4.04 28.81
C PHE A 293 4.70 5.41 28.29
N GLN A 294 4.83 6.37 29.20
CA GLN A 294 4.86 7.76 28.82
C GLN A 294 5.92 8.41 29.66
N VAL A 295 6.45 9.53 29.16
CA VAL A 295 7.38 10.34 29.92
C VAL A 295 6.82 11.78 29.93
N THR A 296 7.14 12.53 30.97
CA THR A 296 6.57 13.86 31.17
C THR A 296 7.68 14.90 31.31
N PHE A 297 7.53 16.00 30.57
CA PHE A 297 8.40 17.17 30.65
C PHE A 297 7.73 18.22 31.55
N PRO A 298 8.49 18.82 32.49
CA PRO A 298 8.01 20.01 33.21
C PRO A 298 7.49 21.11 32.28
N GLY A 299 6.40 21.78 32.68
CA GLY A 299 5.86 22.92 31.95
C GLY A 299 6.67 24.21 32.10
N GLY A 300 6.28 25.24 31.35
CA GLY A 300 6.93 26.56 31.42
C GLY A 300 6.61 27.38 32.65
N GLU A 303 3.79 27.89 31.14
CA GLU A 303 2.99 26.91 30.43
C GLU A 303 2.75 25.61 31.25
N LYS A 304 2.24 24.56 30.61
CA LYS A 304 1.88 23.29 31.28
C LYS A 304 2.72 22.05 30.84
N PRO A 305 2.58 20.93 31.56
CA PRO A 305 3.49 19.78 31.35
C PRO A 305 3.18 18.97 30.10
N LEU A 306 4.22 18.66 29.33
CA LEU A 306 4.05 17.95 28.06
C LEU A 306 4.34 16.46 28.27
N VAL A 307 3.46 15.62 27.77
CA VAL A 307 3.52 14.17 27.98
C VAL A 307 3.78 13.51 26.62
N LEU A 308 4.84 12.72 26.52
CA LEU A 308 5.09 11.89 25.33
C LEU A 308 4.55 10.49 25.65
N SER A 309 3.55 10.03 24.88
CA SER A 309 2.87 8.76 25.17
C SER A 309 3.11 7.72 24.08
N THR A 310 3.19 6.46 24.47
CA THR A 310 3.31 5.33 23.54
C THR A 310 2.09 4.39 23.63
N SER A 311 1.00 4.88 24.19
CA SER A 311 -0.26 4.13 24.26
C SER A 311 -0.79 3.75 22.88
N PRO A 312 -1.45 2.60 22.78
CA PRO A 312 -2.10 2.27 21.52
C PRO A 312 -3.32 3.17 21.19
N PHE A 313 -3.83 3.90 22.17
CA PHE A 313 -4.92 4.84 21.94
C PHE A 313 -4.39 6.18 21.40
N HIS A 314 -3.06 6.36 21.40
CA HIS A 314 -2.44 7.58 20.96
C HIS A 314 -1.66 7.40 19.67
N PRO A 315 -1.28 8.51 19.02
CA PRO A 315 -0.65 8.33 17.72
C PRO A 315 0.60 7.43 17.81
N ALA A 316 0.76 6.57 16.81
CA ALA A 316 1.86 5.63 16.75
C ALA A 316 3.25 6.28 16.88
N THR A 317 4.15 5.58 17.59
CA THR A 317 5.55 5.93 17.74
C THR A 317 6.36 4.68 17.39
N HIS A 318 7.67 4.89 17.24
CA HIS A 318 8.55 3.80 16.88
C HIS A 318 8.68 2.77 18.02
N TRP A 319 8.32 3.16 19.24
CA TRP A 319 8.29 2.23 20.37
C TRP A 319 7.18 1.19 20.28
N LYS A 320 6.13 1.46 19.52
CA LYS A 320 4.97 0.58 19.46
C LYS A 320 4.51 0.27 20.88
N GLN A 321 4.16 -0.99 21.18
CA GLN A 321 3.98 -1.48 22.52
C GLN A 321 4.73 -2.80 22.64
N ALA A 322 4.95 -3.25 23.86
CA ALA A 322 5.65 -4.50 24.14
C ALA A 322 4.62 -5.54 24.60
N LEU A 323 4.50 -6.63 23.85
CA LEU A 323 3.45 -7.62 24.05
C LEU A 323 4.01 -8.83 24.77
N LEU A 324 3.25 -9.23 25.79
CA LEU A 324 3.54 -10.39 26.62
C LEU A 324 2.46 -11.43 26.38
N TYR A 325 2.73 -12.40 25.52
CA TYR A 325 1.72 -13.36 25.15
C TYR A 325 1.61 -14.52 26.15
N LEU A 326 0.38 -14.94 26.41
CA LEU A 326 0.12 -16.20 27.13
C LEU A 326 0.52 -17.35 26.21
N ASN A 327 0.69 -18.54 26.78
CA ASN A 327 1.02 -19.70 25.94
C ASN A 327 -0.03 -20.03 24.89
N GLU A 328 -1.29 -19.72 25.19
CA GLU A 328 -2.39 -19.92 24.26
C GLU A 328 -3.52 -18.93 24.55
N PRO A 329 -4.49 -18.78 23.64
CA PRO A 329 -5.51 -17.80 23.93
C PRO A 329 -6.45 -18.27 25.04
N VAL A 330 -7.07 -17.31 25.71
CA VAL A 330 -8.04 -17.60 26.76
C VAL A 330 -9.23 -16.76 26.40
N GLN A 331 -10.39 -17.40 26.29
CA GLN A 331 -11.61 -16.66 25.98
C GLN A 331 -12.05 -15.87 27.20
N VAL A 332 -12.30 -14.57 27.03
CA VAL A 332 -12.81 -13.72 28.09
C VAL A 332 -14.16 -13.18 27.68
N GLU A 333 -14.87 -12.59 28.67
CA GLU A 333 -16.20 -12.03 28.46
C GLU A 333 -16.29 -10.71 29.17
N GLN A 334 -17.37 -9.99 28.91
CA GLN A 334 -17.68 -8.81 29.68
C GLN A 334 -17.55 -9.10 31.20
N ASP A 335 -16.83 -8.22 31.89
CA ASP A 335 -16.57 -8.31 33.34
C ASP A 335 -15.67 -9.44 33.83
N THR A 336 -15.02 -10.18 32.95
CA THR A 336 -14.01 -11.15 33.37
C THR A 336 -12.90 -10.40 34.10
N ASP A 337 -12.59 -10.87 35.32
CA ASP A 337 -11.53 -10.28 36.14
C ASP A 337 -10.19 -10.76 35.64
N VAL A 338 -9.28 -9.82 35.46
CA VAL A 338 -7.90 -10.14 35.09
C VAL A 338 -7.07 -9.41 36.13
N SER A 339 -6.19 -10.15 36.80
CA SER A 339 -5.33 -9.58 37.82
C SER A 339 -3.95 -10.15 37.61
N GLY A 340 -2.98 -9.56 38.28
CA GLY A 340 -1.62 -10.02 38.13
C GLY A 340 -0.61 -9.13 38.77
N GLU A 341 0.65 -9.42 38.43
CA GLU A 341 1.79 -8.72 38.99
C GLU A 341 2.95 -8.85 38.01
N ILE A 342 3.68 -7.75 37.86
CA ILE A 342 4.70 -7.62 36.82
C ILE A 342 5.93 -6.91 37.40
N THR A 343 7.10 -7.39 36.98
CA THR A 343 8.37 -6.77 37.32
C THR A 343 9.22 -6.69 36.07
N LEU A 344 9.76 -5.51 35.82
CA LEU A 344 10.70 -5.26 34.76
C LEU A 344 12.08 -5.22 35.38
N LEU A 345 13.01 -6.01 34.85
CA LEU A 345 14.39 -6.06 35.39
C LEU A 345 15.43 -6.42 34.34
N PRO A 346 16.70 -6.05 34.60
CA PRO A 346 17.71 -6.44 33.62
C PRO A 346 17.89 -7.96 33.62
N SER A 347 18.18 -8.53 32.45
CA SER A 347 18.50 -9.96 32.34
C SER A 347 19.78 -10.28 33.11
N ARG A 348 19.89 -11.53 33.54
CA ARG A 348 21.07 -12.04 34.27
C ARG A 348 22.39 -11.86 33.47
N ASP A 349 22.39 -12.39 32.24
CA ASP A 349 23.62 -12.47 31.43
C ASP A 349 23.82 -11.28 30.46
N ASN A 350 22.80 -10.42 30.32
CA ASN A 350 22.96 -9.18 29.58
C ASN A 350 22.17 -8.07 30.25
N PRO A 351 22.84 -7.20 31.02
CA PRO A 351 22.15 -6.13 31.72
C PRO A 351 21.42 -5.08 30.84
N ARG A 352 21.71 -5.02 29.55
CA ARG A 352 20.98 -4.15 28.61
C ARG A 352 19.71 -4.79 28.01
N ARG A 353 19.45 -6.06 28.34
CA ARG A 353 18.31 -6.80 27.79
C ARG A 353 17.20 -6.82 28.84
N LEU A 354 16.02 -6.31 28.49
CA LEU A 354 14.90 -6.25 29.43
C LEU A 354 14.34 -7.66 29.66
N ARG A 355 14.06 -7.93 30.92
CA ARG A 355 13.34 -9.12 31.35
C ARG A 355 12.05 -8.69 32.05
N VAL A 356 10.98 -9.46 31.84
CA VAL A 356 9.73 -9.20 32.46
C VAL A 356 9.27 -10.48 33.13
N LEU A 357 8.98 -10.36 34.42
CA LEU A 357 8.42 -11.43 35.21
C LEU A 357 6.97 -11.12 35.41
N LEU A 358 6.13 -12.05 34.98
CA LEU A 358 4.68 -11.85 35.02
C LEU A 358 4.02 -12.98 35.77
N ARG A 359 3.11 -12.61 36.66
CA ARG A 359 2.15 -13.48 37.30
C ARG A 359 0.76 -12.95 36.90
N TYR A 360 -0.16 -13.85 36.59
CA TYR A 360 -1.47 -13.42 36.16
C TYR A 360 -2.56 -14.46 36.45
N LYS A 361 -3.80 -13.95 36.57
CA LYS A 361 -5.00 -14.75 36.70
C LYS A 361 -6.11 -14.18 35.79
N VAL A 362 -6.65 -15.02 34.91
CA VAL A 362 -7.77 -14.65 34.04
C VAL A 362 -9.03 -15.39 34.53
N GLY A 363 -10.02 -14.63 34.99
CA GLY A 363 -11.27 -15.21 35.51
C GLY A 363 -11.03 -16.30 36.55
N ASP A 364 -11.63 -17.47 36.35
CA ASP A 364 -11.52 -18.59 37.31
C ASP A 364 -10.39 -19.56 37.01
N GLN A 365 -9.64 -19.36 35.92
CA GLN A 365 -8.45 -20.15 35.65
C GLN A 365 -7.47 -19.93 36.82
N GLU A 366 -6.66 -20.92 37.13
CA GLU A 366 -5.63 -20.76 38.17
C GLU A 366 -4.57 -19.68 37.79
N GLU A 367 -3.92 -19.13 38.80
CA GLU A 367 -2.81 -18.19 38.63
C GLU A 367 -1.69 -18.87 37.87
N LYS A 368 -1.12 -18.17 36.88
CA LYS A 368 0.02 -18.70 36.12
C LYS A 368 1.16 -17.69 36.13
N THR A 369 2.35 -18.17 35.77
CA THR A 369 3.50 -17.30 35.61
C THR A 369 4.13 -17.48 34.24
N LYS A 370 4.82 -16.44 33.81
CA LYS A 370 5.61 -16.50 32.61
C LYS A 370 6.73 -15.47 32.72
N ASP A 371 7.93 -15.89 32.27
CA ASP A 371 9.20 -15.18 32.38
C ASP A 371 9.67 -14.84 30.96
N PHE A 372 9.68 -13.55 30.61
CA PHE A 372 9.94 -13.12 29.24
C PHE A 372 11.26 -12.36 29.14
N ALA A 373 11.88 -12.43 27.97
CA ALA A 373 13.03 -11.56 27.65
C ALA A 373 12.86 -10.89 26.28
N MET A 374 13.38 -9.66 26.17
CA MET A 374 13.26 -8.92 24.92
C MET A 374 13.81 -9.71 23.73
N GLU A 375 12.98 -9.80 22.66
CA GLU A 375 13.38 -10.43 21.42
C GLU A 375 14.63 -9.74 20.85
N ASP A 376 15.40 -10.46 20.04
CA ASP A 376 16.54 -9.86 19.35
C ASP A 376 16.08 -8.93 18.23
N PRO B 37 -32.25 17.61 -13.40
CA PRO B 37 -33.46 17.23 -14.15
C PRO B 37 -34.25 16.07 -13.51
N ARG B 38 -35.53 15.97 -13.87
N ARG B 38 -35.52 15.96 -13.88
CA ARG B 38 -36.42 14.92 -13.38
CA ARG B 38 -36.41 14.93 -13.33
C ARG B 38 -36.35 13.68 -14.27
C ARG B 38 -36.47 13.69 -14.26
N ARG B 39 -36.42 12.50 -13.66
CA ARG B 39 -36.53 11.22 -14.39
C ARG B 39 -37.70 10.46 -13.73
N THR B 40 -38.44 9.69 -14.51
CA THR B 40 -39.47 8.81 -13.93
C THR B 40 -38.83 7.61 -13.21
N LYS B 41 -39.63 6.93 -12.40
CA LYS B 41 -39.24 5.70 -11.67
C LYS B 41 -38.69 4.65 -12.64
N ARG B 42 -39.44 4.38 -13.70
CA ARG B 42 -38.99 3.48 -14.76
C ARG B 42 -37.60 3.85 -15.32
N GLU B 43 -37.39 5.14 -15.57
CA GLU B 43 -36.13 5.61 -16.14
C GLU B 43 -34.96 5.59 -15.15
N ARG B 44 -35.21 5.90 -13.88
CA ARG B 44 -34.16 5.72 -12.83
C ARG B 44 -33.78 4.24 -12.68
N ASP B 45 -34.80 3.39 -12.60
CA ASP B 45 -34.63 1.94 -12.48
C ASP B 45 -33.82 1.38 -13.67
N GLN B 46 -34.18 1.75 -14.90
CA GLN B 46 -33.40 1.34 -16.09
C GLN B 46 -31.93 1.73 -15.99
N LEU B 47 -31.65 2.98 -15.61
CA LEU B 47 -30.27 3.46 -15.43
C LEU B 47 -29.49 2.70 -14.35
N TYR B 48 -30.17 2.40 -13.25
CA TYR B 48 -29.61 1.66 -12.13
C TYR B 48 -29.16 0.25 -12.58
N TYR B 49 -30.08 -0.48 -13.22
CA TYR B 49 -29.80 -1.84 -13.74
C TYR B 49 -28.74 -1.88 -14.86
N GLU B 50 -28.79 -0.92 -15.76
CA GLU B 50 -27.81 -0.80 -16.85
C GLU B 50 -26.36 -0.69 -16.32
N CYS B 51 -26.21 -0.05 -15.17
CA CYS B 51 -24.91 0.08 -14.54
C CYS B 51 -24.36 -1.31 -14.09
N TYR B 52 -25.25 -2.20 -13.63
CA TYR B 52 -24.87 -3.61 -13.37
C TYR B 52 -24.69 -4.53 -14.60
N SER B 53 -24.86 -3.97 -15.80
CA SER B 53 -24.66 -4.70 -17.04
C SER B 53 -23.20 -4.71 -17.48
N ASP B 54 -22.37 -3.85 -16.88
CA ASP B 54 -20.95 -3.79 -17.19
C ASP B 54 -20.09 -4.72 -16.31
N VAL B 55 -18.97 -5.17 -16.86
CA VAL B 55 -18.07 -6.11 -16.19
C VAL B 55 -17.42 -5.55 -14.94
N SER B 56 -17.06 -4.26 -14.93
CA SER B 56 -16.21 -3.70 -13.86
C SER B 56 -16.73 -3.85 -12.43
N VAL B 57 -18.00 -3.55 -12.21
CA VAL B 57 -18.61 -3.66 -10.91
C VAL B 57 -18.62 -5.15 -10.43
N HIS B 58 -18.87 -6.09 -11.33
CA HIS B 58 -18.89 -7.52 -10.96
C HIS B 58 -17.48 -8.03 -10.69
N GLU B 59 -16.52 -7.55 -11.50
CA GLU B 59 -15.12 -7.84 -11.22
C GLU B 59 -14.74 -7.36 -9.83
N GLU B 60 -15.07 -6.12 -9.50
CA GLU B 60 -14.72 -5.58 -8.18
C GLU B 60 -15.37 -6.37 -7.02
N MET B 61 -16.64 -6.74 -7.16
CA MET B 61 -17.31 -7.53 -6.14
C MET B 61 -16.69 -8.92 -5.94
N ILE B 62 -16.39 -9.60 -7.03
CA ILE B 62 -15.82 -10.96 -6.96
C ILE B 62 -14.33 -10.91 -6.56
N ALA B 63 -13.62 -9.86 -6.96
CA ALA B 63 -12.26 -9.60 -6.46
C ALA B 63 -12.21 -9.28 -5.00
N ASP B 64 -13.33 -8.83 -4.42
CA ASP B 64 -13.46 -8.60 -2.99
C ASP B 64 -13.59 -9.96 -2.28
N ARG B 65 -12.43 -10.43 -1.82
CA ARG B 65 -12.30 -11.76 -1.28
C ARG B 65 -12.96 -11.85 0.09
N VAL B 66 -12.91 -10.77 0.86
CA VAL B 66 -13.57 -10.74 2.15
C VAL B 66 -15.08 -10.93 1.94
N ARG B 67 -15.64 -10.16 1.01
CA ARG B 67 -17.06 -10.26 0.68
C ARG B 67 -17.41 -11.68 0.20
N THR B 68 -16.69 -12.11 -0.82
CA THR B 68 -17.11 -13.28 -1.57
C THR B 68 -16.87 -14.56 -0.77
N ASP B 69 -15.74 -14.63 -0.04
CA ASP B 69 -15.52 -15.75 0.91
C ASP B 69 -16.57 -15.79 2.00
N ALA B 70 -17.04 -14.62 2.47
CA ALA B 70 -18.04 -14.61 3.54
C ALA B 70 -19.36 -15.24 3.11
N TYR B 71 -19.82 -14.88 1.93
CA TYR B 71 -21.01 -15.47 1.34
C TYR B 71 -20.82 -16.96 1.05
N ARG B 72 -19.66 -17.34 0.52
CA ARG B 72 -19.42 -18.77 0.25
C ARG B 72 -19.44 -19.60 1.54
N LEU B 73 -18.75 -19.13 2.57
CA LEU B 73 -18.73 -19.82 3.86
C LEU B 73 -20.10 -19.83 4.51
N GLY B 74 -20.77 -18.69 4.53
CA GLY B 74 -22.11 -18.57 5.10
C GLY B 74 -23.15 -19.47 4.44
N ILE B 75 -23.02 -19.64 3.13
CA ILE B 75 -23.89 -20.53 2.38
C ILE B 75 -23.54 -22.00 2.63
N LEU B 76 -22.27 -22.36 2.41
CA LEU B 76 -21.85 -23.78 2.51
C LEU B 76 -22.02 -24.27 3.94
N ARG B 77 -21.74 -23.42 4.93
CA ARG B 77 -22.03 -23.73 6.35
C ARG B 77 -23.49 -24.02 6.66
N ASN B 78 -24.40 -23.53 5.82
CA ASN B 78 -25.83 -23.72 6.01
C ASN B 78 -26.39 -24.84 5.16
N TRP B 79 -25.52 -25.78 4.75
CA TRP B 79 -25.93 -26.97 4.01
C TRP B 79 -27.18 -27.68 4.60
N ALA B 80 -27.31 -27.72 5.92
CA ALA B 80 -28.46 -28.40 6.54
C ALA B 80 -29.79 -27.75 6.18
N ALA B 81 -29.82 -26.42 6.15
CA ALA B 81 -31.00 -25.65 5.71
C ALA B 81 -31.16 -25.56 4.17
N LEU B 82 -30.11 -25.84 3.41
CA LEU B 82 -30.16 -25.73 1.95
C LEU B 82 -30.20 -27.05 1.18
N ARG B 83 -29.66 -28.13 1.72
CA ARG B 83 -29.62 -29.40 0.98
C ARG B 83 -31.02 -29.93 0.69
N GLY B 84 -31.31 -30.20 -0.58
CA GLY B 84 -32.64 -30.64 -1.02
C GLY B 84 -33.70 -29.56 -1.04
N LYS B 85 -33.32 -28.31 -0.80
CA LYS B 85 -34.28 -27.22 -0.64
C LYS B 85 -34.18 -26.24 -1.79
N THR B 86 -35.04 -25.21 -1.78
CA THR B 86 -35.19 -24.27 -2.87
C THR B 86 -34.76 -22.89 -2.39
N VAL B 87 -34.01 -22.19 -3.25
CA VAL B 87 -33.41 -20.91 -2.87
C VAL B 87 -33.77 -19.85 -3.91
N LEU B 88 -33.98 -18.62 -3.44
CA LEU B 88 -34.09 -17.43 -4.30
C LEU B 88 -32.85 -16.54 -4.08
N ASP B 89 -32.12 -16.29 -5.16
CA ASP B 89 -30.96 -15.40 -5.14
C ASP B 89 -31.51 -14.09 -5.69
N VAL B 90 -31.66 -13.09 -4.82
CA VAL B 90 -32.16 -11.79 -5.22
C VAL B 90 -31.04 -10.92 -5.72
N GLY B 91 -31.01 -10.71 -7.03
CA GLY B 91 -29.96 -9.94 -7.70
C GLY B 91 -28.76 -10.80 -7.95
N ALA B 92 -28.93 -11.80 -8.81
CA ALA B 92 -27.93 -12.85 -8.98
C ALA B 92 -26.66 -12.42 -9.68
N GLY B 93 -26.72 -11.31 -10.42
CA GLY B 93 -25.58 -10.78 -11.16
C GLY B 93 -24.99 -11.74 -12.15
N THR B 94 -23.70 -12.08 -11.95
CA THR B 94 -23.04 -13.11 -12.75
C THR B 94 -23.43 -14.54 -12.34
N GLY B 95 -24.16 -14.71 -11.24
CA GLY B 95 -24.66 -16.02 -10.81
C GLY B 95 -23.87 -16.74 -9.74
N ILE B 96 -22.77 -16.11 -9.26
CA ILE B 96 -21.85 -16.77 -8.36
C ILE B 96 -22.51 -17.25 -7.06
N LEU B 97 -23.40 -16.47 -6.47
CA LEU B 97 -23.99 -16.88 -5.19
C LEU B 97 -24.94 -18.05 -5.41
N SER B 98 -25.65 -18.03 -6.53
CA SER B 98 -26.56 -19.13 -6.91
C SER B 98 -25.84 -20.46 -7.09
N ILE B 99 -24.66 -20.41 -7.70
CA ILE B 99 -23.82 -21.58 -7.85
C ILE B 99 -23.33 -22.11 -6.48
N PHE B 100 -22.89 -21.22 -5.59
CA PHE B 100 -22.57 -21.63 -4.24
C PHE B 100 -23.74 -22.39 -3.58
N CYS B 101 -24.96 -21.90 -3.74
CA CYS B 101 -26.14 -22.55 -3.14
C CYS B 101 -26.37 -23.97 -3.74
N ALA B 102 -26.19 -24.09 -5.05
CA ALA B 102 -26.25 -25.39 -5.72
C ALA B 102 -25.20 -26.33 -5.18
N GLN B 103 -23.99 -25.80 -4.99
CA GLN B 103 -22.90 -26.57 -4.45
C GLN B 103 -23.17 -27.04 -3.03
N ALA B 104 -23.94 -26.26 -2.26
CA ALA B 104 -24.42 -26.65 -0.92
C ALA B 104 -25.58 -27.66 -0.93
N GLY B 105 -26.03 -28.08 -2.11
CA GLY B 105 -27.00 -29.16 -2.26
C GLY B 105 -28.41 -28.76 -2.65
N ALA B 106 -28.66 -27.47 -2.93
CA ALA B 106 -30.02 -27.01 -3.24
C ALA B 106 -30.59 -27.73 -4.44
N ARG B 107 -31.87 -28.08 -4.31
N ARG B 107 -31.87 -28.10 -4.37
CA ARG B 107 -32.63 -28.82 -5.29
CA ARG B 107 -32.50 -28.82 -5.49
C ARG B 107 -32.92 -27.93 -6.48
C ARG B 107 -32.84 -27.85 -6.62
N ARG B 108 -33.31 -26.69 -6.21
N ARG B 108 -33.31 -26.67 -6.28
CA ARG B 108 -33.40 -25.68 -7.24
CA ARG B 108 -33.56 -25.62 -7.26
C ARG B 108 -33.04 -24.30 -6.70
C ARG B 108 -33.05 -24.29 -6.70
N VAL B 109 -32.36 -23.51 -7.53
CA VAL B 109 -32.03 -22.10 -7.21
C VAL B 109 -32.66 -21.22 -8.26
N TYR B 110 -33.49 -20.30 -7.84
CA TYR B 110 -34.00 -19.26 -8.73
C TYR B 110 -33.10 -18.02 -8.62
N ALA B 111 -32.36 -17.78 -9.70
CA ALA B 111 -31.43 -16.66 -9.79
C ALA B 111 -32.09 -15.50 -10.53
N VAL B 112 -32.62 -14.55 -9.78
CA VAL B 112 -33.38 -13.44 -10.34
C VAL B 112 -32.49 -12.19 -10.48
N GLU B 113 -32.47 -11.61 -11.68
CA GLU B 113 -31.59 -10.48 -12.00
C GLU B 113 -32.25 -9.55 -13.02
N ALA B 114 -32.31 -8.26 -12.70
CA ALA B 114 -33.03 -7.29 -13.51
C ALA B 114 -32.12 -6.64 -14.56
N SER B 115 -30.82 -6.69 -14.35
CA SER B 115 -29.88 -6.13 -15.31
C SER B 115 -29.59 -7.16 -16.40
N ALA B 116 -29.12 -6.65 -17.53
CA ALA B 116 -28.76 -7.48 -18.70
C ALA B 116 -27.68 -8.52 -18.41
N ILE B 117 -26.94 -8.34 -17.32
CA ILE B 117 -25.98 -9.32 -16.80
C ILE B 117 -26.60 -10.71 -16.50
N TRP B 118 -27.94 -10.81 -16.44
CA TRP B 118 -28.57 -12.13 -16.30
C TRP B 118 -28.13 -13.08 -17.41
N GLN B 119 -27.81 -12.55 -18.59
CA GLN B 119 -27.37 -13.36 -19.74
C GLN B 119 -26.02 -13.98 -19.46
N GLN B 120 -25.14 -13.22 -18.80
CA GLN B 120 -23.88 -13.78 -18.31
C GLN B 120 -24.11 -14.86 -17.23
N ALA B 121 -25.04 -14.63 -16.31
CA ALA B 121 -25.38 -15.63 -15.29
C ALA B 121 -25.84 -16.95 -15.92
N ARG B 122 -26.74 -16.87 -16.90
CA ARG B 122 -27.21 -18.04 -17.65
C ARG B 122 -26.02 -18.81 -18.24
N GLU B 123 -25.14 -18.07 -18.92
CA GLU B 123 -23.92 -18.69 -19.49
C GLU B 123 -23.07 -19.38 -18.48
N VAL B 124 -22.86 -18.73 -17.33
CA VAL B 124 -21.99 -19.29 -16.31
C VAL B 124 -22.62 -20.58 -15.75
N VAL B 125 -23.92 -20.54 -15.53
CA VAL B 125 -24.62 -21.71 -15.03
C VAL B 125 -24.47 -22.87 -16.02
N ARG B 126 -24.72 -22.60 -17.30
CA ARG B 126 -24.63 -23.62 -18.36
C ARG B 126 -23.20 -24.16 -18.43
N PHE B 127 -22.25 -23.24 -18.46
CA PHE B 127 -20.81 -23.58 -18.46
C PHE B 127 -20.38 -24.46 -17.30
N ASN B 128 -21.02 -24.30 -16.13
CA ASN B 128 -20.73 -25.12 -14.95
C ASN B 128 -21.60 -26.39 -14.86
N GLY B 129 -22.41 -26.64 -15.89
CA GLY B 129 -23.27 -27.81 -15.99
C GLY B 129 -24.38 -27.85 -14.96
N LEU B 130 -24.93 -26.70 -14.61
CA LEU B 130 -25.91 -26.60 -13.52
C LEU B 130 -27.26 -26.06 -13.94
N GLU B 131 -27.57 -26.09 -15.24
CA GLU B 131 -28.86 -25.58 -15.70
C GLU B 131 -30.07 -26.43 -15.22
N ASP B 132 -29.83 -27.69 -14.85
CA ASP B 132 -30.89 -28.53 -14.25
C ASP B 132 -31.30 -28.08 -12.84
N ARG B 133 -30.41 -27.35 -12.16
CA ARG B 133 -30.65 -26.91 -10.78
C ARG B 133 -30.74 -25.38 -10.61
N VAL B 134 -29.96 -24.60 -11.34
CA VAL B 134 -30.05 -23.14 -11.27
C VAL B 134 -30.83 -22.58 -12.48
N HIS B 135 -31.96 -21.95 -12.22
CA HIS B 135 -32.80 -21.33 -13.24
C HIS B 135 -32.68 -19.81 -13.15
N VAL B 136 -32.08 -19.20 -14.18
CA VAL B 136 -31.95 -17.74 -14.26
C VAL B 136 -33.22 -17.14 -14.80
N LEU B 137 -33.83 -16.26 -14.02
CA LEU B 137 -35.07 -15.57 -14.37
C LEU B 137 -34.79 -14.06 -14.49
N PRO B 138 -34.88 -13.51 -15.73
CA PRO B 138 -34.61 -12.09 -15.90
C PRO B 138 -35.72 -11.24 -15.34
N GLY B 139 -35.37 -10.02 -14.96
CA GLY B 139 -36.34 -9.05 -14.54
C GLY B 139 -36.29 -8.71 -13.05
N PRO B 140 -37.01 -7.65 -12.66
CA PRO B 140 -37.06 -7.27 -11.26
C PRO B 140 -37.68 -8.38 -10.41
N VAL B 141 -37.17 -8.55 -9.18
CA VAL B 141 -37.72 -9.57 -8.28
C VAL B 141 -39.15 -9.24 -7.84
N GLU B 142 -39.49 -7.97 -7.88
CA GLU B 142 -40.83 -7.51 -7.56
C GLU B 142 -41.93 -8.00 -8.51
N THR B 143 -41.59 -8.36 -9.74
CA THR B 143 -42.56 -8.85 -10.73
C THR B 143 -42.25 -10.23 -11.32
N VAL B 144 -41.11 -10.82 -10.99
CA VAL B 144 -40.79 -12.16 -11.48
C VAL B 144 -41.84 -13.15 -10.98
N GLU B 145 -42.11 -14.19 -11.74
CA GLU B 145 -43.05 -15.24 -11.34
C GLU B 145 -42.28 -16.52 -11.10
N LEU B 146 -42.07 -16.87 -9.83
CA LEU B 146 -41.48 -18.16 -9.46
C LEU B 146 -42.51 -19.28 -9.50
N PRO B 147 -42.06 -20.52 -9.75
CA PRO B 147 -42.98 -21.69 -9.68
C PRO B 147 -43.49 -22.07 -8.27
N GLU B 148 -42.91 -21.52 -7.21
CA GLU B 148 -43.20 -21.99 -5.85
C GLU B 148 -42.65 -20.99 -4.83
N GLN B 149 -43.09 -21.13 -3.59
CA GLN B 149 -42.47 -20.46 -2.46
C GLN B 149 -41.10 -21.12 -2.26
N VAL B 150 -40.15 -20.40 -1.66
CA VAL B 150 -38.79 -20.93 -1.44
C VAL B 150 -38.45 -21.12 0.03
N ASP B 151 -37.47 -21.97 0.31
CA ASP B 151 -37.01 -22.25 1.68
C ASP B 151 -35.98 -21.26 2.18
N ALA B 152 -35.25 -20.63 1.25
CA ALA B 152 -34.22 -19.66 1.62
C ALA B 152 -34.08 -18.55 0.59
N ILE B 153 -33.65 -17.37 1.06
CA ILE B 153 -33.23 -16.26 0.19
C ILE B 153 -31.77 -15.92 0.49
N VAL B 154 -31.00 -15.72 -0.58
CA VAL B 154 -29.65 -15.20 -0.47
C VAL B 154 -29.61 -13.95 -1.32
N SER B 155 -28.91 -12.93 -0.82
CA SER B 155 -28.73 -11.70 -1.55
C SER B 155 -27.56 -10.91 -0.99
N GLU B 156 -26.79 -10.33 -1.91
CA GLU B 156 -25.82 -9.28 -1.59
C GLU B 156 -26.38 -7.96 -2.14
N TRP B 157 -27.02 -7.24 -1.23
CA TRP B 157 -27.82 -6.08 -1.53
C TRP B 157 -27.22 -4.80 -0.96
N MET B 158 -26.08 -4.91 -0.29
CA MET B 158 -25.59 -3.81 0.50
C MET B 158 -24.85 -2.80 -0.37
N GLY B 159 -25.18 -1.53 -0.22
CA GLY B 159 -24.40 -0.50 -0.87
C GLY B 159 -23.43 0.19 0.04
N TYR B 160 -22.74 1.20 -0.52
CA TYR B 160 -21.97 2.14 0.29
C TYR B 160 -22.83 2.72 1.39
N GLY B 161 -22.24 2.88 2.57
CA GLY B 161 -22.98 3.24 3.77
C GLY B 161 -24.16 2.34 4.08
N LEU B 162 -24.06 1.07 3.70
CA LEU B 162 -25.10 0.04 3.79
C LEU B 162 -26.30 0.23 2.86
N LEU B 163 -26.94 1.39 2.95
CA LEU B 163 -28.26 1.60 2.34
C LEU B 163 -28.26 2.36 1.02
N HIS B 164 -27.10 2.87 0.58
CA HIS B 164 -27.04 3.44 -0.79
C HIS B 164 -27.48 2.37 -1.80
N GLU B 165 -28.18 2.83 -2.84
CA GLU B 165 -28.84 1.98 -3.88
C GLU B 165 -30.27 1.53 -3.49
N SER B 166 -30.57 1.46 -2.19
CA SER B 166 -31.90 1.15 -1.68
C SER B 166 -32.38 -0.24 -2.13
N MET B 167 -31.47 -1.20 -2.26
CA MET B 167 -31.84 -2.54 -2.69
C MET B 167 -32.56 -3.32 -1.62
N LEU B 168 -32.35 -2.99 -0.34
CA LEU B 168 -32.92 -3.78 0.77
C LEU B 168 -34.44 -3.97 0.66
N SER B 169 -35.17 -2.92 0.30
CA SER B 169 -36.62 -3.07 0.13
C SER B 169 -37.00 -4.14 -0.95
N SER B 170 -36.13 -4.37 -1.96
CA SER B 170 -36.37 -5.42 -2.96
C SER B 170 -36.23 -6.84 -2.37
N VAL B 171 -35.26 -6.97 -1.47
CA VAL B 171 -35.05 -8.20 -0.73
C VAL B 171 -36.24 -8.45 0.20
N LEU B 172 -36.70 -7.38 0.84
CA LEU B 172 -37.82 -7.51 1.79
C LEU B 172 -39.14 -7.80 1.05
N HIS B 173 -39.32 -7.23 -0.14
CA HIS B 173 -40.45 -7.57 -1.04
C HIS B 173 -40.42 -9.05 -1.41
N ALA B 174 -39.25 -9.53 -1.79
CA ALA B 174 -39.10 -10.95 -2.11
C ALA B 174 -39.35 -11.86 -0.91
N ARG B 175 -38.92 -11.44 0.29
N ARG B 175 -38.92 -11.43 0.28
CA ARG B 175 -39.16 -12.22 1.51
CA ARG B 175 -39.14 -12.16 1.52
C ARG B 175 -40.66 -12.37 1.77
C ARG B 175 -40.63 -12.35 1.81
N THR B 176 -41.39 -11.25 1.79
CA THR B 176 -42.84 -11.28 2.01
C THR B 176 -43.59 -12.03 0.91
N LYS B 177 -43.16 -11.91 -0.35
CA LYS B 177 -43.85 -12.58 -1.44
C LYS B 177 -43.51 -14.06 -1.58
N TRP B 178 -42.24 -14.43 -1.44
CA TRP B 178 -41.76 -15.77 -1.86
C TRP B 178 -41.17 -16.68 -0.76
N LEU B 179 -40.77 -16.13 0.39
CA LEU B 179 -40.12 -16.92 1.41
C LEU B 179 -41.17 -17.62 2.28
N LYS B 180 -41.07 -18.94 2.42
CA LYS B 180 -41.95 -19.70 3.33
C LYS B 180 -41.78 -19.22 4.77
N GLU B 181 -42.81 -19.41 5.60
CA GLU B 181 -42.75 -19.09 7.04
C GLU B 181 -41.58 -19.89 7.64
N GLY B 182 -40.75 -19.23 8.45
CA GLY B 182 -39.55 -19.85 8.99
C GLY B 182 -38.39 -20.05 8.01
N GLY B 183 -38.51 -19.55 6.79
CA GLY B 183 -37.44 -19.69 5.80
C GLY B 183 -36.15 -18.98 6.18
N LEU B 184 -35.05 -19.34 5.52
CA LEU B 184 -33.73 -18.80 5.83
C LEU B 184 -33.43 -17.51 5.05
N LEU B 185 -32.80 -16.54 5.71
CA LEU B 185 -32.33 -15.28 5.07
C LEU B 185 -30.82 -15.15 5.24
N LEU B 186 -30.08 -15.05 4.14
CA LEU B 186 -28.62 -14.96 4.17
C LEU B 186 -28.14 -13.69 3.46
N PRO B 187 -27.51 -12.74 4.16
CA PRO B 187 -27.47 -12.65 5.62
C PRO B 187 -28.83 -12.36 6.23
N ALA B 188 -28.88 -12.48 7.56
CA ALA B 188 -30.11 -12.33 8.35
C ALA B 188 -30.30 -10.96 8.96
N SER B 189 -29.20 -10.23 9.17
CA SER B 189 -29.23 -8.95 9.88
C SER B 189 -28.10 -8.04 9.44
N ALA B 190 -28.21 -6.76 9.76
CA ALA B 190 -27.18 -5.79 9.53
C ALA B 190 -27.10 -4.82 10.66
N GLU B 191 -25.92 -4.25 10.84
CA GLU B 191 -25.64 -3.31 11.94
C GLU B 191 -24.82 -2.15 11.42
N LEU B 192 -25.10 -0.95 11.92
CA LEU B 192 -24.45 0.28 11.49
C LEU B 192 -23.67 0.90 12.62
N PHE B 193 -22.48 1.41 12.32
CA PHE B 193 -21.54 1.91 13.31
C PHE B 193 -21.05 3.30 12.92
N ILE B 194 -20.73 4.12 13.92
CA ILE B 194 -20.19 5.45 13.69
C ILE B 194 -19.03 5.70 14.63
N VAL B 195 -18.03 6.45 14.17
CA VAL B 195 -16.96 6.91 15.03
C VAL B 195 -16.38 8.26 14.56
N PRO B 196 -15.94 9.14 15.50
CA PRO B 196 -15.21 10.31 15.01
C PRO B 196 -13.83 9.91 14.47
N ILE B 197 -13.36 10.68 13.48
CA ILE B 197 -12.11 10.40 12.81
C ILE B 197 -11.20 11.61 12.70
N SER B 198 -9.90 11.32 12.65
CA SER B 198 -8.89 12.26 12.19
C SER B 198 -8.22 11.59 10.99
N ASP B 199 -8.72 11.96 9.81
CA ASP B 199 -8.32 11.41 8.52
C ASP B 199 -6.88 11.85 8.17
N GLN B 200 -5.94 10.92 8.33
CA GLN B 200 -4.52 11.21 8.09
C GLN B 200 -4.23 11.62 6.65
N MET B 201 -4.84 10.94 5.67
CA MET B 201 -4.75 11.36 4.27
C MET B 201 -5.24 12.81 4.03
N LEU B 202 -6.41 13.14 4.56
CA LEU B 202 -6.94 14.51 4.46
C LEU B 202 -6.00 15.52 5.11
N GLU B 203 -5.53 15.20 6.30
CA GLU B 203 -4.58 16.06 6.99
C GLU B 203 -3.33 16.32 6.12
N TRP B 204 -2.81 15.28 5.44
CA TRP B 204 -1.70 15.41 4.48
C TRP B 204 -2.05 16.40 3.35
N ARG B 205 -3.24 16.26 2.77
CA ARG B 205 -3.69 17.11 1.68
C ARG B 205 -3.86 18.59 2.11
N LEU B 206 -4.39 18.81 3.31
CA LEU B 206 -4.59 20.15 3.82
C LEU B 206 -3.25 20.85 4.07
N GLY B 207 -2.22 20.09 4.42
CA GLY B 207 -0.92 20.63 4.72
C GLY B 207 -0.06 20.82 3.49
N PHE B 208 -0.50 20.26 2.35
CA PHE B 208 0.22 20.32 1.10
C PHE B 208 0.73 21.72 0.72
N TRP B 209 -0.13 22.70 0.93
CA TRP B 209 0.10 24.07 0.49
C TRP B 209 1.22 24.75 1.26
N SER B 210 1.38 24.38 2.53
CA SER B 210 2.53 24.82 3.33
C SER B 210 3.83 24.11 2.97
N GLN B 211 3.78 23.06 2.17
CA GLN B 211 4.99 22.35 1.68
C GLN B 211 5.52 22.83 0.31
N VAL B 212 4.77 23.67 -0.37
CA VAL B 212 5.17 24.13 -1.72
C VAL B 212 6.50 24.93 -1.65
N LYS B 213 6.66 25.76 -0.61
CA LYS B 213 7.87 26.61 -0.45
C LYS B 213 9.17 25.81 -0.51
N GLN B 214 9.17 24.67 0.16
CA GLN B 214 10.32 23.77 0.22
C GLN B 214 10.71 23.19 -1.14
N HIS B 215 9.72 22.84 -1.96
CA HIS B 215 9.96 22.21 -3.26
C HIS B 215 10.23 23.22 -4.34
N TYR B 216 9.52 24.34 -4.30
CA TYR B 216 9.51 25.27 -5.41
C TYR B 216 9.89 26.74 -5.11
N GLY B 217 10.15 27.08 -3.85
CA GLY B 217 10.50 28.49 -3.50
C GLY B 217 9.35 29.48 -3.65
N VAL B 218 8.12 28.99 -3.57
CA VAL B 218 6.95 29.84 -3.59
C VAL B 218 6.10 29.49 -2.40
N ASP B 219 5.79 30.49 -1.56
CA ASP B 219 5.00 30.29 -0.35
C ASP B 219 3.50 30.24 -0.66
N MET B 220 2.90 29.08 -0.48
CA MET B 220 1.47 28.92 -0.75
C MET B 220 0.68 28.52 0.49
N SER B 221 1.27 28.76 1.67
CA SER B 221 0.66 28.40 2.96
C SER B 221 -0.66 29.11 3.16
N CYS B 222 -0.82 30.28 2.53
CA CYS B 222 -2.10 31.02 2.57
C CYS B 222 -3.30 30.33 1.91
N LEU B 223 -3.06 29.24 1.17
CA LEU B 223 -4.17 28.46 0.54
C LEU B 223 -4.74 27.32 1.40
N GLU B 224 -4.19 27.09 2.59
CA GLU B 224 -4.74 26.12 3.55
C GLU B 224 -6.26 26.28 3.79
N GLY B 225 -6.70 27.52 4.06
CA GLY B 225 -8.13 27.83 4.20
C GLY B 225 -8.96 27.41 2.99
N PHE B 226 -8.52 27.82 1.80
CA PHE B 226 -9.17 27.44 0.53
C PHE B 226 -9.27 25.91 0.35
N ALA B 227 -8.16 25.23 0.59
CA ALA B 227 -8.10 23.77 0.53
C ALA B 227 -9.12 23.13 1.48
N THR B 228 -9.24 23.67 2.68
CA THR B 228 -10.23 23.21 3.68
C THR B 228 -11.67 23.38 3.23
N ARG B 229 -12.01 24.56 2.72
CA ARG B 229 -13.35 24.81 2.20
C ARG B 229 -13.68 23.85 1.07
N CYS B 230 -12.72 23.58 0.21
CA CYS B 230 -12.95 22.70 -0.95
C CYS B 230 -13.13 21.24 -0.51
N LEU B 231 -12.26 20.76 0.35
CA LEU B 231 -12.22 19.34 0.71
C LEU B 231 -13.20 18.96 1.82
N MET B 232 -13.60 19.91 2.68
CA MET B 232 -14.51 19.63 3.80
C MET B 232 -15.84 20.38 3.81
N GLY B 233 -15.90 21.54 3.16
CA GLY B 233 -17.08 22.42 3.18
C GLY B 233 -18.28 21.94 2.36
N HIS B 234 -18.06 20.96 1.49
CA HIS B 234 -19.14 20.36 0.70
C HIS B 234 -20.03 19.49 1.58
N SER B 235 -21.11 18.99 1.01
CA SER B 235 -22.06 18.12 1.70
C SER B 235 -22.23 16.76 1.04
N GLU B 236 -21.16 16.23 0.46
CA GLU B 236 -21.16 14.88 -0.12
C GLU B 236 -20.60 13.83 0.84
N ILE B 237 -21.16 12.62 0.81
CA ILE B 237 -20.61 11.50 1.54
C ILE B 237 -19.45 11.00 0.70
N VAL B 238 -18.30 10.80 1.34
CA VAL B 238 -17.07 10.42 0.64
C VAL B 238 -16.72 8.99 1.01
N VAL B 239 -16.58 8.14 0.01
CA VAL B 239 -16.27 6.74 0.22
C VAL B 239 -14.75 6.58 0.16
N GLN B 240 -14.14 6.18 1.26
CA GLN B 240 -12.67 6.11 1.32
C GLN B 240 -12.33 5.11 2.41
N GLY B 241 -11.22 4.42 2.21
CA GLY B 241 -10.75 3.40 3.14
C GLY B 241 -9.85 3.98 4.20
N LEU B 242 -10.21 3.77 5.47
CA LEU B 242 -9.42 4.25 6.60
C LEU B 242 -8.78 3.05 7.30
N SER B 243 -7.99 3.32 8.33
CA SER B 243 -7.50 2.25 9.22
C SER B 243 -7.56 2.78 10.65
N GLY B 244 -7.07 1.97 11.59
CA GLY B 244 -7.09 2.34 13.00
C GLY B 244 -6.48 3.68 13.31
N GLU B 245 -5.43 4.05 12.58
CA GLU B 245 -4.77 5.33 12.81
C GLU B 245 -5.67 6.54 12.59
N ASP B 246 -6.79 6.36 11.86
CA ASP B 246 -7.75 7.45 11.60
C ASP B 246 -8.87 7.60 12.67
N VAL B 247 -8.97 6.64 13.57
CA VAL B 247 -10.15 6.52 14.44
C VAL B 247 -9.86 7.19 15.80
N LEU B 248 -10.76 8.06 16.27
CA LEU B 248 -10.52 8.87 17.50
C LEU B 248 -11.19 8.36 18.78
N ALA B 249 -11.97 7.30 18.71
CA ALA B 249 -12.75 6.83 19.84
C ALA B 249 -13.25 5.42 19.64
N ARG B 250 -13.96 4.88 20.61
CA ARG B 250 -14.58 3.57 20.45
C ARG B 250 -15.73 3.69 19.41
N PRO B 251 -15.76 2.80 18.41
CA PRO B 251 -16.92 2.85 17.51
C PRO B 251 -18.26 2.58 18.24
N GLN B 252 -19.32 3.25 17.83
CA GLN B 252 -20.63 3.11 18.46
C GLN B 252 -21.61 2.53 17.45
N ARG B 253 -22.31 1.47 17.84
CA ARG B 253 -23.41 0.95 17.03
C ARG B 253 -24.58 1.92 17.16
N PHE B 254 -25.13 2.36 16.03
CA PHE B 254 -26.26 3.28 16.03
C PHE B 254 -27.55 2.72 15.49
N ALA B 255 -27.52 1.57 14.80
CA ALA B 255 -28.73 0.93 14.38
C ALA B 255 -28.50 -0.56 14.11
N GLN B 256 -29.58 -1.32 14.21
CA GLN B 256 -29.59 -2.73 13.87
C GLN B 256 -30.83 -3.02 13.02
N LEU B 257 -30.64 -3.74 11.93
CA LEU B 257 -31.71 -4.11 11.03
C LEU B 257 -31.87 -5.61 11.00
N GLU B 258 -32.95 -6.12 11.55
CA GLU B 258 -33.22 -7.55 11.57
C GLU B 258 -34.12 -7.74 10.38
N LEU B 259 -33.68 -8.49 9.37
CA LEU B 259 -34.42 -8.53 8.08
C LEU B 259 -35.79 -9.21 8.17
N SER B 260 -36.00 -10.00 9.22
CA SER B 260 -37.31 -10.61 9.47
C SER B 260 -38.29 -9.65 10.15
N ARG B 261 -37.84 -8.47 10.58
CA ARG B 261 -38.62 -7.63 11.49
C ARG B 261 -39.77 -6.96 10.76
N ALA B 262 -40.94 -7.07 11.38
CA ALA B 262 -42.16 -6.50 10.83
C ALA B 262 -42.04 -4.99 10.83
N GLY B 263 -42.42 -4.37 9.73
CA GLY B 263 -42.35 -2.94 9.56
C GLY B 263 -40.98 -2.39 9.14
N LEU B 264 -40.02 -3.27 8.82
CA LEU B 264 -38.67 -2.78 8.44
C LEU B 264 -38.70 -1.89 7.19
N GLU B 265 -39.50 -2.29 6.20
CA GLU B 265 -39.70 -1.48 4.99
C GLU B 265 -40.09 -0.04 5.32
N GLN B 266 -40.97 0.10 6.31
CA GLN B 266 -41.49 1.41 6.69
C GLN B 266 -40.43 2.21 7.45
N GLU B 267 -39.64 1.54 8.29
CA GLU B 267 -38.51 2.21 8.95
C GLU B 267 -37.50 2.78 7.92
N LEU B 268 -37.20 1.99 6.90
CA LEU B 268 -36.23 2.42 5.86
C LEU B 268 -36.71 3.69 5.14
N GLU B 269 -38.00 3.71 4.80
CA GLU B 269 -38.59 4.87 4.17
C GLU B 269 -38.56 6.09 5.08
N ALA B 270 -38.83 5.91 6.36
CA ALA B 270 -38.81 7.00 7.32
C ALA B 270 -37.40 7.45 7.78
N GLY B 271 -36.42 6.56 7.68
CA GLY B 271 -35.05 6.86 8.11
C GLY B 271 -34.67 5.93 9.24
N VAL B 272 -33.52 5.31 9.14
CA VAL B 272 -33.01 4.48 10.24
C VAL B 272 -31.78 5.13 10.85
N GLY B 273 -31.66 5.04 12.16
CA GLY B 273 -30.46 5.46 12.81
C GLY B 273 -30.70 5.66 14.27
N GLY B 274 -29.96 6.57 14.88
CA GLY B 274 -30.08 6.75 16.31
C GLY B 274 -29.06 7.68 16.89
N ARG B 275 -29.14 7.80 18.20
CA ARG B 275 -28.21 8.65 18.92
C ARG B 275 -26.90 7.89 19.19
N PHE B 276 -25.84 8.63 19.45
CA PHE B 276 -24.55 8.05 19.79
C PHE B 276 -23.80 8.99 20.70
N ARG B 277 -22.84 8.44 21.42
CA ARG B 277 -21.84 9.24 22.13
C ARG B 277 -20.58 8.41 22.35
N CYS B 278 -19.48 9.11 22.57
CA CYS B 278 -18.18 8.48 22.80
C CYS B 278 -17.22 9.51 23.31
N SER B 279 -16.06 9.08 23.76
CA SER B 279 -15.06 10.02 24.22
C SER B 279 -13.75 9.78 23.54
N CYS B 280 -13.10 10.87 23.20
CA CYS B 280 -11.96 10.82 22.31
C CYS B 280 -10.75 10.29 23.05
N TYR B 281 -9.87 9.66 22.28
CA TYR B 281 -8.70 9.01 22.84
C TYR B 281 -7.55 9.94 23.16
N GLY B 282 -7.38 11.01 22.39
CA GLY B 282 -6.23 11.89 22.55
C GLY B 282 -6.38 13.17 21.73
N SER B 283 -5.34 13.98 21.76
CA SER B 283 -5.33 15.24 21.04
C SER B 283 -5.28 14.99 19.56
N ALA B 284 -6.11 15.69 18.78
CA ALA B 284 -6.13 15.51 17.32
C ALA B 284 -7.06 16.54 16.65
N PRO B 285 -6.80 16.84 15.36
CA PRO B 285 -7.78 17.59 14.57
C PRO B 285 -8.86 16.59 14.11
N MET B 286 -10.06 16.70 14.68
CA MET B 286 -11.19 15.89 14.22
C MET B 286 -11.75 16.50 12.94
N HIS B 287 -11.95 15.64 11.93
CA HIS B 287 -12.47 16.07 10.64
C HIS B 287 -13.92 15.70 10.41
N GLY B 288 -14.48 14.86 11.27
CA GLY B 288 -15.85 14.39 11.16
C GLY B 288 -15.98 12.96 11.59
N PHE B 289 -16.85 12.21 10.90
CA PHE B 289 -17.17 10.84 11.24
C PHE B 289 -17.01 9.86 10.10
N ALA B 290 -16.82 8.59 10.42
CA ALA B 290 -16.92 7.53 9.46
C ALA B 290 -18.05 6.64 9.91
N ILE B 291 -18.78 6.12 8.93
CA ILE B 291 -19.75 5.07 9.18
C ILE B 291 -19.43 3.83 8.36
N TRP B 292 -19.82 2.70 8.91
CA TRP B 292 -19.70 1.44 8.22
C TRP B 292 -20.72 0.47 8.75
N PHE B 293 -20.68 -0.75 8.24
CA PHE B 293 -21.66 -1.75 8.63
C PHE B 293 -21.03 -3.14 8.69
N GLN B 294 -21.79 -4.07 9.27
CA GLN B 294 -21.54 -5.48 9.09
C GLN B 294 -22.85 -6.18 8.84
N VAL B 295 -22.79 -7.35 8.24
CA VAL B 295 -23.93 -8.24 8.14
C VAL B 295 -23.60 -9.61 8.73
N THR B 296 -24.61 -10.29 9.23
CA THR B 296 -24.41 -11.56 9.94
C THR B 296 -25.20 -12.66 9.28
N PHE B 297 -24.53 -13.79 9.09
CA PHE B 297 -25.16 -14.99 8.55
C PHE B 297 -25.39 -15.94 9.71
N PRO B 298 -26.54 -16.63 9.75
N PRO B 298 -26.59 -16.54 9.80
CA PRO B 298 -26.69 -17.69 10.77
CA PRO B 298 -26.87 -17.45 10.91
C PRO B 298 -25.58 -18.76 10.69
C PRO B 298 -25.95 -18.66 10.90
N GLY B 299 -25.20 -19.29 11.85
N GLY B 299 -25.49 -19.04 12.07
CA GLY B 299 -24.04 -20.18 11.97
CA GLY B 299 -24.70 -20.23 12.23
C GLY B 299 -24.09 -21.47 11.17
C GLY B 299 -25.48 -21.45 11.75
N GLY B 300 -25.26 -22.11 11.14
N GLY B 300 -24.89 -22.18 10.82
CA GLY B 300 -25.38 -23.42 10.51
CA GLY B 300 -25.40 -23.48 10.46
C GLY B 300 -24.59 -24.48 11.28
C GLY B 300 -24.63 -24.53 11.26
N GLU B 301 -23.60 -25.09 10.63
CA GLU B 301 -22.76 -26.11 11.30
C GLU B 301 -21.85 -25.53 12.40
N SER B 302 -21.30 -24.33 12.16
CA SER B 302 -20.40 -23.67 13.15
C SER B 302 -21.08 -23.20 14.44
N GLU B 303 -22.40 -22.99 14.43
CA GLU B 303 -23.14 -22.44 15.60
C GLU B 303 -22.86 -20.95 15.85
N LYS B 304 -21.57 -20.57 15.95
CA LYS B 304 -21.14 -19.16 15.87
C LYS B 304 -21.53 -18.52 14.51
N PRO B 305 -22.23 -17.37 14.52
CA PRO B 305 -22.56 -16.74 13.24
C PRO B 305 -21.33 -16.21 12.51
N LEU B 306 -21.40 -16.16 11.19
CA LEU B 306 -20.34 -15.58 10.37
C LEU B 306 -20.68 -14.11 10.15
N VAL B 307 -19.76 -13.22 10.48
CA VAL B 307 -19.97 -11.76 10.34
C VAL B 307 -19.09 -11.23 9.19
N LEU B 308 -19.73 -10.59 8.20
CA LEU B 308 -18.99 -9.88 7.15
C LEU B 308 -18.91 -8.43 7.60
N SER B 309 -17.71 -7.96 7.88
CA SER B 309 -17.51 -6.61 8.45
C SER B 309 -16.85 -5.69 7.44
N THR B 310 -17.21 -4.41 7.49
CA THR B 310 -16.53 -3.36 6.66
C THR B 310 -15.83 -2.29 7.54
N SER B 311 -15.52 -2.67 8.77
CA SER B 311 -14.83 -1.78 9.70
C SER B 311 -13.41 -1.44 9.23
N PRO B 312 -12.96 -0.21 9.52
CA PRO B 312 -11.55 0.13 9.25
C PRO B 312 -10.54 -0.68 10.09
N PHE B 313 -10.99 -1.31 11.18
CA PHE B 313 -10.15 -2.24 11.95
C PHE B 313 -10.04 -3.65 11.39
N HIS B 314 -10.84 -3.97 10.37
CA HIS B 314 -10.92 -5.31 9.83
C HIS B 314 -10.41 -5.30 8.40
N PRO B 315 -10.20 -6.46 7.80
CA PRO B 315 -9.62 -6.45 6.44
C PRO B 315 -10.45 -5.62 5.45
N ALA B 316 -9.76 -4.97 4.52
CA ALA B 316 -10.40 -4.07 3.57
C ALA B 316 -11.43 -4.81 2.69
N THR B 317 -12.49 -4.09 2.34
CA THR B 317 -13.52 -4.52 1.40
C THR B 317 -13.73 -3.40 0.41
N HIS B 318 -14.42 -3.70 -0.68
CA HIS B 318 -14.75 -2.69 -1.68
C HIS B 318 -15.71 -1.61 -1.17
N TRP B 319 -16.46 -1.89 -0.11
CA TRP B 319 -17.31 -0.87 0.51
C TRP B 319 -16.54 0.25 1.23
N LYS B 320 -15.30 -0.02 1.65
CA LYS B 320 -14.52 0.97 2.37
C LYS B 320 -15.30 1.43 3.61
N GLN B 321 -15.28 2.72 3.89
CA GLN B 321 -16.22 3.34 4.81
C GLN B 321 -16.75 4.59 4.16
N ALA B 322 -17.86 5.10 4.73
CA ALA B 322 -18.49 6.33 4.27
C ALA B 322 -18.14 7.45 5.25
N LEU B 323 -17.52 8.52 4.73
CA LEU B 323 -17.00 9.62 5.54
C LEU B 323 -17.91 10.86 5.48
N LEU B 324 -18.15 11.43 6.66
CA LEU B 324 -19.03 12.57 6.88
C LEU B 324 -18.16 13.66 7.46
N TYR B 325 -17.67 14.56 6.61
CA TYR B 325 -16.78 15.63 7.08
C TYR B 325 -17.53 16.82 7.66
N LEU B 326 -17.00 17.36 8.76
CA LEU B 326 -17.45 18.67 9.26
C LEU B 326 -16.96 19.74 8.26
N ASN B 327 -17.54 20.93 8.30
CA ASN B 327 -17.10 22.02 7.40
C ASN B 327 -15.63 22.36 7.58
N GLU B 328 -15.09 22.17 8.78
CA GLU B 328 -13.68 22.41 9.02
C GLU B 328 -13.23 21.58 10.23
N PRO B 329 -11.90 21.39 10.42
CA PRO B 329 -11.45 20.58 11.52
C PRO B 329 -11.78 21.21 12.88
N VAL B 330 -11.98 20.38 13.89
CA VAL B 330 -12.15 20.86 15.27
C VAL B 330 -11.14 20.11 16.10
N GLN B 331 -10.38 20.84 16.90
CA GLN B 331 -9.39 20.22 17.77
C GLN B 331 -10.11 19.52 18.93
N VAL B 332 -9.78 18.26 19.19
CA VAL B 332 -10.26 17.51 20.36
C VAL B 332 -9.07 17.16 21.23
N GLU B 333 -9.36 16.71 22.45
CA GLU B 333 -8.35 16.32 23.44
C GLU B 333 -8.78 14.98 24.02
N GLN B 334 -7.92 14.38 24.84
CA GLN B 334 -8.27 13.13 25.52
C GLN B 334 -9.54 13.39 26.33
N ASP B 335 -10.49 12.45 26.26
CA ASP B 335 -11.79 12.54 26.93
C ASP B 335 -12.79 13.60 26.42
N THR B 336 -12.49 14.32 25.33
CA THR B 336 -13.48 15.16 24.69
C THR B 336 -14.74 14.34 24.34
N ASP B 337 -15.89 14.83 24.80
CA ASP B 337 -17.18 14.20 24.53
C ASP B 337 -17.66 14.55 23.11
N VAL B 338 -18.03 13.53 22.34
CA VAL B 338 -18.58 13.69 21.01
C VAL B 338 -19.90 12.94 21.02
N SER B 339 -20.99 13.66 20.77
CA SER B 339 -22.32 13.05 20.80
C SER B 339 -23.13 13.56 19.62
N GLY B 340 -24.21 12.85 19.31
CA GLY B 340 -25.09 13.25 18.26
C GLY B 340 -26.17 12.27 17.90
N GLU B 341 -26.77 12.52 16.75
CA GLU B 341 -27.80 11.67 16.20
C GLU B 341 -27.65 11.63 14.72
N ILE B 342 -27.86 10.46 14.13
CA ILE B 342 -27.66 10.29 12.70
C ILE B 342 -28.82 9.49 12.16
N THR B 343 -29.29 9.88 10.97
CA THR B 343 -30.35 9.20 10.27
C THR B 343 -29.97 8.97 8.84
N LEU B 344 -30.20 7.74 8.38
CA LEU B 344 -29.98 7.34 6.99
C LEU B 344 -31.33 7.16 6.32
N LEU B 345 -31.55 7.85 5.20
CA LEU B 345 -32.82 7.83 4.49
C LEU B 345 -32.63 8.03 2.99
N PRO B 346 -33.62 7.62 2.18
CA PRO B 346 -33.46 7.87 0.73
C PRO B 346 -33.50 9.37 0.45
N SER B 347 -32.78 9.81 -0.56
CA SER B 347 -32.84 11.22 -0.97
C SER B 347 -34.22 11.55 -1.55
N ARG B 348 -34.57 12.82 -1.48
CA ARG B 348 -35.86 13.31 -2.01
C ARG B 348 -35.94 13.13 -3.55
N ASP B 349 -34.95 13.62 -4.28
CA ASP B 349 -34.96 13.56 -5.77
C ASP B 349 -34.68 12.17 -6.37
N ASN B 350 -34.01 11.30 -5.62
CA ASN B 350 -33.58 9.99 -6.11
C ASN B 350 -33.65 8.97 -4.96
N PRO B 351 -34.73 8.14 -4.93
CA PRO B 351 -34.91 7.17 -3.85
C PRO B 351 -33.80 6.11 -3.71
N ARG B 352 -32.96 5.96 -4.72
CA ARG B 352 -31.78 5.09 -4.64
C ARG B 352 -30.50 5.77 -4.11
N ARG B 353 -30.54 7.07 -3.84
CA ARG B 353 -29.37 7.80 -3.35
C ARG B 353 -29.45 8.01 -1.83
N LEU B 354 -28.41 7.57 -1.12
CA LEU B 354 -28.39 7.68 0.32
C LEU B 354 -28.22 9.14 0.72
N ARG B 355 -29.05 9.54 1.67
CA ARG B 355 -28.95 10.78 2.38
C ARG B 355 -28.65 10.50 3.85
N VAL B 356 -27.82 11.36 4.47
CA VAL B 356 -27.50 11.31 5.89
C VAL B 356 -27.78 12.65 6.57
N LEU B 357 -28.61 12.61 7.60
CA LEU B 357 -28.89 13.76 8.43
C LEU B 357 -28.14 13.58 9.73
N LEU B 358 -27.25 14.52 10.00
CA LEU B 358 -26.35 14.44 11.16
C LEU B 358 -26.60 15.66 12.04
N ARG B 359 -26.73 15.41 13.33
CA ARG B 359 -26.66 16.44 14.36
C ARG B 359 -25.54 15.99 15.31
N TYR B 360 -24.68 16.91 15.76
CA TYR B 360 -23.53 16.51 16.58
C TYR B 360 -23.07 17.64 17.46
N LYS B 361 -22.39 17.27 18.53
CA LYS B 361 -21.77 18.20 19.45
C LYS B 361 -20.40 17.65 19.89
N VAL B 362 -19.39 18.50 19.76
CA VAL B 362 -18.01 18.15 20.12
C VAL B 362 -17.59 19.00 21.30
N GLY B 363 -17.45 18.39 22.48
CA GLY B 363 -17.02 19.09 23.69
C GLY B 363 -17.94 20.25 24.05
N ASP B 364 -17.34 21.42 24.33
CA ASP B 364 -18.09 22.63 24.67
C ASP B 364 -18.64 23.40 23.47
N GLN B 365 -18.28 23.01 22.24
CA GLN B 365 -18.80 23.69 21.06
C GLN B 365 -20.32 23.50 20.96
N GLU B 366 -21.00 24.50 20.41
CA GLU B 366 -22.44 24.39 20.18
C GLU B 366 -22.75 23.20 19.27
N GLU B 367 -23.96 22.67 19.43
CA GLU B 367 -24.47 21.62 18.56
C GLU B 367 -24.56 22.12 17.13
N LYS B 368 -24.18 21.29 16.18
CA LYS B 368 -24.24 21.62 14.76
C LYS B 368 -24.96 20.53 13.98
N THR B 369 -25.41 20.88 12.79
CA THR B 369 -26.10 19.96 11.89
C THR B 369 -25.44 20.02 10.52
N LYS B 370 -25.49 18.90 9.80
CA LYS B 370 -25.05 18.80 8.43
C LYS B 370 -25.84 17.68 7.73
N ASP B 371 -26.14 17.90 6.44
CA ASP B 371 -27.06 17.09 5.67
C ASP B 371 -26.21 16.67 4.50
N PHE B 372 -25.97 15.36 4.36
CA PHE B 372 -25.10 14.82 3.30
C PHE B 372 -25.87 13.96 2.30
N ALA B 373 -25.36 13.90 1.06
CA ALA B 373 -25.84 12.95 0.03
C ALA B 373 -24.69 12.21 -0.61
N MET B 374 -24.92 10.95 -0.97
CA MET B 374 -23.89 10.12 -1.54
C MET B 374 -23.26 10.78 -2.79
N GLU B 375 -21.93 10.90 -2.78
CA GLU B 375 -21.19 11.43 -3.93
C GLU B 375 -21.51 10.55 -5.14
N ASP B 376 -21.39 11.11 -6.33
CA ASP B 376 -21.60 10.30 -7.52
C ASP B 376 -20.34 9.48 -7.84
N ARG C 38 -26.44 19.79 -26.85
CA ARG C 38 -27.30 20.44 -25.81
C ARG C 38 -26.66 21.74 -25.26
N ARG C 39 -25.41 21.63 -24.79
CA ARG C 39 -24.77 22.71 -24.02
C ARG C 39 -24.19 23.83 -24.89
N THR C 40 -24.45 25.07 -24.47
CA THR C 40 -23.98 26.30 -25.15
C THR C 40 -22.53 26.62 -24.80
N LYS C 41 -21.89 27.57 -25.50
CA LYS C 41 -20.49 27.95 -25.16
C LYS C 41 -20.38 28.45 -23.72
N ARG C 42 -21.34 29.29 -23.32
CA ARG C 42 -21.44 29.84 -21.96
C ARG C 42 -21.51 28.73 -20.91
N GLU C 43 -22.45 27.81 -21.08
CA GLU C 43 -22.58 26.63 -20.21
C GLU C 43 -21.35 25.72 -20.16
N ARG C 44 -20.77 25.43 -21.31
CA ARG C 44 -19.55 24.62 -21.41
C ARG C 44 -18.37 25.31 -20.72
N ASP C 45 -18.21 26.60 -20.99
CA ASP C 45 -17.09 27.37 -20.42
C ASP C 45 -17.26 27.54 -18.91
N GLN C 46 -18.48 27.77 -18.44
CA GLN C 46 -18.79 27.77 -17.01
C GLN C 46 -18.32 26.46 -16.36
N LEU C 47 -18.81 25.32 -16.87
CA LEU C 47 -18.41 24.00 -16.36
C LEU C 47 -16.88 23.77 -16.35
N TYR C 48 -16.22 24.05 -17.46
CA TYR C 48 -14.77 23.90 -17.58
C TYR C 48 -14.00 24.72 -16.52
N TYR C 49 -14.34 25.99 -16.39
CA TYR C 49 -13.69 26.86 -15.38
C TYR C 49 -14.09 26.54 -13.93
N GLU C 50 -15.30 26.03 -13.74
CA GLU C 50 -15.74 25.53 -12.43
C GLU C 50 -14.77 24.46 -11.92
N CYS C 51 -14.40 23.57 -12.80
N CYS C 51 -14.39 23.52 -12.80
CA CYS C 51 -13.53 22.53 -12.42
CA CYS C 51 -13.37 22.48 -12.50
C CYS C 51 -12.11 23.02 -12.03
C CYS C 51 -12.15 23.13 -11.91
N TYR C 52 -11.62 24.12 -12.62
CA TYR C 52 -10.36 24.77 -12.20
C TYR C 52 -10.47 25.68 -10.94
N SER C 53 -11.70 25.96 -10.49
CA SER C 53 -11.93 26.75 -9.27
C SER C 53 -11.69 25.91 -7.99
N ASP C 54 -11.65 24.59 -8.13
CA ASP C 54 -11.49 23.69 -7.01
C ASP C 54 -10.01 23.35 -6.77
N VAL C 55 -9.68 23.06 -5.51
CA VAL C 55 -8.30 22.81 -5.10
C VAL C 55 -7.63 21.55 -5.69
N SER C 56 -8.38 20.46 -5.92
CA SER C 56 -7.75 19.17 -6.17
C SER C 56 -6.93 19.12 -7.46
N VAL C 57 -7.46 19.71 -8.51
CA VAL C 57 -6.78 19.78 -9.80
C VAL C 57 -5.44 20.56 -9.70
N HIS C 58 -5.41 21.68 -8.95
CA HIS C 58 -4.17 22.44 -8.72
C HIS C 58 -3.22 21.72 -7.81
N GLU C 59 -3.75 21.04 -6.81
CA GLU C 59 -2.93 20.18 -5.99
C GLU C 59 -2.24 19.11 -6.85
N GLU C 60 -2.98 18.47 -7.75
CA GLU C 60 -2.39 17.40 -8.59
C GLU C 60 -1.30 17.99 -9.52
N MET C 61 -1.56 19.16 -10.06
CA MET C 61 -0.61 19.82 -10.96
C MET C 61 0.68 20.22 -10.25
N ILE C 62 0.54 20.83 -9.08
CA ILE C 62 1.70 21.30 -8.32
C ILE C 62 2.46 20.14 -7.65
N ALA C 63 1.74 19.09 -7.24
CA ALA C 63 2.37 17.83 -6.80
C ALA C 63 3.10 17.05 -7.89
N ASP C 64 2.78 17.32 -9.16
CA ASP C 64 3.52 16.76 -10.29
C ASP C 64 4.89 17.51 -10.39
N ARG C 65 5.90 16.93 -9.75
CA ARG C 65 7.23 17.58 -9.68
C ARG C 65 7.91 17.63 -11.04
N VAL C 66 7.67 16.60 -11.86
CA VAL C 66 8.24 16.57 -13.21
C VAL C 66 7.73 17.76 -14.00
N ARG C 67 6.42 17.97 -13.96
CA ARG C 67 5.82 19.13 -14.63
C ARG C 67 6.33 20.46 -14.05
N THR C 68 6.24 20.60 -12.74
CA THR C 68 6.41 21.90 -12.11
C THR C 68 7.90 22.31 -12.10
N ASP C 69 8.80 21.36 -11.84
CA ASP C 69 10.24 21.61 -11.95
C ASP C 69 10.66 21.92 -13.39
N ALA C 70 10.03 21.28 -14.38
CA ALA C 70 10.33 21.61 -15.78
C ALA C 70 10.01 23.06 -16.11
N TYR C 71 8.83 23.53 -15.70
CA TYR C 71 8.50 24.95 -15.88
C TYR C 71 9.44 25.86 -15.07
N ARG C 72 9.67 25.54 -13.80
CA ARG C 72 10.58 26.34 -12.96
C ARG C 72 11.96 26.47 -13.61
N LEU C 73 12.57 25.34 -13.97
CA LEU C 73 13.87 25.33 -14.61
C LEU C 73 13.85 25.92 -16.04
N GLY C 74 12.79 25.67 -16.80
CA GLY C 74 12.64 26.31 -18.13
C GLY C 74 12.57 27.83 -18.07
N ILE C 75 11.88 28.34 -17.06
CA ILE C 75 11.79 29.77 -16.82
C ILE C 75 13.14 30.32 -16.36
N LEU C 76 13.70 29.76 -15.29
CA LEU C 76 14.96 30.28 -14.77
C LEU C 76 16.09 30.23 -15.81
N ARG C 77 16.12 29.18 -16.64
CA ARG C 77 17.10 29.08 -17.74
C ARG C 77 17.04 30.18 -18.79
N ASN C 78 15.86 30.80 -18.94
CA ASN C 78 15.66 31.94 -19.83
C ASN C 78 15.72 33.28 -19.05
N TRP C 79 16.45 33.31 -17.93
CA TRP C 79 16.61 34.55 -17.15
C TRP C 79 17.00 35.73 -18.05
N ALA C 80 17.93 35.50 -18.98
CA ALA C 80 18.47 36.58 -19.83
C ALA C 80 17.39 37.20 -20.72
N ALA C 81 16.52 36.37 -21.28
CA ALA C 81 15.40 36.86 -22.10
C ALA C 81 14.26 37.49 -21.28
N LEU C 82 14.17 37.15 -19.99
CA LEU C 82 13.08 37.61 -19.13
C LEU C 82 13.44 38.81 -18.22
N ARG C 83 14.72 38.92 -17.84
CA ARG C 83 15.17 39.97 -16.91
C ARG C 83 14.79 41.34 -17.43
N GLY C 84 14.06 42.10 -16.63
CA GLY C 84 13.61 43.43 -16.99
C GLY C 84 12.48 43.51 -18.00
N LYS C 85 11.91 42.35 -18.38
CA LYS C 85 10.92 42.29 -19.45
C LYS C 85 9.51 42.02 -18.89
N THR C 86 8.52 42.04 -19.78
CA THR C 86 7.14 41.82 -19.39
C THR C 86 6.68 40.45 -19.91
N VAL C 87 5.75 39.83 -19.17
CA VAL C 87 5.36 38.44 -19.41
C VAL C 87 3.86 38.29 -19.22
N LEU C 88 3.23 37.54 -20.11
CA LEU C 88 1.83 37.15 -19.96
C LEU C 88 1.78 35.65 -19.60
N ASP C 89 1.15 35.33 -18.47
CA ASP C 89 0.96 33.94 -18.06
C ASP C 89 -0.46 33.60 -18.42
N VAL C 90 -0.65 32.74 -19.42
CA VAL C 90 -1.98 32.40 -19.91
C VAL C 90 -2.52 31.21 -19.12
N GLY C 91 -3.52 31.50 -18.29
CA GLY C 91 -4.16 30.52 -17.40
C GLY C 91 -3.31 30.34 -16.17
N ALA C 92 -3.23 31.41 -15.36
CA ALA C 92 -2.27 31.46 -14.26
C ALA C 92 -2.56 30.49 -13.11
N GLY C 93 -3.80 30.02 -12.98
CA GLY C 93 -4.17 29.11 -11.88
C GLY C 93 -3.90 29.73 -10.52
N THR C 94 -3.07 29.06 -9.71
CA THR C 94 -2.68 29.55 -8.39
C THR C 94 -1.58 30.63 -8.43
N GLY C 95 -1.08 30.94 -9.63
CA GLY C 95 -0.12 31.99 -9.84
C GLY C 95 1.31 31.54 -9.87
N ILE C 96 1.55 30.23 -9.73
CA ILE C 96 2.90 29.72 -9.55
C ILE C 96 3.88 30.07 -10.68
N LEU C 97 3.47 29.93 -11.94
CA LEU C 97 4.41 30.17 -13.05
C LEU C 97 4.74 31.67 -13.15
N SER C 98 3.72 32.51 -12.90
CA SER C 98 3.90 33.98 -12.86
C SER C 98 4.95 34.40 -11.83
N ILE C 99 4.92 33.75 -10.67
CA ILE C 99 5.87 34.02 -9.61
C ILE C 99 7.27 33.53 -9.99
N PHE C 100 7.37 32.37 -10.66
CA PHE C 100 8.67 31.92 -11.19
C PHE C 100 9.27 32.99 -12.12
N CYS C 101 8.44 33.61 -12.96
CA CYS C 101 8.91 34.62 -13.93
C CYS C 101 9.44 35.86 -13.19
N ALA C 102 8.66 36.35 -12.24
CA ALA C 102 9.12 37.39 -11.29
C ALA C 102 10.46 37.02 -10.63
N GLN C 103 10.61 35.79 -10.16
CA GLN C 103 11.87 35.32 -9.58
C GLN C 103 13.04 35.29 -10.59
N ALA C 104 12.75 35.04 -11.87
CA ALA C 104 13.77 35.07 -12.92
C ALA C 104 14.22 36.49 -13.30
N GLY C 105 13.48 37.50 -12.84
CA GLY C 105 13.86 38.89 -13.03
C GLY C 105 12.88 39.74 -13.79
N ALA C 106 11.72 39.20 -14.16
CA ALA C 106 10.75 39.97 -14.94
C ALA C 106 10.28 41.23 -14.23
N ARG C 107 10.15 42.31 -15.03
CA ARG C 107 9.73 43.62 -14.55
C ARG C 107 8.29 43.57 -14.15
N ARG C 108 7.51 42.88 -14.98
CA ARG C 108 6.06 42.87 -14.87
C ARG C 108 5.51 41.55 -15.42
N VAL C 109 4.54 40.95 -14.73
CA VAL C 109 3.89 39.72 -15.20
C VAL C 109 2.39 39.88 -15.09
N TYR C 110 1.68 39.65 -16.20
CA TYR C 110 0.24 39.64 -16.20
C TYR C 110 -0.26 38.19 -16.11
N ALA C 111 -0.88 37.90 -14.97
CA ALA C 111 -1.39 36.56 -14.65
C ALA C 111 -2.87 36.52 -15.00
N VAL C 112 -3.19 36.00 -16.18
CA VAL C 112 -4.57 35.97 -16.63
C VAL C 112 -5.19 34.60 -16.34
N GLU C 113 -6.38 34.61 -15.74
CA GLU C 113 -7.03 33.38 -15.27
C GLU C 113 -8.54 33.56 -15.28
N ALA C 114 -9.23 32.69 -16.01
CA ALA C 114 -10.69 32.77 -16.19
C ALA C 114 -11.52 32.11 -15.11
N SER C 115 -10.91 31.18 -14.39
CA SER C 115 -11.59 30.46 -13.34
C SER C 115 -11.45 31.29 -12.06
N ALA C 116 -12.35 31.05 -11.10
CA ALA C 116 -12.37 31.75 -9.80
C ALA C 116 -11.09 31.58 -8.99
N ILE C 117 -10.27 30.59 -9.35
CA ILE C 117 -8.95 30.45 -8.77
C ILE C 117 -8.07 31.72 -8.87
N TRP C 118 -8.38 32.65 -9.80
CA TRP C 118 -7.66 33.95 -9.83
C TRP C 118 -7.56 34.61 -8.46
N GLN C 119 -8.59 34.44 -7.64
CA GLN C 119 -8.60 35.01 -6.28
C GLN C 119 -7.48 34.46 -5.41
N GLN C 120 -7.29 33.14 -5.49
CA GLN C 120 -6.23 32.46 -4.77
C GLN C 120 -4.88 32.96 -5.31
N ALA C 121 -4.76 33.07 -6.64
CA ALA C 121 -3.54 33.62 -7.25
C ALA C 121 -3.16 35.01 -6.72
N ARG C 122 -4.14 35.89 -6.61
CA ARG C 122 -3.90 37.24 -6.08
C ARG C 122 -3.37 37.17 -4.66
N GLU C 123 -4.00 36.33 -3.84
CA GLU C 123 -3.55 36.11 -2.48
C GLU C 123 -2.14 35.57 -2.45
N VAL C 124 -1.84 34.56 -3.26
CA VAL C 124 -0.48 34.01 -3.24
C VAL C 124 0.56 35.08 -3.67
N VAL C 125 0.23 35.86 -4.69
CA VAL C 125 1.11 36.94 -5.17
C VAL C 125 1.45 37.96 -4.06
N ARG C 126 0.41 38.43 -3.36
CA ARG C 126 0.52 39.38 -2.24
C ARG C 126 1.35 38.79 -1.12
N PHE C 127 1.00 37.58 -0.74
CA PHE C 127 1.65 36.85 0.32
C PHE C 127 3.14 36.62 0.03
N ASN C 128 3.51 36.55 -1.24
CA ASN C 128 4.93 36.46 -1.61
C ASN C 128 5.57 37.85 -1.89
N GLY C 129 4.85 38.94 -1.59
CA GLY C 129 5.40 40.30 -1.70
C GLY C 129 5.56 40.85 -3.10
N LEU C 130 4.73 40.37 -4.03
CA LEU C 130 4.91 40.64 -5.46
C LEU C 130 3.72 41.33 -6.11
N GLU C 131 2.85 41.94 -5.32
CA GLU C 131 1.66 42.61 -5.88
C GLU C 131 1.96 43.77 -6.87
N ASP C 132 3.12 44.40 -6.73
CA ASP C 132 3.50 45.49 -7.64
C ASP C 132 4.20 45.01 -8.94
N ARG C 133 4.69 43.76 -8.94
CA ARG C 133 5.30 43.14 -10.12
C ARG C 133 4.41 42.12 -10.86
N VAL C 134 3.60 41.34 -10.13
CA VAL C 134 2.66 40.41 -10.76
C VAL C 134 1.24 40.89 -10.58
N HIS C 135 0.53 41.10 -11.68
CA HIS C 135 -0.83 41.63 -11.68
C HIS C 135 -1.78 40.55 -12.16
N VAL C 136 -2.69 40.13 -11.29
CA VAL C 136 -3.64 39.11 -11.63
C VAL C 136 -4.83 39.77 -12.27
N LEU C 137 -5.18 39.30 -13.47
CA LEU C 137 -6.30 39.81 -14.25
C LEU C 137 -7.33 38.70 -14.47
N PRO C 138 -8.55 38.87 -13.91
CA PRO C 138 -9.55 37.81 -14.11
C PRO C 138 -10.20 37.81 -15.49
N GLY C 139 -10.61 36.63 -15.93
CA GLY C 139 -11.42 36.45 -17.15
C GLY C 139 -10.63 35.75 -18.24
N PRO C 140 -11.29 35.44 -19.38
CA PRO C 140 -10.59 34.75 -20.48
C PRO C 140 -9.48 35.60 -21.06
N VAL C 141 -8.38 34.96 -21.45
CA VAL C 141 -7.30 35.65 -22.14
C VAL C 141 -7.77 36.27 -23.48
N GLU C 142 -8.79 35.67 -24.10
CA GLU C 142 -9.38 36.18 -25.34
C GLU C 142 -9.98 37.60 -25.23
N THR C 143 -10.48 37.98 -24.06
CA THR C 143 -11.09 39.29 -23.85
C THR C 143 -10.44 40.19 -22.79
N VAL C 144 -9.38 39.73 -22.12
CA VAL C 144 -8.66 40.57 -21.18
C VAL C 144 -7.96 41.74 -21.88
N GLU C 145 -7.88 42.88 -21.20
CA GLU C 145 -7.14 44.04 -21.70
C GLU C 145 -5.89 44.20 -20.88
N LEU C 146 -4.73 44.08 -21.53
CA LEU C 146 -3.47 44.44 -20.91
C LEU C 146 -3.15 45.90 -21.25
N PRO C 147 -2.37 46.58 -20.40
CA PRO C 147 -1.98 47.97 -20.70
C PRO C 147 -0.91 48.06 -21.78
N GLU C 148 -0.24 46.95 -22.07
CA GLU C 148 0.85 46.89 -23.04
C GLU C 148 0.91 45.50 -23.70
N GLN C 149 1.70 45.40 -24.77
CA GLN C 149 2.09 44.11 -25.33
C GLN C 149 3.24 43.58 -24.50
N VAL C 150 3.52 42.28 -24.64
CA VAL C 150 4.48 41.60 -23.77
C VAL C 150 5.64 41.02 -24.52
N ASP C 151 6.77 40.84 -23.82
CA ASP C 151 7.97 40.24 -24.39
C ASP C 151 7.97 38.70 -24.40
N ALA C 152 7.13 38.11 -23.55
CA ALA C 152 7.07 36.67 -23.47
C ALA C 152 5.70 36.17 -23.01
N ILE C 153 5.38 34.94 -23.40
CA ILE C 153 4.23 34.22 -22.90
C ILE C 153 4.73 32.94 -22.25
N VAL C 154 4.19 32.65 -21.06
CA VAL C 154 4.34 31.33 -20.43
C VAL C 154 2.96 30.74 -20.24
N SER C 155 2.83 29.43 -20.49
CA SER C 155 1.56 28.77 -20.25
C SER C 155 1.71 27.27 -20.10
N GLU C 156 0.97 26.69 -19.16
CA GLU C 156 0.84 25.23 -19.06
C GLU C 156 -0.57 24.94 -19.46
N TRP C 157 -0.69 24.63 -20.76
CA TRP C 157 -1.94 24.55 -21.48
C TRP C 157 -2.27 23.10 -21.89
N MET C 158 -1.39 22.15 -21.55
CA MET C 158 -1.48 20.81 -22.15
C MET C 158 -2.50 19.94 -21.42
N GLY C 159 -3.38 19.31 -22.16
CA GLY C 159 -4.34 18.38 -21.61
C GLY C 159 -3.92 16.94 -21.84
N TYR C 160 -4.75 16.00 -21.37
CA TYR C 160 -4.54 14.59 -21.71
C TYR C 160 -4.48 14.46 -23.23
N GLY C 161 -3.61 13.56 -23.71
CA GLY C 161 -3.36 13.44 -25.14
C GLY C 161 -2.94 14.76 -25.81
N LEU C 162 -2.27 15.62 -25.05
CA LEU C 162 -1.84 16.96 -25.42
C LEU C 162 -2.98 17.97 -25.63
N LEU C 163 -3.96 17.63 -26.48
CA LEU C 163 -4.93 18.62 -26.94
C LEU C 163 -6.33 18.54 -26.33
N HIS C 164 -6.60 17.57 -25.45
CA HIS C 164 -7.85 17.60 -24.65
C HIS C 164 -7.88 18.91 -23.84
N GLU C 165 -9.09 19.46 -23.68
CA GLU C 165 -9.37 20.82 -23.17
C GLU C 165 -9.30 21.94 -24.22
N SER C 166 -8.59 21.70 -25.32
CA SER C 166 -8.41 22.64 -26.43
C SER C 166 -7.95 24.03 -25.98
N MET C 167 -7.07 24.09 -24.98
CA MET C 167 -6.59 25.37 -24.48
C MET C 167 -5.52 26.00 -25.39
N LEU C 168 -4.88 25.22 -26.25
CA LEU C 168 -3.84 25.76 -27.14
C LEU C 168 -4.32 26.94 -27.97
N SER C 169 -5.56 26.90 -28.47
CA SER C 169 -6.07 28.03 -29.26
C SER C 169 -6.06 29.34 -28.47
N SER C 170 -6.36 29.26 -27.17
CA SER C 170 -6.27 30.41 -26.27
C SER C 170 -4.87 30.96 -26.16
N VAL C 171 -3.89 30.07 -26.02
CA VAL C 171 -2.48 30.49 -26.00
C VAL C 171 -2.04 31.13 -27.32
N LEU C 172 -2.46 30.55 -28.43
CA LEU C 172 -2.14 31.09 -29.76
C LEU C 172 -2.88 32.41 -30.03
N HIS C 173 -4.12 32.52 -29.54
CA HIS C 173 -4.89 33.77 -29.58
C HIS C 173 -4.13 34.89 -28.88
N ALA C 174 -3.54 34.57 -27.73
CA ALA C 174 -2.75 35.52 -26.95
C ALA C 174 -1.43 35.90 -27.60
N ARG C 175 -0.74 34.93 -28.20
CA ARG C 175 0.48 35.18 -28.95
C ARG C 175 0.22 36.21 -30.04
N THR C 176 -0.82 35.96 -30.84
CA THR C 176 -1.16 36.82 -31.97
C THR C 176 -1.55 38.24 -31.50
N LYS C 177 -2.34 38.33 -30.43
CA LYS C 177 -2.84 39.61 -29.95
C LYS C 177 -1.87 40.43 -29.09
N TRP C 178 -1.08 39.75 -28.26
CA TRP C 178 -0.33 40.43 -27.22
C TRP C 178 1.18 40.27 -27.27
N LEU C 179 1.70 39.27 -27.99
CA LEU C 179 3.11 39.01 -27.93
C LEU C 179 3.80 39.87 -28.97
N LYS C 180 4.86 40.58 -28.58
CA LYS C 180 5.62 41.39 -29.52
C LYS C 180 6.25 40.50 -30.57
N GLU C 181 6.44 41.08 -31.76
CA GLU C 181 7.26 40.50 -32.82
C GLU C 181 8.58 39.98 -32.23
N GLY C 182 8.92 38.73 -32.52
CA GLY C 182 10.13 38.09 -31.98
C GLY C 182 10.07 37.59 -30.52
N GLY C 183 8.91 37.72 -29.88
CA GLY C 183 8.77 37.38 -28.44
C GLY C 183 9.00 35.91 -28.10
N LEU C 184 9.20 35.64 -26.81
CA LEU C 184 9.49 34.29 -26.31
C LEU C 184 8.20 33.54 -25.97
N LEU C 185 8.13 32.25 -26.32
CA LEU C 185 7.02 31.36 -25.90
C LEU C 185 7.58 30.20 -25.09
N LEU C 186 7.02 29.98 -23.90
CA LEU C 186 7.50 28.95 -22.98
C LEU C 186 6.30 28.03 -22.59
N PRO C 187 6.31 26.76 -23.00
CA PRO C 187 7.28 26.17 -23.94
C PRO C 187 7.09 26.71 -25.36
N ALA C 188 8.06 26.41 -26.21
CA ALA C 188 8.08 26.89 -27.62
C ALA C 188 7.40 25.92 -28.59
N SER C 189 7.43 24.62 -28.26
CA SER C 189 6.94 23.59 -29.17
C SER C 189 6.41 22.38 -28.43
N ALA C 190 5.63 21.55 -29.14
CA ALA C 190 5.13 20.27 -28.64
C ALA C 190 5.26 19.19 -29.71
N GLU C 191 5.45 17.96 -29.27
CA GLU C 191 5.55 16.83 -30.18
C GLU C 191 4.67 15.69 -29.69
N LEU C 192 4.10 14.91 -30.61
CA LEU C 192 3.16 13.82 -30.29
C LEU C 192 3.70 12.49 -30.78
N PHE C 193 3.55 11.46 -29.96
CA PHE C 193 4.10 10.13 -30.24
C PHE C 193 3.01 9.08 -30.15
N ILE C 194 3.18 7.99 -30.89
CA ILE C 194 2.28 6.84 -30.83
C ILE C 194 3.11 5.55 -30.85
N VAL C 195 2.59 4.52 -30.20
CA VAL C 195 3.23 3.21 -30.26
C VAL C 195 2.22 2.11 -29.96
N PRO C 196 2.41 0.91 -30.56
CA PRO C 196 1.57 -0.17 -30.09
C PRO C 196 1.93 -0.64 -28.68
N ILE C 197 0.92 -1.13 -27.97
CA ILE C 197 1.10 -1.53 -26.58
C ILE C 197 0.38 -2.82 -26.26
N SER C 198 0.90 -3.48 -25.23
CA SER C 198 0.21 -4.53 -24.49
C SER C 198 0.13 -4.05 -23.05
N ASP C 199 -1.05 -3.63 -22.64
CA ASP C 199 -1.33 -3.14 -21.30
C ASP C 199 -1.41 -4.33 -20.32
N GLN C 200 -0.39 -4.47 -19.49
CA GLN C 200 -0.31 -5.54 -18.48
C GLN C 200 -1.51 -5.54 -17.56
N MET C 201 -1.93 -4.36 -17.16
CA MET C 201 -3.08 -4.20 -16.28
C MET C 201 -4.36 -4.75 -16.93
N LEU C 202 -4.59 -4.36 -18.18
CA LEU C 202 -5.77 -4.82 -18.91
C LEU C 202 -5.73 -6.36 -19.08
N GLU C 203 -4.57 -6.89 -19.40
CA GLU C 203 -4.36 -8.33 -19.51
C GLU C 203 -4.76 -9.06 -18.21
N TRP C 204 -4.33 -8.57 -17.04
CA TRP C 204 -4.76 -9.19 -15.77
C TRP C 204 -6.28 -9.10 -15.59
N ARG C 205 -6.88 -7.97 -15.95
CA ARG C 205 -8.34 -7.80 -15.82
C ARG C 205 -9.14 -8.74 -16.76
N LEU C 206 -8.63 -8.95 -17.96
CA LEU C 206 -9.23 -9.90 -18.88
C LEU C 206 -9.03 -11.34 -18.38
N GLY C 207 -7.84 -11.63 -17.85
CA GLY C 207 -7.52 -12.94 -17.27
C GLY C 207 -8.17 -13.28 -15.93
N PHE C 208 -8.76 -12.26 -15.26
CA PHE C 208 -9.42 -12.42 -13.95
C PHE C 208 -10.45 -13.57 -13.95
N TRP C 209 -11.25 -13.64 -15.01
CA TRP C 209 -12.39 -14.57 -15.04
C TRP C 209 -11.96 -16.05 -15.05
N SER C 210 -10.80 -16.32 -15.63
CA SER C 210 -10.19 -17.65 -15.63
C SER C 210 -9.52 -18.05 -14.32
N GLN C 211 -9.33 -17.11 -13.40
CA GLN C 211 -8.80 -17.40 -12.06
C GLN C 211 -9.88 -17.64 -11.01
N VAL C 212 -11.14 -17.33 -11.33
CA VAL C 212 -12.21 -17.47 -10.33
C VAL C 212 -12.34 -18.92 -9.86
N LYS C 213 -12.19 -19.87 -10.78
CA LYS C 213 -12.22 -21.30 -10.42
C LYS C 213 -11.25 -21.67 -9.29
N GLN C 214 -10.02 -21.17 -9.39
CA GLN C 214 -9.01 -21.49 -8.39
C GLN C 214 -9.30 -20.78 -7.07
N HIS C 215 -9.93 -19.60 -7.11
CA HIS C 215 -10.25 -18.88 -5.89
C HIS C 215 -11.54 -19.38 -5.17
N TYR C 216 -12.59 -19.70 -5.93
CA TYR C 216 -13.93 -19.95 -5.36
C TYR C 216 -14.61 -21.22 -5.88
N GLY C 217 -13.91 -22.02 -6.69
CA GLY C 217 -14.46 -23.26 -7.23
C GLY C 217 -15.63 -23.10 -8.17
N VAL C 218 -15.72 -21.96 -8.85
CA VAL C 218 -16.76 -21.70 -9.84
C VAL C 218 -16.05 -21.27 -11.11
N ASP C 219 -16.34 -21.96 -12.23
CA ASP C 219 -15.64 -21.68 -13.48
C ASP C 219 -16.34 -20.51 -14.19
N MET C 220 -15.64 -19.40 -14.31
CA MET C 220 -16.21 -18.21 -14.99
C MET C 220 -15.37 -17.79 -16.18
N SER C 221 -14.53 -18.71 -16.69
CA SER C 221 -13.66 -18.44 -17.82
C SER C 221 -14.45 -18.05 -19.06
N CYS C 222 -15.71 -18.50 -19.15
CA CYS C 222 -16.60 -18.13 -20.24
C CYS C 222 -16.97 -16.63 -20.32
N LEU C 223 -16.62 -15.85 -19.29
CA LEU C 223 -16.89 -14.41 -19.29
C LEU C 223 -15.78 -13.57 -19.91
N GLU C 224 -14.69 -14.21 -20.36
CA GLU C 224 -13.59 -13.47 -20.99
C GLU C 224 -14.06 -12.63 -22.20
N GLY C 225 -14.95 -13.18 -23.04
CA GLY C 225 -15.50 -12.43 -24.18
C GLY C 225 -16.28 -11.17 -23.75
N PHE C 226 -17.14 -11.35 -22.75
CA PHE C 226 -17.90 -10.25 -22.15
C PHE C 226 -16.97 -9.19 -21.54
N ALA C 227 -15.94 -9.60 -20.80
CA ALA C 227 -15.01 -8.64 -20.21
C ALA C 227 -14.32 -7.84 -21.32
N THR C 228 -13.89 -8.55 -22.36
CA THR C 228 -13.27 -7.92 -23.54
C THR C 228 -14.17 -6.86 -24.23
N ARG C 229 -15.42 -7.22 -24.51
CA ARG C 229 -16.40 -6.27 -25.07
C ARG C 229 -16.52 -5.02 -24.22
N CYS C 230 -16.64 -5.20 -22.90
CA CYS C 230 -16.78 -4.07 -21.97
C CYS C 230 -15.53 -3.22 -21.89
N LEU C 231 -14.36 -3.84 -21.82
CA LEU C 231 -13.14 -3.11 -21.51
C LEU C 231 -12.41 -2.57 -22.74
N MET C 232 -12.63 -3.20 -23.90
CA MET C 232 -11.97 -2.80 -25.16
C MET C 232 -12.93 -2.35 -26.28
N GLY C 233 -14.15 -2.87 -26.28
CA GLY C 233 -15.12 -2.63 -27.34
C GLY C 233 -15.73 -1.24 -27.36
N HIS C 234 -15.54 -0.45 -26.31
CA HIS C 234 -15.98 0.93 -26.26
C HIS C 234 -15.14 1.84 -27.17
N SER C 235 -15.58 3.09 -27.29
CA SER C 235 -14.88 4.11 -28.12
C SER C 235 -14.36 5.31 -27.32
N GLU C 236 -13.88 5.04 -26.11
CA GLU C 236 -13.37 6.07 -25.21
C GLU C 236 -11.86 5.99 -25.14
N ILE C 237 -11.23 7.16 -25.10
CA ILE C 237 -9.80 7.26 -24.86
C ILE C 237 -9.65 7.05 -23.37
N VAL C 238 -8.74 6.18 -22.97
CA VAL C 238 -8.54 5.83 -21.57
C VAL C 238 -7.20 6.41 -21.11
N VAL C 239 -7.22 7.13 -20.00
CA VAL C 239 -6.02 7.76 -19.49
C VAL C 239 -5.47 6.85 -18.43
N GLN C 240 -4.28 6.31 -18.69
CA GLN C 240 -3.66 5.33 -17.79
C GLN C 240 -2.15 5.33 -18.01
N GLY C 241 -1.45 5.12 -16.92
CA GLY C 241 0.02 5.16 -16.91
C GLY C 241 0.54 3.77 -17.23
N LEU C 242 1.46 3.70 -18.17
CA LEU C 242 2.06 2.44 -18.58
C LEU C 242 3.51 2.49 -18.21
N SER C 243 4.17 1.34 -18.35
CA SER C 243 5.62 1.24 -18.23
C SER C 243 6.24 0.90 -19.57
N GLY C 244 7.57 0.99 -19.60
CA GLY C 244 8.38 0.51 -20.71
C GLY C 244 8.06 -0.90 -21.19
N GLU C 245 7.73 -1.81 -20.26
CA GLU C 245 7.35 -3.19 -20.64
C GLU C 245 6.04 -3.33 -21.39
N ASP C 246 5.20 -2.31 -21.35
CA ASP C 246 3.95 -2.33 -22.08
C ASP C 246 4.10 -1.93 -23.55
N VAL C 247 5.27 -1.44 -23.93
CA VAL C 247 5.50 -0.82 -25.23
C VAL C 247 6.10 -1.85 -26.18
N LEU C 248 5.43 -2.06 -27.33
CA LEU C 248 5.74 -3.17 -28.21
C LEU C 248 6.69 -2.84 -29.37
N ALA C 249 7.07 -1.58 -29.52
CA ALA C 249 7.86 -1.17 -30.66
C ALA C 249 8.49 0.15 -30.33
N ARG C 250 9.27 0.64 -31.27
CA ARG C 250 9.90 1.94 -31.14
C ARG C 250 8.82 3.01 -31.35
N PRO C 251 8.70 3.95 -30.40
CA PRO C 251 7.69 5.02 -30.53
C PRO C 251 7.94 5.87 -31.77
N GLN C 252 6.86 6.28 -32.42
CA GLN C 252 6.91 7.09 -33.63
C GLN C 252 6.34 8.48 -33.39
N ARG C 253 7.12 9.52 -33.70
CA ARG C 253 6.59 10.88 -33.68
C ARG C 253 5.64 11.07 -34.85
N PHE C 254 4.39 11.45 -34.58
CA PHE C 254 3.40 11.62 -35.64
C PHE C 254 3.01 13.06 -35.92
N ALA C 255 3.44 13.98 -35.08
CA ALA C 255 3.19 15.40 -35.32
C ALA C 255 4.07 16.26 -34.48
N GLN C 256 4.41 17.40 -35.05
CA GLN C 256 5.21 18.43 -34.39
C GLN C 256 4.48 19.77 -34.51
N LEU C 257 4.34 20.47 -33.39
CA LEU C 257 3.59 21.73 -33.30
C LEU C 257 4.56 22.84 -32.90
N GLU C 258 4.96 23.66 -33.85
CA GLU C 258 5.87 24.78 -33.61
C GLU C 258 5.00 25.97 -33.27
N LEU C 259 4.97 26.37 -32.00
CA LEU C 259 3.93 27.32 -31.56
C LEU C 259 4.07 28.72 -32.15
N SER C 260 5.28 29.12 -32.56
CA SER C 260 5.49 30.40 -33.27
C SER C 260 4.87 30.46 -34.69
N ARG C 261 4.55 29.31 -35.29
CA ARG C 261 3.98 29.28 -36.65
C ARG C 261 2.54 29.82 -36.76
N ALA C 262 2.35 30.83 -37.62
CA ALA C 262 1.02 31.26 -38.02
C ALA C 262 0.39 30.14 -38.82
N GLY C 263 -0.93 30.07 -38.79
CA GLY C 263 -1.64 28.98 -39.44
C GLY C 263 -1.89 27.80 -38.51
N LEU C 264 -1.06 27.64 -37.47
CA LEU C 264 -1.24 26.57 -36.47
C LEU C 264 -2.64 26.60 -35.90
N GLU C 265 -3.12 27.80 -35.55
CA GLU C 265 -4.48 27.94 -34.99
C GLU C 265 -5.58 27.39 -35.89
N GLN C 266 -5.43 27.56 -37.21
CA GLN C 266 -6.45 27.07 -38.16
C GLN C 266 -6.34 25.55 -38.30
N GLU C 267 -5.10 25.04 -38.25
CA GLU C 267 -4.83 23.61 -38.36
C GLU C 267 -5.49 22.80 -37.23
N LEU C 268 -5.51 23.35 -36.01
CA LEU C 268 -6.06 22.65 -34.83
C LEU C 268 -7.48 22.19 -35.04
N GLU C 269 -8.32 23.07 -35.58
CA GLU C 269 -9.75 22.78 -35.70
C GLU C 269 -10.01 21.62 -36.67
N ALA C 270 -9.25 21.59 -37.77
CA ALA C 270 -9.36 20.55 -38.80
C ALA C 270 -8.77 19.21 -38.34
N GLY C 271 -7.71 19.29 -37.54
CA GLY C 271 -7.07 18.13 -36.92
C GLY C 271 -5.58 18.19 -37.16
N VAL C 272 -4.81 17.63 -36.23
CA VAL C 272 -3.40 17.41 -36.44
C VAL C 272 -3.04 15.93 -36.31
N GLY C 273 -1.97 15.55 -36.99
CA GLY C 273 -1.48 14.21 -36.93
C GLY C 273 -0.82 13.81 -38.23
N GLY C 274 -0.93 12.52 -38.55
CA GLY C 274 -0.22 11.96 -39.68
C GLY C 274 -0.13 10.44 -39.67
N ARG C 275 0.63 9.92 -40.62
CA ARG C 275 0.88 8.48 -40.75
C ARG C 275 2.04 8.04 -39.84
N PHE C 276 2.05 6.76 -39.51
CA PHE C 276 3.13 6.18 -38.74
C PHE C 276 3.29 4.72 -39.13
N ARG C 277 4.47 4.18 -38.84
CA ARG C 277 4.73 2.78 -39.11
C ARG C 277 5.80 2.33 -38.13
N CYS C 278 5.73 1.07 -37.69
CA CYS C 278 6.78 0.49 -36.86
C CYS C 278 6.69 -1.04 -36.85
N SER C 279 7.72 -1.70 -36.33
CA SER C 279 7.78 -3.16 -36.26
C SER C 279 7.87 -3.64 -34.82
N CYS C 280 7.12 -4.69 -34.48
CA CYS C 280 7.03 -5.14 -33.10
C CYS C 280 8.29 -5.88 -32.62
N TYR C 281 8.51 -5.83 -31.31
CA TYR C 281 9.70 -6.42 -30.68
C TYR C 281 9.62 -7.93 -30.53
N GLY C 282 8.45 -8.45 -30.20
CA GLY C 282 8.34 -9.87 -29.92
C GLY C 282 6.90 -10.29 -29.75
N SER C 283 6.74 -11.50 -29.26
CA SER C 283 5.44 -12.09 -29.06
C SER C 283 4.64 -11.36 -27.97
N ALA C 284 3.42 -10.91 -28.26
CA ALA C 284 2.58 -10.22 -27.27
C ALA C 284 1.12 -10.13 -27.67
N PRO C 285 0.21 -10.07 -26.70
CA PRO C 285 -1.17 -9.69 -27.02
C PRO C 285 -1.23 -8.16 -27.11
N MET C 286 -1.21 -7.63 -28.34
CA MET C 286 -1.43 -6.19 -28.55
C MET C 286 -2.85 -5.77 -28.23
N HIS C 287 -2.99 -4.74 -27.40
CA HIS C 287 -4.30 -4.22 -27.00
C HIS C 287 -4.73 -2.96 -27.73
N GLY C 288 -3.81 -2.34 -28.46
CA GLY C 288 -4.06 -1.03 -29.05
C GLY C 288 -2.80 -0.19 -29.05
N PHE C 289 -2.97 1.12 -28.87
CA PHE C 289 -1.93 2.09 -28.98
C PHE C 289 -1.91 2.99 -27.75
N ALA C 290 -0.76 3.57 -27.46
CA ALA C 290 -0.64 4.68 -26.53
C ALA C 290 -0.13 5.87 -27.30
N ILE C 291 -0.67 7.05 -26.96
CA ILE C 291 -0.13 8.32 -27.41
C ILE C 291 0.27 9.17 -26.22
N TRP C 292 1.28 10.01 -26.41
CA TRP C 292 1.75 10.92 -25.41
C TRP C 292 2.44 12.07 -26.10
N PHE C 293 2.98 12.99 -25.31
CA PHE C 293 3.58 14.18 -25.85
C PHE C 293 4.80 14.63 -25.07
N GLN C 294 5.51 15.59 -25.65
CA GLN C 294 6.50 16.34 -24.88
C GLN C 294 6.40 17.76 -25.34
N VAL C 295 6.87 18.67 -24.52
CA VAL C 295 7.01 20.08 -24.89
C VAL C 295 8.45 20.50 -24.60
N THR C 296 8.93 21.50 -25.33
CA THR C 296 10.36 21.91 -25.23
C THR C 296 10.49 23.41 -24.92
N PHE C 297 11.29 23.72 -23.90
CA PHE C 297 11.63 25.11 -23.56
C PHE C 297 12.94 25.45 -24.27
N PRO C 298 13.05 26.66 -24.86
CA PRO C 298 14.32 27.06 -25.45
C PRO C 298 15.45 27.12 -24.42
N GLY C 299 16.68 26.92 -24.88
CA GLY C 299 17.85 26.77 -24.00
C GLY C 299 18.34 28.03 -23.29
N GLY C 300 18.05 29.21 -23.86
CA GLY C 300 18.47 30.47 -23.25
C GLY C 300 19.98 30.69 -23.27
N GLU C 303 22.89 27.42 -22.07
CA GLU C 303 22.32 26.13 -21.70
C GLU C 303 21.71 25.39 -22.92
N LYS C 304 21.33 24.13 -22.71
CA LYS C 304 20.63 23.30 -23.71
C LYS C 304 19.07 23.35 -23.52
N PRO C 305 18.30 22.94 -24.54
CA PRO C 305 16.83 23.07 -24.43
C PRO C 305 16.25 22.01 -23.51
N LEU C 306 15.29 22.41 -22.67
CA LEU C 306 14.69 21.53 -21.68
C LEU C 306 13.39 20.90 -22.21
N VAL C 307 13.33 19.57 -22.18
CA VAL C 307 12.18 18.82 -22.65
C VAL C 307 11.35 18.31 -21.46
N LEU C 308 10.06 18.61 -21.44
CA LEU C 308 9.13 17.99 -20.48
C LEU C 308 8.40 16.85 -21.17
N SER C 309 8.69 15.60 -20.76
CA SER C 309 8.20 14.40 -21.43
C SER C 309 7.11 13.68 -20.63
N THR C 310 6.12 13.12 -21.33
CA THR C 310 5.09 12.27 -20.69
C THR C 310 5.16 10.81 -21.19
N SER C 311 6.31 10.40 -21.69
CA SER C 311 6.51 9.05 -22.20
C SER C 311 6.45 8.04 -21.07
N PRO C 312 5.94 6.84 -21.36
CA PRO C 312 6.01 5.77 -20.37
C PRO C 312 7.42 5.31 -20.04
N PHE C 313 8.39 5.66 -20.87
CA PHE C 313 9.79 5.34 -20.58
C PHE C 313 10.43 6.34 -19.61
N HIS C 314 9.77 7.48 -19.39
CA HIS C 314 10.32 8.56 -18.55
C HIS C 314 9.52 8.70 -17.25
N PRO C 315 10.06 9.48 -16.29
CA PRO C 315 9.36 9.60 -15.01
C PRO C 315 7.88 10.00 -15.18
N ALA C 316 7.01 9.38 -14.40
CA ALA C 316 5.59 9.57 -14.52
C ALA C 316 5.21 11.03 -14.27
N THR C 317 4.13 11.44 -14.95
CA THR C 317 3.47 12.72 -14.76
C THR C 317 1.98 12.48 -14.57
N HIS C 318 1.26 13.52 -14.16
CA HIS C 318 -0.19 13.43 -14.03
C HIS C 318 -0.94 13.26 -15.38
N TRP C 319 -0.28 13.55 -16.49
CA TRP C 319 -0.83 13.26 -17.82
C TRP C 319 -0.91 11.76 -18.17
N LYS C 320 -0.11 10.93 -17.51
CA LYS C 320 0.02 9.51 -17.84
C LYS C 320 0.24 9.35 -19.37
N GLN C 321 -0.43 8.38 -20.00
CA GLN C 321 -0.58 8.33 -21.46
C GLN C 321 -2.06 8.14 -21.82
N ALA C 322 -2.40 8.41 -23.08
CA ALA C 322 -3.77 8.27 -23.56
C ALA C 322 -3.82 6.99 -24.37
N LEU C 323 -4.65 6.03 -23.95
CA LEU C 323 -4.71 4.70 -24.57
C LEU C 323 -5.89 4.57 -25.53
N LEU C 324 -5.60 3.97 -26.69
CA LEU C 324 -6.53 3.74 -27.77
C LEU C 324 -6.65 2.23 -27.99
N TYR C 325 -7.66 1.62 -27.40
CA TYR C 325 -7.79 0.16 -27.46
C TYR C 325 -8.46 -0.29 -28.73
N LEU C 326 -7.92 -1.37 -29.29
CA LEU C 326 -8.64 -2.11 -30.34
C LEU C 326 -9.89 -2.74 -29.71
N ASN C 327 -10.82 -3.21 -30.54
CA ASN C 327 -12.02 -3.90 -29.99
C ASN C 327 -11.69 -5.22 -29.26
N GLU C 328 -10.58 -5.84 -29.61
CA GLU C 328 -10.13 -7.05 -28.94
C GLU C 328 -8.64 -7.20 -29.13
N PRO C 329 -7.97 -8.03 -28.30
CA PRO C 329 -6.53 -8.16 -28.55
C PRO C 329 -6.18 -8.82 -29.90
N VAL C 330 -5.00 -8.51 -30.43
N VAL C 330 -5.01 -8.51 -30.44
CA VAL C 330 -4.44 -9.16 -31.61
CA VAL C 330 -4.46 -9.21 -31.59
C VAL C 330 -3.05 -9.65 -31.23
C VAL C 330 -3.06 -9.65 -31.24
N GLN C 331 -2.77 -10.93 -31.47
CA GLN C 331 -1.44 -11.49 -31.18
C GLN C 331 -0.44 -10.94 -32.19
N VAL C 332 0.65 -10.36 -31.71
CA VAL C 332 1.74 -9.95 -32.56
C VAL C 332 2.99 -10.74 -32.23
N GLU C 333 3.94 -10.67 -33.15
CA GLU C 333 5.19 -11.41 -33.05
C GLU C 333 6.33 -10.48 -33.36
N GLN C 334 7.55 -10.95 -33.12
CA GLN C 334 8.72 -10.21 -33.55
C GLN C 334 8.56 -9.80 -35.03
N ASP C 335 8.96 -8.57 -35.34
CA ASP C 335 8.86 -7.99 -36.69
C ASP C 335 7.47 -7.85 -37.32
N THR C 336 6.39 -8.13 -36.60
CA THR C 336 5.04 -7.81 -37.09
C THR C 336 4.97 -6.32 -37.45
N ASP C 337 4.53 -6.03 -38.67
CA ASP C 337 4.45 -4.63 -39.14
C ASP C 337 3.15 -4.02 -38.64
N VAL C 338 3.24 -2.83 -38.05
CA VAL C 338 2.07 -2.11 -37.53
C VAL C 338 2.13 -0.72 -38.13
N SER C 339 1.02 -0.32 -38.75
CA SER C 339 0.99 0.97 -39.43
C SER C 339 -0.38 1.61 -39.26
N GLY C 340 -0.44 2.89 -39.57
CA GLY C 340 -1.70 3.59 -39.51
C GLY C 340 -1.63 5.07 -39.74
N GLU C 341 -2.73 5.72 -39.41
CA GLU C 341 -2.84 7.16 -39.59
C GLU C 341 -3.78 7.68 -38.51
N ILE C 342 -3.34 8.73 -37.84
CA ILE C 342 -4.07 9.27 -36.72
C ILE C 342 -4.35 10.76 -36.87
N THR C 343 -5.52 11.20 -36.40
CA THR C 343 -5.86 12.61 -36.33
C THR C 343 -6.48 12.98 -34.97
N LEU C 344 -5.99 14.07 -34.38
CA LEU C 344 -6.49 14.58 -33.11
C LEU C 344 -7.23 15.85 -33.46
N LEU C 345 -8.49 15.91 -33.08
CA LEU C 345 -9.32 17.06 -33.37
C LEU C 345 -10.38 17.25 -32.29
N PRO C 346 -10.97 18.47 -32.24
CA PRO C 346 -12.08 18.70 -31.30
C PRO C 346 -13.35 17.89 -31.61
N SER C 347 -14.06 17.43 -30.58
CA SER C 347 -15.34 16.75 -30.79
C SER C 347 -16.37 17.73 -31.33
N ARG C 348 -17.37 17.20 -32.02
CA ARG C 348 -18.51 17.98 -32.55
C ARG C 348 -19.31 18.73 -31.49
N ASP C 349 -19.87 17.97 -30.55
CA ASP C 349 -20.77 18.53 -29.51
C ASP C 349 -20.05 19.30 -28.40
N ASN C 350 -18.76 19.04 -28.20
CA ASN C 350 -17.98 19.77 -27.22
C ASN C 350 -16.57 20.02 -27.73
N PRO C 351 -16.27 21.24 -28.20
CA PRO C 351 -14.94 21.50 -28.75
C PRO C 351 -13.77 21.43 -27.77
N ARG C 352 -14.02 21.31 -26.48
CA ARG C 352 -12.96 21.05 -25.49
C ARG C 352 -12.67 19.57 -25.28
N ARG C 353 -13.42 18.69 -25.94
CA ARG C 353 -13.24 17.26 -25.80
C ARG C 353 -12.44 16.71 -26.97
N LEU C 354 -11.33 16.04 -26.66
CA LEU C 354 -10.50 15.45 -27.70
C LEU C 354 -11.22 14.27 -28.36
N ARG C 355 -11.16 14.28 -29.68
CA ARG C 355 -11.49 13.14 -30.50
C ARG C 355 -10.24 12.67 -31.21
N VAL C 356 -10.16 11.35 -31.41
CA VAL C 356 -9.06 10.72 -32.13
C VAL C 356 -9.62 9.81 -33.21
N LEU C 357 -9.24 10.07 -34.45
CA LEU C 357 -9.59 9.19 -35.57
C LEU C 357 -8.37 8.36 -35.89
N LEU C 358 -8.54 7.03 -35.83
CA LEU C 358 -7.43 6.12 -36.07
C LEU C 358 -7.74 5.14 -37.19
N ARG C 359 -6.88 5.13 -38.20
CA ARG C 359 -6.82 4.01 -39.12
C ARG C 359 -5.59 3.19 -38.76
N TYR C 360 -5.70 1.87 -38.78
CA TYR C 360 -4.55 1.06 -38.39
C TYR C 360 -4.57 -0.30 -39.06
N LYS C 361 -3.38 -0.86 -39.25
CA LYS C 361 -3.22 -2.19 -39.81
C LYS C 361 -2.19 -2.92 -38.96
N VAL C 362 -2.58 -4.09 -38.45
CA VAL C 362 -1.68 -4.96 -37.70
C VAL C 362 -1.40 -6.20 -38.55
N GLY C 363 -0.14 -6.39 -38.93
CA GLY C 363 0.27 -7.55 -39.71
C GLY C 363 -0.49 -7.63 -41.02
N ASP C 364 -0.99 -8.81 -41.37
CA ASP C 364 -1.80 -9.03 -42.58
C ASP C 364 -3.30 -8.97 -42.30
N GLN C 365 -3.70 -8.52 -41.11
CA GLN C 365 -5.09 -8.18 -40.88
C GLN C 365 -5.43 -7.01 -41.78
N GLU C 366 -6.69 -6.95 -42.20
CA GLU C 366 -7.14 -5.84 -43.00
C GLU C 366 -7.09 -4.57 -42.14
N GLU C 367 -6.89 -3.44 -42.81
CA GLU C 367 -6.92 -2.13 -42.16
C GLU C 367 -8.28 -1.95 -41.53
N LYS C 368 -8.30 -1.35 -40.33
CA LYS C 368 -9.51 -0.99 -39.62
C LYS C 368 -9.47 0.47 -39.19
N THR C 369 -10.67 1.00 -38.92
CA THR C 369 -10.85 2.34 -38.42
C THR C 369 -11.55 2.30 -37.05
N LYS C 370 -11.12 3.17 -36.12
CA LYS C 370 -11.82 3.36 -34.85
C LYS C 370 -11.78 4.84 -34.47
N ASP C 371 -12.90 5.32 -33.92
CA ASP C 371 -13.17 6.75 -33.70
C ASP C 371 -13.35 6.91 -32.19
N PHE C 372 -12.38 7.52 -31.52
CA PHE C 372 -12.40 7.60 -30.06
C PHE C 372 -12.75 9.02 -29.60
N ALA C 373 -13.24 9.14 -28.37
CA ALA C 373 -13.43 10.45 -27.73
C ALA C 373 -13.02 10.36 -26.24
N MET C 374 -12.47 11.43 -25.68
CA MET C 374 -11.96 11.42 -24.30
C MET C 374 -13.01 10.99 -23.26
N GLU C 375 -12.65 10.05 -22.37
CA GLU C 375 -13.55 9.60 -21.30
C GLU C 375 -13.92 10.80 -20.43
N ASP C 376 -15.18 10.83 -19.98
CA ASP C 376 -15.75 11.99 -19.26
C ASP C 376 -15.56 11.83 -17.75
N ARG D 36 34.53 -15.69 9.51
CA ARG D 36 33.21 -16.27 9.94
C ARG D 36 33.40 -17.25 11.11
N PRO D 37 32.49 -17.24 12.13
CA PRO D 37 32.54 -18.25 13.21
C PRO D 37 32.27 -19.68 12.70
N ARG D 38 33.22 -20.59 12.91
CA ARG D 38 33.20 -21.90 12.24
C ARG D 38 32.10 -22.85 12.73
N ARG D 39 31.31 -23.34 11.78
CA ARG D 39 30.33 -24.41 12.05
C ARG D 39 30.62 -25.55 11.07
N THR D 40 30.47 -26.78 11.54
CA THR D 40 30.59 -27.93 10.66
C THR D 40 29.36 -28.08 9.75
N LYS D 41 29.53 -28.83 8.68
CA LYS D 41 28.44 -29.15 7.74
C LYS D 41 27.19 -29.65 8.48
N ARG D 42 27.38 -30.64 9.34
CA ARG D 42 26.26 -31.21 10.08
C ARG D 42 25.51 -30.15 10.92
N GLU D 43 26.25 -29.25 11.54
CA GLU D 43 25.68 -28.16 12.34
C GLU D 43 24.93 -27.15 11.49
N ARG D 44 25.50 -26.79 10.34
CA ARG D 44 24.88 -25.83 9.42
C ARG D 44 23.55 -26.39 8.91
N ASP D 45 23.57 -27.67 8.54
CA ASP D 45 22.40 -28.36 8.02
C ASP D 45 21.34 -28.39 9.09
N GLN D 46 21.71 -28.75 10.31
CA GLN D 46 20.79 -28.73 11.45
C GLN D 46 20.14 -27.36 11.66
N LEU D 47 20.93 -26.28 11.57
CA LEU D 47 20.37 -24.93 11.76
C LEU D 47 19.45 -24.51 10.60
N TYR D 48 19.80 -24.91 9.38
CA TYR D 48 18.96 -24.65 8.21
C TYR D 48 17.60 -25.33 8.38
N TYR D 49 17.59 -26.62 8.69
CA TYR D 49 16.33 -27.35 8.88
C TYR D 49 15.49 -26.92 10.08
N GLU D 50 16.13 -26.47 11.16
CA GLU D 50 15.42 -26.00 12.34
C GLU D 50 14.60 -24.73 12.05
N CYS D 51 15.12 -23.92 11.16
CA CYS D 51 14.40 -22.74 10.73
C CYS D 51 13.09 -23.10 9.96
N TYR D 52 13.11 -24.21 9.21
CA TYR D 52 11.88 -24.71 8.58
C TYR D 52 10.93 -25.46 9.53
N SER D 53 11.31 -25.59 10.80
CA SER D 53 10.46 -26.28 11.78
C SER D 53 9.45 -25.33 12.40
N ASP D 54 9.60 -24.02 12.14
CA ASP D 54 8.72 -22.98 12.67
C ASP D 54 7.61 -22.65 11.68
N VAL D 55 6.44 -22.29 12.20
CA VAL D 55 5.24 -22.02 11.38
C VAL D 55 5.35 -20.82 10.40
N SER D 56 6.08 -19.78 10.79
CA SER D 56 6.07 -18.54 10.05
C SER D 56 6.48 -18.61 8.58
N VAL D 57 7.56 -19.34 8.26
CA VAL D 57 7.97 -19.51 6.86
C VAL D 57 6.91 -20.28 6.04
N HIS D 58 6.29 -21.32 6.62
CA HIS D 58 5.23 -22.09 5.93
C HIS D 58 3.93 -21.28 5.73
N GLU D 59 3.58 -20.47 6.73
CA GLU D 59 2.50 -19.50 6.60
C GLU D 59 2.79 -18.55 5.44
N GLU D 60 4.02 -18.05 5.37
CA GLU D 60 4.34 -17.08 4.33
C GLU D 60 4.29 -17.74 2.95
N MET D 61 4.77 -18.98 2.87
CA MET D 61 4.78 -19.70 1.60
C MET D 61 3.34 -19.99 1.12
N ILE D 62 2.53 -20.54 2.01
CA ILE D 62 1.15 -20.91 1.68
C ILE D 62 0.27 -19.69 1.44
N ALA D 63 0.50 -18.60 2.19
CA ALA D 63 -0.15 -17.32 1.93
C ALA D 63 0.24 -16.68 0.59
N ASP D 64 1.41 -17.05 0.05
CA ASP D 64 1.83 -16.61 -1.28
C ASP D 64 0.96 -17.32 -2.34
N ARG D 65 -0.13 -16.68 -2.73
CA ARG D 65 -1.10 -17.31 -3.64
C ARG D 65 -0.52 -17.55 -5.02
N VAL D 66 0.29 -16.60 -5.49
CA VAL D 66 0.91 -16.71 -6.79
C VAL D 66 1.74 -17.99 -6.84
N ARG D 67 2.54 -18.21 -5.80
CA ARG D 67 3.36 -19.42 -5.70
C ARG D 67 2.52 -20.67 -5.57
N THR D 68 1.59 -20.66 -4.64
CA THR D 68 0.89 -21.90 -4.29
C THR D 68 -0.10 -22.34 -5.40
N ASP D 69 -0.77 -21.38 -6.02
CA ASP D 69 -1.63 -21.68 -7.17
C ASP D 69 -0.86 -22.08 -8.44
N ALA D 70 0.35 -21.56 -8.62
CA ALA D 70 1.20 -22.02 -9.74
C ALA D 70 1.48 -23.49 -9.63
N TYR D 71 1.85 -23.95 -8.44
CA TYR D 71 2.12 -25.37 -8.20
C TYR D 71 0.86 -26.22 -8.26
N ARG D 72 -0.20 -25.76 -7.64
CA ARG D 72 -1.48 -26.43 -7.68
C ARG D 72 -1.90 -26.65 -9.13
N LEU D 73 -1.92 -25.59 -9.93
CA LEU D 73 -2.33 -25.68 -11.34
C LEU D 73 -1.29 -26.42 -12.20
N GLY D 74 0.00 -26.23 -11.89
CA GLY D 74 1.07 -26.93 -12.62
C GLY D 74 0.98 -28.42 -12.42
N ILE D 75 0.63 -28.83 -11.20
CA ILE D 75 0.40 -30.23 -10.88
C ILE D 75 -0.89 -30.79 -11.53
N LEU D 76 -2.04 -30.12 -11.36
CA LEU D 76 -3.32 -30.61 -11.88
C LEU D 76 -3.34 -30.68 -13.40
N ARG D 77 -2.76 -29.69 -14.08
CA ARG D 77 -2.55 -29.73 -15.56
C ARG D 77 -1.79 -30.96 -16.04
N ASN D 78 -0.95 -31.53 -15.17
CA ASN D 78 -0.18 -32.73 -15.48
C ASN D 78 -0.83 -34.01 -14.94
N TRP D 79 -2.16 -33.98 -14.76
CA TRP D 79 -2.95 -35.15 -14.34
C TRP D 79 -2.63 -36.41 -15.14
N ALA D 80 -2.35 -36.25 -16.44
CA ALA D 80 -2.17 -37.39 -17.35
C ALA D 80 -0.91 -38.16 -17.00
N ALA D 81 0.17 -37.43 -16.72
CA ALA D 81 1.42 -38.07 -16.29
C ALA D 81 1.41 -38.50 -14.81
N LEU D 82 0.45 -38.02 -14.02
CA LEU D 82 0.38 -38.34 -12.58
C LEU D 82 -0.73 -39.35 -12.20
N ARG D 83 -1.79 -39.47 -13.00
CA ARG D 83 -2.87 -40.48 -12.76
C ARG D 83 -2.28 -41.87 -12.54
N GLY D 84 -2.50 -42.43 -11.36
CA GLY D 84 -2.03 -43.78 -11.03
C GLY D 84 -0.53 -43.95 -10.90
N LYS D 85 0.21 -42.84 -10.85
CA LYS D 85 1.67 -42.86 -10.86
C LYS D 85 2.19 -42.46 -9.50
N THR D 86 3.49 -42.62 -9.31
CA THR D 86 4.14 -42.33 -8.03
C THR D 86 4.97 -41.02 -8.10
N VAL D 87 4.97 -40.26 -7.01
CA VAL D 87 5.61 -38.93 -6.96
C VAL D 87 6.53 -38.81 -5.74
N LEU D 88 7.70 -38.20 -5.94
CA LEU D 88 8.54 -37.75 -4.84
C LEU D 88 8.41 -36.23 -4.69
N ASP D 89 7.97 -35.79 -3.50
CA ASP D 89 7.93 -34.38 -3.12
C ASP D 89 9.24 -34.11 -2.35
N VAL D 90 10.17 -33.37 -2.97
CA VAL D 90 11.45 -33.08 -2.32
C VAL D 90 11.31 -31.86 -1.43
N GLY D 91 11.24 -32.08 -0.13
CA GLY D 91 11.05 -30.97 0.82
C GLY D 91 9.59 -30.67 0.96
N ALA D 92 8.85 -31.65 1.50
CA ALA D 92 7.40 -31.61 1.53
C ALA D 92 6.85 -30.57 2.50
N GLY D 93 7.63 -30.20 3.51
CA GLY D 93 7.21 -29.11 4.45
C GLY D 93 5.97 -29.56 5.22
N THR D 94 4.91 -28.76 5.16
CA THR D 94 3.58 -29.09 5.73
C THR D 94 2.74 -30.09 4.91
N GLY D 95 3.28 -30.55 3.78
CA GLY D 95 2.65 -31.61 2.97
C GLY D 95 1.77 -31.11 1.84
N ILE D 96 1.64 -29.81 1.66
CA ILE D 96 0.65 -29.24 0.72
C ILE D 96 0.80 -29.70 -0.74
N LEU D 97 2.03 -29.68 -1.28
CA LEU D 97 2.23 -30.06 -2.69
C LEU D 97 1.95 -31.55 -2.88
N SER D 98 2.31 -32.34 -1.87
CA SER D 98 2.05 -33.79 -1.88
C SER D 98 0.56 -34.10 -1.96
N ILE D 99 -0.23 -33.34 -1.21
CA ILE D 99 -1.67 -33.47 -1.24
C ILE D 99 -2.25 -33.03 -2.59
N PHE D 100 -1.77 -31.91 -3.13
CA PHE D 100 -2.17 -31.52 -4.49
C PHE D 100 -1.94 -32.65 -5.50
N CYS D 101 -0.82 -33.37 -5.35
CA CYS D 101 -0.47 -34.50 -6.23
C CYS D 101 -1.44 -35.69 -6.09
N ALA D 102 -1.75 -36.04 -4.84
CA ALA D 102 -2.80 -37.02 -4.56
C ALA D 102 -4.13 -36.59 -5.17
N GLN D 103 -4.49 -35.31 -5.05
CA GLN D 103 -5.72 -34.77 -5.66
C GLN D 103 -5.69 -34.85 -7.20
N ALA D 104 -4.50 -34.84 -7.79
CA ALA D 104 -4.28 -35.03 -9.23
C ALA D 104 -4.38 -36.48 -9.69
N GLY D 105 -4.54 -37.41 -8.74
CA GLY D 105 -4.74 -38.82 -9.02
C GLY D 105 -3.53 -39.68 -8.79
N ALA D 106 -2.47 -39.14 -8.15
CA ALA D 106 -1.27 -39.95 -7.86
C ALA D 106 -1.67 -41.16 -7.03
N ARG D 107 -1.07 -42.30 -7.33
CA ARG D 107 -1.32 -43.55 -6.60
C ARG D 107 -0.61 -43.56 -5.25
N ARG D 108 0.66 -43.15 -5.26
CA ARG D 108 1.49 -43.05 -4.06
C ARG D 108 2.35 -41.79 -4.17
N VAL D 109 2.38 -40.97 -3.12
CA VAL D 109 3.30 -39.82 -3.03
C VAL D 109 4.22 -40.00 -1.81
N TYR D 110 5.53 -39.91 -2.04
CA TYR D 110 6.50 -39.87 -0.95
C TYR D 110 6.89 -38.43 -0.63
N ALA D 111 6.54 -38.00 0.57
CA ALA D 111 6.75 -36.65 1.06
C ALA D 111 7.97 -36.65 1.95
N VAL D 112 9.13 -36.31 1.40
CA VAL D 112 10.39 -36.36 2.12
C VAL D 112 10.66 -34.97 2.71
N GLU D 113 10.98 -34.94 4.00
CA GLU D 113 11.22 -33.67 4.68
C GLU D 113 12.20 -33.83 5.84
N ALA D 114 13.28 -33.08 5.77
CA ALA D 114 14.40 -33.18 6.72
C ALA D 114 14.21 -32.37 8.00
N SER D 115 13.32 -31.38 7.96
CA SER D 115 13.01 -30.56 9.12
C SER D 115 11.95 -31.24 9.96
N ALA D 116 11.88 -30.85 11.23
CA ALA D 116 10.89 -31.38 12.18
C ALA D 116 9.43 -31.11 11.76
N ILE D 117 9.24 -30.20 10.79
CA ILE D 117 7.94 -29.94 10.18
C ILE D 117 7.30 -31.16 9.54
N TRP D 118 8.09 -32.21 9.24
CA TRP D 118 7.54 -33.48 8.78
C TRP D 118 6.42 -34.02 9.69
N GLN D 119 6.53 -33.74 10.99
CA GLN D 119 5.51 -34.19 11.95
C GLN D 119 4.19 -33.50 11.67
N GLN D 120 4.26 -32.23 11.29
CA GLN D 120 3.06 -31.49 10.89
C GLN D 120 2.51 -32.01 9.56
N ALA D 121 3.39 -32.32 8.60
CA ALA D 121 2.94 -32.93 7.36
C ALA D 121 2.17 -34.22 7.62
N ARG D 122 2.76 -35.10 8.43
CA ARG D 122 2.16 -36.39 8.78
C ARG D 122 0.73 -36.24 9.32
N GLU D 123 0.51 -35.22 10.17
CA GLU D 123 -0.80 -34.90 10.73
C GLU D 123 -1.77 -34.30 9.73
N VAL D 124 -1.29 -33.41 8.85
CA VAL D 124 -2.14 -32.86 7.78
C VAL D 124 -2.66 -33.98 6.83
N VAL D 125 -1.77 -34.90 6.47
CA VAL D 125 -2.14 -36.02 5.63
C VAL D 125 -3.21 -36.90 6.31
N ARG D 126 -2.93 -37.34 7.54
CA ARG D 126 -3.91 -38.12 8.34
C ARG D 126 -5.26 -37.39 8.46
N PHE D 127 -5.23 -36.10 8.80
CA PHE D 127 -6.44 -35.28 8.90
C PHE D 127 -7.27 -35.14 7.60
N ASN D 128 -6.61 -35.27 6.44
CA ASN D 128 -7.27 -35.21 5.13
C ASN D 128 -7.60 -36.61 4.59
N GLY D 129 -7.38 -37.64 5.40
CA GLY D 129 -7.73 -39.02 5.08
C GLY D 129 -6.91 -39.62 3.96
N LEU D 130 -5.65 -39.20 3.81
CA LEU D 130 -4.80 -39.59 2.69
C LEU D 130 -3.58 -40.40 3.08
N GLU D 131 -3.61 -41.02 4.25
CA GLU D 131 -2.44 -41.74 4.77
C GLU D 131 -2.01 -42.97 3.97
N ASP D 132 -2.93 -43.60 3.23
CA ASP D 132 -2.54 -44.76 2.39
C ASP D 132 -1.87 -44.33 1.07
N ARG D 133 -2.15 -43.11 0.62
CA ARG D 133 -1.57 -42.57 -0.63
C ARG D 133 -0.32 -41.66 -0.44
N VAL D 134 -0.39 -40.69 0.48
CA VAL D 134 0.78 -39.84 0.82
C VAL D 134 1.57 -40.43 2.02
N HIS D 135 2.81 -40.87 1.78
CA HIS D 135 3.69 -41.32 2.87
C HIS D 135 4.80 -40.28 3.22
N VAL D 136 4.69 -39.72 4.42
CA VAL D 136 5.69 -38.77 4.91
C VAL D 136 6.90 -39.52 5.39
N LEU D 137 8.07 -39.22 4.81
CA LEU D 137 9.33 -39.83 5.22
C LEU D 137 10.30 -38.79 5.79
N PRO D 138 10.70 -38.92 7.07
CA PRO D 138 11.63 -37.89 7.63
C PRO D 138 13.06 -38.03 7.15
N GLY D 139 13.75 -36.89 7.09
CA GLY D 139 15.19 -36.83 6.86
C GLY D 139 15.57 -36.25 5.51
N PRO D 140 16.88 -36.09 5.26
CA PRO D 140 17.31 -35.51 3.99
C PRO D 140 17.01 -36.45 2.82
N VAL D 141 16.64 -35.89 1.67
CA VAL D 141 16.36 -36.70 0.49
C VAL D 141 17.59 -37.48 0.02
N GLU D 142 18.76 -36.94 0.33
CA GLU D 142 20.06 -37.57 0.03
C GLU D 142 20.25 -38.98 0.66
N THR D 143 19.67 -39.21 1.85
CA THR D 143 19.81 -40.48 2.58
C THR D 143 18.51 -41.29 2.80
N VAL D 144 17.37 -40.75 2.40
CA VAL D 144 16.09 -41.44 2.61
C VAL D 144 15.95 -42.62 1.63
N GLU D 145 15.29 -43.69 2.08
CA GLU D 145 15.11 -44.89 1.29
C GLU D 145 13.66 -44.97 0.87
N LEU D 146 13.43 -44.88 -0.44
CA LEU D 146 12.11 -45.16 -1.00
C LEU D 146 12.04 -46.65 -1.34
N PRO D 147 10.81 -47.24 -1.39
CA PRO D 147 10.69 -48.64 -1.80
C PRO D 147 10.86 -48.90 -3.31
N GLU D 148 10.86 -47.82 -4.09
CA GLU D 148 10.84 -47.89 -5.55
C GLU D 148 11.25 -46.54 -6.15
N GLN D 149 11.63 -46.56 -7.42
CA GLN D 149 11.78 -45.32 -8.18
C GLN D 149 10.42 -44.69 -8.48
N VAL D 150 10.45 -43.41 -8.86
CA VAL D 150 9.21 -42.66 -9.05
C VAL D 150 9.07 -42.18 -10.46
N ASP D 151 7.82 -41.89 -10.81
CA ASP D 151 7.46 -41.40 -12.12
C ASP D 151 7.60 -39.88 -12.24
N ALA D 152 7.56 -39.18 -11.10
CA ALA D 152 7.68 -37.74 -11.09
C ALA D 152 8.29 -37.19 -9.79
N ILE D 153 8.89 -36.01 -9.91
CA ILE D 153 9.38 -35.25 -8.76
C ILE D 153 8.70 -33.90 -8.77
N VAL D 154 8.19 -33.51 -7.61
CA VAL D 154 7.74 -32.13 -7.43
C VAL D 154 8.59 -31.51 -6.30
N SER D 155 8.94 -30.24 -6.44
CA SER D 155 9.71 -29.55 -5.39
C SER D 155 9.61 -28.05 -5.52
N GLU D 156 9.46 -27.38 -4.39
CA GLU D 156 9.59 -25.94 -4.34
C GLU D 156 10.85 -25.68 -3.56
N TRP D 157 11.91 -25.48 -4.34
CA TRP D 157 13.29 -25.46 -3.87
C TRP D 157 13.91 -24.09 -3.98
N MET D 158 13.16 -23.10 -4.48
CA MET D 158 13.75 -21.84 -4.89
C MET D 158 13.90 -20.91 -3.68
N GLY D 159 15.09 -20.33 -3.57
CA GLY D 159 15.36 -19.33 -2.55
C GLY D 159 15.34 -17.95 -3.12
N TYR D 160 15.57 -16.96 -2.24
CA TYR D 160 15.80 -15.60 -2.68
C TYR D 160 16.91 -15.62 -3.69
N GLY D 161 16.76 -14.78 -4.71
CA GLY D 161 17.65 -14.75 -5.86
C GLY D 161 17.81 -16.11 -6.50
N LEU D 162 16.73 -16.91 -6.45
CA LEU D 162 16.67 -18.29 -6.94
C LEU D 162 17.50 -19.29 -6.12
N LEU D 163 18.79 -19.01 -5.97
CA LEU D 163 19.72 -20.07 -5.54
C LEU D 163 20.17 -19.94 -4.08
N HIS D 164 19.76 -18.91 -3.35
CA HIS D 164 19.98 -18.89 -1.90
C HIS D 164 19.31 -20.13 -1.29
N GLU D 165 19.97 -20.68 -0.25
CA GLU D 165 19.68 -21.99 0.40
C GLU D 165 20.41 -23.20 -0.21
N SER D 166 20.72 -23.11 -1.50
CA SER D 166 21.38 -24.15 -2.28
C SER D 166 20.61 -25.46 -2.29
N MET D 167 19.27 -25.37 -2.27
CA MET D 167 18.44 -26.56 -2.21
C MET D 167 18.41 -27.30 -3.54
N LEU D 168 18.64 -26.60 -4.66
CA LEU D 168 18.56 -27.23 -5.98
C LEU D 168 19.41 -28.52 -6.09
N SER D 169 20.61 -28.53 -5.51
CA SER D 169 21.47 -29.72 -5.61
C SER D 169 20.80 -30.95 -4.98
N SER D 170 19.98 -30.74 -3.94
CA SER D 170 19.21 -31.82 -3.33
C SER D 170 18.14 -32.38 -4.28
N VAL D 171 17.46 -31.48 -5.00
CA VAL D 171 16.46 -31.90 -6.00
C VAL D 171 17.14 -32.68 -7.13
N LEU D 172 18.32 -32.20 -7.55
CA LEU D 172 19.07 -32.88 -8.61
C LEU D 172 19.59 -34.23 -8.13
N HIS D 173 20.05 -34.28 -6.87
CA HIS D 173 20.46 -35.55 -6.23
C HIS D 173 19.30 -36.58 -6.25
N ALA D 174 18.10 -36.12 -5.90
CA ALA D 174 16.92 -36.98 -5.92
C ALA D 174 16.53 -37.41 -7.35
N ARG D 175 16.69 -36.50 -8.32
CA ARG D 175 16.45 -36.83 -9.75
C ARG D 175 17.32 -38.00 -10.21
N THR D 176 18.61 -37.90 -9.93
CA THR D 176 19.57 -38.90 -10.36
C THR D 176 19.30 -40.28 -9.75
N LYS D 177 18.95 -40.29 -8.47
CA LYS D 177 18.79 -41.50 -7.69
C LYS D 177 17.41 -42.14 -7.79
N TRP D 178 16.35 -41.33 -7.86
CA TRP D 178 14.99 -41.85 -7.70
C TRP D 178 14.04 -41.65 -8.87
N LEU D 179 14.35 -40.73 -9.80
CA LEU D 179 13.44 -40.47 -10.90
C LEU D 179 13.72 -41.44 -12.04
N LYS D 180 12.68 -42.13 -12.50
CA LYS D 180 12.77 -43.05 -13.65
C LYS D 180 13.16 -42.29 -14.92
N GLU D 181 13.82 -43.00 -15.84
CA GLU D 181 14.21 -42.40 -17.15
C GLU D 181 12.93 -41.92 -17.84
N GLY D 182 12.96 -40.69 -18.35
CA GLY D 182 11.74 -40.06 -18.91
C GLY D 182 10.75 -39.50 -17.90
N GLY D 183 11.13 -39.48 -16.61
CA GLY D 183 10.25 -39.02 -15.54
C GLY D 183 9.98 -37.51 -15.57
N LEU D 184 8.88 -37.11 -14.93
CA LEU D 184 8.43 -35.73 -14.90
C LEU D 184 9.10 -34.96 -13.74
N LEU D 185 9.46 -33.72 -14.00
CA LEU D 185 10.10 -32.84 -13.00
C LEU D 185 9.31 -31.56 -12.92
N LEU D 186 8.80 -31.22 -11.74
CA LEU D 186 7.94 -30.05 -11.55
C LEU D 186 8.51 -29.06 -10.51
N PRO D 187 8.90 -27.83 -10.89
CA PRO D 187 8.99 -27.35 -12.30
C PRO D 187 10.17 -28.01 -13.02
N ALA D 188 10.31 -27.74 -14.32
CA ALA D 188 11.33 -28.38 -15.18
C ALA D 188 12.55 -27.50 -15.44
N SER D 189 12.36 -26.19 -15.33
CA SER D 189 13.41 -25.24 -15.64
C SER D 189 13.27 -23.94 -14.85
N ALA D 190 14.34 -23.15 -14.89
CA ALA D 190 14.39 -21.87 -14.23
C ALA D 190 15.21 -20.92 -15.06
N GLU D 191 14.85 -19.63 -15.00
CA GLU D 191 15.55 -18.58 -15.70
C GLU D 191 15.78 -17.39 -14.75
N LEU D 192 16.86 -16.67 -15.00
CA LEU D 192 17.33 -15.59 -14.14
C LEU D 192 17.47 -14.33 -14.95
N PHE D 193 17.03 -13.22 -14.37
CA PHE D 193 16.93 -11.94 -15.08
C PHE D 193 17.60 -10.82 -14.28
N ILE D 194 18.09 -9.81 -14.96
CA ILE D 194 18.73 -8.67 -14.33
C ILE D 194 18.33 -7.39 -15.05
N VAL D 195 18.21 -6.29 -14.30
CA VAL D 195 17.96 -5.00 -14.90
C VAL D 195 18.52 -3.91 -13.98
N PRO D 196 19.02 -2.81 -14.55
CA PRO D 196 19.34 -1.70 -13.64
C PRO D 196 18.10 -1.04 -13.05
N ILE D 197 18.25 -0.55 -11.82
CA ILE D 197 17.16 0.05 -11.08
C ILE D 197 17.47 1.43 -10.49
N SER D 198 16.42 2.24 -10.34
CA SER D 198 16.41 3.43 -9.50
C SER D 198 15.32 3.15 -8.47
N ASP D 199 15.75 2.64 -7.32
CA ASP D 199 14.88 2.30 -6.19
C ASP D 199 14.27 3.58 -5.58
N GLN D 200 12.98 3.78 -5.81
CA GLN D 200 12.28 4.98 -5.35
C GLN D 200 12.26 5.08 -3.82
N MET D 201 12.06 3.93 -3.17
CA MET D 201 12.10 3.84 -1.70
C MET D 201 13.48 4.25 -1.13
N LEU D 202 14.55 3.74 -1.72
CA LEU D 202 15.89 4.11 -1.31
C LEU D 202 16.13 5.59 -1.53
N GLU D 203 15.68 6.13 -2.67
CA GLU D 203 15.83 7.55 -2.96
C GLU D 203 15.13 8.42 -1.88
N TRP D 204 13.92 8.02 -1.47
CA TRP D 204 13.22 8.66 -0.35
C TRP D 204 14.06 8.61 0.93
N ARG D 205 14.64 7.44 1.26
CA ARG D 205 15.44 7.32 2.47
C ARG D 205 16.71 8.17 2.44
N LEU D 206 17.37 8.24 1.28
CA LEU D 206 18.55 9.09 1.15
C LEU D 206 18.19 10.56 1.24
N GLY D 207 17.04 10.95 0.69
CA GLY D 207 16.58 12.34 0.74
C GLY D 207 16.00 12.80 2.09
N PHE D 208 15.82 11.86 3.01
CA PHE D 208 15.18 12.13 4.31
C PHE D 208 15.90 13.24 5.07
N TRP D 209 17.22 13.17 5.06
CA TRP D 209 18.08 14.09 5.81
C TRP D 209 17.99 15.53 5.33
N SER D 210 17.64 15.74 4.05
CA SER D 210 17.34 17.06 3.50
C SER D 210 15.96 17.59 3.86
N GLN D 211 15.07 16.73 4.33
CA GLN D 211 13.71 17.13 4.71
C GLN D 211 13.57 17.45 6.20
N VAL D 212 14.59 17.17 7.00
CA VAL D 212 14.58 17.42 8.45
C VAL D 212 14.35 18.91 8.80
N LYS D 213 15.03 19.81 8.08
CA LYS D 213 14.86 21.28 8.29
C LYS D 213 13.39 21.72 8.23
N GLN D 214 12.65 21.20 7.25
CA GLN D 214 11.23 21.49 7.07
C GLN D 214 10.38 21.07 8.30
N HIS D 215 10.63 19.88 8.83
CA HIS D 215 9.90 19.39 10.00
C HIS D 215 10.38 20.01 11.32
N TYR D 216 11.69 20.17 11.50
CA TYR D 216 12.24 20.46 12.84
C TYR D 216 13.12 21.71 12.98
N GLY D 217 13.36 22.46 11.90
CA GLY D 217 14.25 23.63 11.95
C GLY D 217 15.72 23.34 12.22
N VAL D 218 16.15 22.11 11.92
CA VAL D 218 17.55 21.71 12.05
C VAL D 218 17.97 21.12 10.70
N ASP D 219 19.04 21.66 10.15
CA ASP D 219 19.49 21.25 8.82
C ASP D 219 20.40 20.05 8.95
N MET D 220 19.93 18.93 8.40
CA MET D 220 20.69 17.70 8.44
C MET D 220 21.03 17.20 7.04
N SER D 221 20.99 18.10 6.04
CA SER D 221 21.25 17.69 4.64
C SER D 221 22.67 17.15 4.43
N CYS D 222 23.59 17.57 5.28
CA CYS D 222 24.97 17.08 5.29
C CYS D 222 25.12 15.60 5.66
N LEU D 223 24.07 14.96 6.17
CA LEU D 223 24.13 13.51 6.43
C LEU D 223 23.76 12.59 5.24
N GLU D 224 23.45 13.16 4.08
CA GLU D 224 23.16 12.35 2.88
C GLU D 224 24.31 11.38 2.56
N GLY D 225 25.55 11.89 2.58
CA GLY D 225 26.73 11.05 2.35
C GLY D 225 26.84 9.85 3.29
N PHE D 226 26.67 10.13 4.58
CA PHE D 226 26.62 9.09 5.60
C PHE D 226 25.52 8.06 5.32
N ALA D 227 24.33 8.52 4.96
CA ALA D 227 23.20 7.62 4.70
C ALA D 227 23.48 6.71 3.52
N THR D 228 24.09 7.31 2.48
CA THR D 228 24.55 6.59 1.29
C THR D 228 25.56 5.50 1.63
N ARG D 229 26.59 5.83 2.41
CA ARG D 229 27.56 4.82 2.87
C ARG D 229 26.89 3.65 3.59
N CYS D 230 25.94 3.96 4.49
CA CYS D 230 25.26 2.94 5.27
C CYS D 230 24.33 2.04 4.45
N LEU D 231 23.56 2.66 3.57
CA LEU D 231 22.49 1.99 2.87
C LEU D 231 22.92 1.36 1.55
N MET D 232 23.97 1.91 0.95
CA MET D 232 24.48 1.41 -0.34
C MET D 232 25.91 0.84 -0.27
N GLY D 233 26.74 1.30 0.66
CA GLY D 233 28.17 0.94 0.71
C GLY D 233 28.54 -0.44 1.21
N HIS D 234 27.59 -1.14 1.82
CA HIS D 234 27.76 -2.51 2.29
C HIS D 234 27.79 -3.48 1.11
N SER D 235 28.09 -4.74 1.41
CA SER D 235 28.13 -5.79 0.41
C SER D 235 27.10 -6.90 0.63
N GLU D 236 25.91 -6.51 1.08
CA GLU D 236 24.79 -7.44 1.24
C GLU D 236 23.78 -7.33 0.11
N ILE D 237 23.24 -8.49 -0.28
CA ILE D 237 22.13 -8.60 -1.21
C ILE D 237 20.92 -8.21 -0.37
N VAL D 238 20.09 -7.31 -0.89
CA VAL D 238 18.92 -6.83 -0.17
C VAL D 238 17.66 -7.32 -0.85
N VAL D 239 16.81 -7.99 -0.10
CA VAL D 239 15.61 -8.58 -0.69
C VAL D 239 14.49 -7.59 -0.42
N GLN D 240 13.89 -7.06 -1.50
CA GLN D 240 12.94 -5.98 -1.42
C GLN D 240 12.02 -6.04 -2.64
N GLY D 241 10.74 -5.72 -2.46
CA GLY D 241 9.76 -5.65 -3.54
C GLY D 241 9.80 -4.30 -4.27
N LEU D 242 10.04 -4.35 -5.59
CA LEU D 242 10.07 -3.19 -6.47
C LEU D 242 8.82 -3.18 -7.35
N SER D 243 8.60 -2.11 -8.11
CA SER D 243 7.62 -2.18 -9.19
C SER D 243 8.24 -1.61 -10.44
N GLY D 244 7.42 -1.52 -11.52
CA GLY D 244 7.81 -0.93 -12.78
C GLY D 244 8.49 0.42 -12.70
N GLU D 245 8.04 1.28 -11.79
CA GLU D 245 8.66 2.61 -11.63
C GLU D 245 10.14 2.56 -11.23
N ASP D 246 10.60 1.43 -10.69
CA ASP D 246 11.98 1.30 -10.26
C ASP D 246 12.95 0.82 -11.39
N VAL D 247 12.39 0.35 -12.51
CA VAL D 247 13.14 -0.34 -13.55
C VAL D 247 13.64 0.66 -14.61
N LEU D 248 14.95 0.66 -14.88
CA LEU D 248 15.55 1.63 -15.81
C LEU D 248 15.80 1.17 -17.27
N ALA D 249 15.56 -0.09 -17.58
CA ALA D 249 15.84 -0.65 -18.89
C ALA D 249 14.99 -1.88 -19.14
N ARG D 250 15.15 -2.48 -20.33
CA ARG D 250 14.56 -3.80 -20.62
C ARG D 250 15.30 -4.85 -19.77
N PRO D 251 14.57 -5.69 -19.01
CA PRO D 251 15.24 -6.76 -18.28
C PRO D 251 15.93 -7.75 -19.23
N GLN D 252 17.06 -8.29 -18.79
CA GLN D 252 17.86 -9.22 -19.59
C GLN D 252 17.92 -10.56 -18.90
N ARG D 253 17.63 -11.65 -19.62
CA ARG D 253 17.91 -12.98 -19.10
C ARG D 253 19.43 -13.23 -19.10
N PHE D 254 19.97 -13.65 -17.96
CA PHE D 254 21.41 -13.92 -17.87
C PHE D 254 21.76 -15.40 -17.67
N ALA D 255 20.77 -16.23 -17.38
CA ALA D 255 21.00 -17.66 -17.25
C ALA D 255 19.72 -18.47 -17.38
N GLN D 256 19.87 -19.70 -17.86
CA GLN D 256 18.76 -20.63 -18.02
C GLN D 256 19.23 -21.98 -17.47
N LEU D 257 18.48 -22.52 -16.51
CA LEU D 257 18.82 -23.78 -15.87
C LEU D 257 17.77 -24.82 -16.25
N GLU D 258 18.18 -25.74 -17.13
CA GLU D 258 17.35 -26.86 -17.55
C GLU D 258 17.66 -27.97 -16.58
N LEU D 259 16.70 -28.34 -15.74
CA LEU D 259 17.02 -29.25 -14.62
C LEU D 259 17.44 -30.66 -15.04
N SER D 260 17.05 -31.09 -16.25
CA SER D 260 17.53 -32.36 -16.81
C SER D 260 18.94 -32.35 -17.44
N ARG D 261 19.59 -31.18 -17.50
CA ARG D 261 20.91 -31.03 -18.12
C ARG D 261 22.00 -31.73 -17.29
N ALA D 262 22.77 -32.59 -17.96
N ALA D 262 22.80 -32.56 -17.96
CA ALA D 262 23.88 -33.30 -17.31
CA ALA D 262 23.70 -33.55 -17.33
C ALA D 262 24.93 -32.30 -16.85
C ALA D 262 24.52 -33.09 -16.12
N GLY D 263 25.42 -32.53 -15.64
N GLY D 263 25.39 -32.12 -16.33
CA GLY D 263 26.43 -31.65 -15.06
CA GLY D 263 26.29 -31.66 -15.27
C GLY D 263 25.92 -30.29 -14.58
C GLY D 263 25.90 -30.31 -14.66
N LEU D 264 24.60 -30.14 -14.40
CA LEU D 264 24.07 -28.91 -13.81
C LEU D 264 24.60 -28.74 -12.39
N GLU D 265 24.72 -29.86 -11.67
CA GLU D 265 25.29 -29.90 -10.30
C GLU D 265 26.65 -29.22 -10.22
N GLN D 266 27.50 -29.54 -11.20
CA GLN D 266 28.85 -29.00 -11.27
C GLN D 266 28.84 -27.51 -11.61
N GLU D 267 27.96 -27.10 -12.52
CA GLU D 267 27.79 -25.68 -12.83
C GLU D 267 27.41 -24.88 -11.58
N LEU D 268 26.49 -25.41 -10.79
CA LEU D 268 26.03 -24.70 -9.58
C LEU D 268 27.20 -24.41 -8.64
N GLU D 269 28.07 -25.40 -8.45
CA GLU D 269 29.23 -25.26 -7.58
C GLU D 269 30.26 -24.27 -8.15
N ALA D 270 30.51 -24.31 -9.45
CA ALA D 270 31.44 -23.39 -10.11
C ALA D 270 30.87 -21.99 -10.27
N GLY D 271 29.55 -21.87 -10.40
CA GLY D 271 28.86 -20.58 -10.45
C GLY D 271 28.04 -20.50 -11.71
N VAL D 272 26.80 -20.01 -11.62
CA VAL D 272 25.98 -19.81 -12.82
C VAL D 272 25.75 -18.35 -13.10
N GLY D 273 25.66 -18.01 -14.37
CA GLY D 273 25.50 -16.62 -14.72
C GLY D 273 25.86 -16.35 -16.15
N GLY D 274 26.10 -15.08 -16.44
CA GLY D 274 26.47 -14.69 -17.78
C GLY D 274 26.60 -13.20 -17.92
N ARG D 275 26.96 -12.79 -19.13
CA ARG D 275 27.07 -11.38 -19.46
C ARG D 275 25.67 -10.80 -19.69
N PHE D 276 25.57 -9.49 -19.58
CA PHE D 276 24.33 -8.79 -19.91
C PHE D 276 24.65 -7.42 -20.46
N ARG D 277 23.73 -6.90 -21.23
CA ARG D 277 23.77 -5.48 -21.55
C ARG D 277 22.37 -4.93 -21.80
N CYS D 278 22.24 -3.63 -21.59
CA CYS D 278 21.00 -2.92 -21.89
C CYS D 278 21.27 -1.42 -21.99
N SER D 279 20.23 -0.68 -22.40
CA SER D 279 20.28 0.74 -22.61
C SER D 279 19.23 1.39 -21.75
N CYS D 280 19.61 2.41 -21.00
CA CYS D 280 18.67 3.05 -20.06
C CYS D 280 17.56 3.88 -20.77
N TYR D 281 16.41 3.94 -20.12
CA TYR D 281 15.22 4.57 -20.68
C TYR D 281 15.21 6.09 -20.59
N GLY D 282 15.79 6.62 -19.54
CA GLY D 282 15.71 8.05 -19.26
C GLY D 282 16.62 8.45 -18.14
N SER D 283 16.56 9.72 -17.79
CA SER D 283 17.35 10.30 -16.72
C SER D 283 16.89 9.76 -15.37
N ALA D 284 17.88 9.44 -14.53
CA ALA D 284 17.59 8.78 -13.23
C ALA D 284 18.87 8.56 -12.47
N PRO D 285 18.79 8.64 -11.12
CA PRO D 285 19.90 8.15 -10.32
C PRO D 285 19.83 6.61 -10.29
N MET D 286 20.78 5.95 -10.92
CA MET D 286 20.87 4.49 -10.87
C MET D 286 21.44 4.07 -9.50
N HIS D 287 20.75 3.17 -8.82
CA HIS D 287 21.21 2.64 -7.52
C HIS D 287 21.92 1.29 -7.58
N GLY D 288 21.76 0.59 -8.70
CA GLY D 288 22.29 -0.76 -8.86
C GLY D 288 21.38 -1.61 -9.71
N PHE D 289 21.27 -2.90 -9.34
CA PHE D 289 20.56 -3.89 -10.14
C PHE D 289 19.56 -4.65 -9.30
N ALA D 290 18.50 -5.13 -9.94
CA ALA D 290 17.66 -6.18 -9.36
C ALA D 290 17.83 -7.44 -10.19
N ILE D 291 17.81 -8.58 -9.50
CA ILE D 291 17.66 -9.85 -10.13
C ILE D 291 16.41 -10.57 -9.64
N TRP D 292 15.89 -11.44 -10.49
CA TRP D 292 14.72 -12.24 -10.17
C TRP D 292 14.70 -13.41 -11.08
N PHE D 293 13.73 -14.29 -10.88
CA PHE D 293 13.66 -15.52 -11.63
C PHE D 293 12.25 -15.87 -11.98
N GLN D 294 12.12 -16.85 -12.88
CA GLN D 294 10.88 -17.57 -13.02
C GLN D 294 11.21 -19.03 -13.16
N VAL D 295 10.25 -19.88 -12.84
CA VAL D 295 10.37 -21.32 -13.13
C VAL D 295 9.20 -21.76 -14.03
N THR D 296 9.40 -22.84 -14.77
CA THR D 296 8.40 -23.27 -15.76
C THR D 296 7.94 -24.72 -15.53
N PHE D 297 6.61 -24.91 -15.52
CA PHE D 297 6.02 -26.25 -15.42
C PHE D 297 5.64 -26.69 -16.85
N PRO D 298 5.93 -27.95 -17.22
CA PRO D 298 5.33 -28.50 -18.46
C PRO D 298 3.80 -28.48 -18.44
N GLY D 299 3.18 -28.26 -19.60
CA GLY D 299 1.71 -28.10 -19.71
C GLY D 299 0.88 -29.37 -19.57
N GLU D 303 -2.73 -29.06 -22.59
CA GLU D 303 -2.40 -27.81 -21.90
C GLU D 303 -1.20 -27.09 -22.53
N LYS D 304 -0.89 -25.90 -22.00
CA LYS D 304 0.33 -25.13 -22.34
C LYS D 304 1.18 -24.86 -21.05
N PRO D 305 2.44 -24.39 -21.19
CA PRO D 305 3.34 -24.35 -20.01
C PRO D 305 3.03 -23.21 -19.03
N LEU D 306 2.97 -23.53 -17.74
CA LEU D 306 2.72 -22.55 -16.67
C LEU D 306 4.04 -21.92 -16.15
N VAL D 307 4.10 -20.59 -16.09
CA VAL D 307 5.29 -19.86 -15.63
C VAL D 307 4.98 -19.18 -14.31
N LEU D 308 5.76 -19.52 -13.27
CA LEU D 308 5.77 -18.81 -12.00
C LEU D 308 6.87 -17.74 -12.04
N SER D 309 6.50 -16.47 -12.07
CA SER D 309 7.42 -15.36 -12.22
C SER D 309 7.53 -14.60 -10.91
N THR D 310 8.71 -14.06 -10.63
CA THR D 310 8.94 -13.14 -9.48
C THR D 310 9.37 -11.74 -9.93
N SER D 311 9.00 -11.40 -11.16
CA SER D 311 9.35 -10.13 -11.76
C SER D 311 8.62 -8.96 -11.07
N PRO D 312 9.26 -7.79 -11.02
CA PRO D 312 8.57 -6.62 -10.49
C PRO D 312 7.39 -6.12 -11.37
N PHE D 313 7.33 -6.54 -12.62
CA PHE D 313 6.20 -6.23 -13.50
C PHE D 313 5.04 -7.20 -13.32
N HIS D 314 5.25 -8.29 -12.56
CA HIS D 314 4.23 -9.31 -12.37
C HIS D 314 3.72 -9.28 -10.93
N PRO D 315 2.62 -10.02 -10.64
CA PRO D 315 2.04 -9.99 -9.30
C PRO D 315 3.06 -10.36 -8.22
N ALA D 316 2.99 -9.68 -7.08
CA ALA D 316 3.99 -9.81 -6.04
C ALA D 316 4.03 -11.24 -5.51
N THR D 317 5.23 -11.70 -5.13
CA THR D 317 5.44 -12.96 -4.41
C THR D 317 6.30 -12.70 -3.16
N HIS D 318 6.35 -13.70 -2.30
CA HIS D 318 7.19 -13.63 -1.10
C HIS D 318 8.72 -13.54 -1.40
N TRP D 319 9.14 -13.93 -2.61
CA TRP D 319 10.53 -13.84 -3.04
C TRP D 319 10.96 -12.41 -3.35
N LYS D 320 10.00 -11.55 -3.66
CA LYS D 320 10.29 -10.17 -4.01
C LYS D 320 11.31 -10.17 -5.15
N GLN D 321 12.27 -9.24 -5.12
CA GLN D 321 13.48 -9.29 -5.93
C GLN D 321 14.71 -9.16 -5.02
N ALA D 322 15.86 -9.51 -5.57
CA ALA D 322 17.12 -9.44 -4.87
C ALA D 322 17.90 -8.25 -5.45
N LEU D 323 18.20 -7.28 -4.60
CA LEU D 323 18.82 -6.01 -5.01
C LEU D 323 20.33 -6.02 -4.74
N LEU D 324 21.08 -5.56 -5.73
CA LEU D 324 22.54 -5.43 -5.72
C LEU D 324 22.84 -3.95 -5.88
N TYR D 325 23.08 -3.25 -4.78
CA TYR D 325 23.37 -1.82 -4.82
C TYR D 325 24.81 -1.51 -5.15
N LEU D 326 25.02 -0.44 -5.90
CA LEU D 326 26.34 0.12 -6.11
C LEU D 326 26.72 0.85 -4.82
N ASN D 327 28.00 1.20 -4.65
CA ASN D 327 28.41 1.91 -3.43
C ASN D 327 27.78 3.27 -3.30
N GLU D 328 27.41 3.88 -4.43
CA GLU D 328 26.72 5.15 -4.45
C GLU D 328 25.95 5.26 -5.75
N PRO D 329 24.97 6.18 -5.81
CA PRO D 329 24.19 6.35 -7.05
C PRO D 329 25.05 6.82 -8.23
N VAL D 330 24.66 6.47 -9.45
CA VAL D 330 25.28 7.00 -10.66
C VAL D 330 24.17 7.53 -11.53
N GLN D 331 24.36 8.74 -12.05
CA GLN D 331 23.34 9.35 -12.91
C GLN D 331 23.42 8.73 -14.28
N VAL D 332 22.28 8.26 -14.78
CA VAL D 332 22.20 7.74 -16.15
C VAL D 332 21.30 8.65 -16.98
N GLU D 333 21.29 8.46 -18.29
CA GLU D 333 20.46 9.25 -19.22
C GLU D 333 19.78 8.31 -20.18
N GLN D 334 18.89 8.82 -21.03
CA GLN D 334 18.35 7.99 -22.09
C GLN D 334 19.50 7.43 -22.91
N ASP D 335 19.42 6.15 -23.24
CA ASP D 335 20.46 5.43 -23.99
C ASP D 335 21.82 5.25 -23.32
N THR D 336 21.96 5.56 -22.01
CA THR D 336 23.20 5.17 -21.31
C THR D 336 23.34 3.64 -21.33
N ASP D 337 24.49 3.15 -21.81
CA ASP D 337 24.76 1.71 -21.87
C ASP D 337 25.13 1.17 -20.48
N VAL D 338 24.48 0.10 -20.05
CA VAL D 338 24.81 -0.56 -18.78
C VAL D 338 25.04 -2.01 -19.11
N SER D 339 26.24 -2.49 -18.79
CA SER D 339 26.62 -3.87 -19.12
C SER D 339 27.49 -4.46 -18.04
N GLY D 340 27.67 -5.77 -18.12
CA GLY D 340 28.47 -6.45 -17.13
C GLY D 340 28.40 -7.95 -17.27
N GLU D 341 28.74 -8.59 -16.17
CA GLU D 341 28.68 -10.02 -16.03
C GLU D 341 28.40 -10.33 -14.57
N ILE D 342 27.55 -11.32 -14.35
CA ILE D 342 27.07 -11.65 -13.02
C ILE D 342 27.22 -13.14 -12.83
N THR D 343 27.70 -13.57 -11.66
CA THR D 343 27.78 -14.98 -11.29
C THR D 343 27.15 -15.21 -9.93
N LEU D 344 26.32 -16.24 -9.86
CA LEU D 344 25.72 -16.67 -8.61
C LEU D 344 26.41 -17.98 -8.18
N LEU D 345 26.94 -18.03 -6.96
CA LEU D 345 27.64 -19.22 -6.49
C LEU D 345 27.52 -19.36 -4.97
N PRO D 346 27.80 -20.58 -4.43
CA PRO D 346 27.79 -20.72 -2.97
C PRO D 346 28.87 -19.87 -2.33
N SER D 347 28.60 -19.31 -1.16
CA SER D 347 29.63 -18.66 -0.36
C SER D 347 30.63 -19.71 0.13
N ARG D 348 31.82 -19.26 0.48
CA ARG D 348 32.86 -20.21 0.85
C ARG D 348 32.64 -20.82 2.25
N ASP D 349 32.33 -19.98 3.23
CA ASP D 349 32.11 -20.44 4.62
C ASP D 349 30.77 -21.15 4.85
N ASN D 350 29.73 -20.68 4.17
CA ASN D 350 28.40 -21.26 4.23
C ASN D 350 27.90 -21.54 2.82
N PRO D 351 27.89 -22.82 2.38
CA PRO D 351 27.50 -23.16 1.04
C PRO D 351 26.00 -23.05 0.72
N ARG D 352 25.18 -22.82 1.75
CA ARG D 352 23.77 -22.47 1.60
C ARG D 352 23.51 -20.97 1.48
N ARG D 353 24.54 -20.14 1.63
CA ARG D 353 24.41 -18.69 1.48
C ARG D 353 24.81 -18.25 0.06
N LEU D 354 23.91 -17.57 -0.63
CA LEU D 354 24.15 -17.10 -1.99
C LEU D 354 25.20 -15.98 -1.99
N ARG D 355 26.13 -16.09 -2.91
CA ARG D 355 27.11 -15.08 -3.22
C ARG D 355 26.88 -14.63 -4.66
N VAL D 356 27.11 -13.34 -4.91
CA VAL D 356 26.99 -12.80 -6.24
C VAL D 356 28.25 -12.04 -6.56
N LEU D 357 28.89 -12.42 -7.66
CA LEU D 357 30.04 -11.70 -8.17
C LEU D 357 29.55 -10.87 -9.35
N LEU D 358 29.66 -9.56 -9.23
CA LEU D 358 29.19 -8.65 -10.27
C LEU D 358 30.38 -7.84 -10.80
N ARG D 359 30.47 -7.74 -12.11
CA ARG D 359 31.28 -6.70 -12.71
C ARG D 359 30.37 -5.92 -13.62
N TYR D 360 30.54 -4.61 -13.69
CA TYR D 360 29.61 -3.82 -14.48
C TYR D 360 30.24 -2.54 -15.00
N LYS D 361 29.60 -1.94 -15.98
CA LYS D 361 30.05 -0.65 -16.51
C LYS D 361 28.85 0.20 -16.90
N VAL D 362 28.84 1.44 -16.41
CA VAL D 362 27.77 2.40 -16.67
C VAL D 362 28.36 3.50 -17.53
N GLY D 363 27.93 3.57 -18.78
CA GLY D 363 28.37 4.64 -19.67
C GLY D 363 29.85 4.57 -19.92
N ASP D 364 30.53 5.72 -19.81
CA ASP D 364 31.99 5.76 -19.91
C ASP D 364 32.69 5.83 -18.56
N GLN D 365 31.97 5.60 -17.47
CA GLN D 365 32.65 5.28 -16.19
C GLN D 365 33.46 4.00 -16.36
N GLU D 366 34.59 3.89 -15.67
CA GLU D 366 35.40 2.67 -15.68
C GLU D 366 34.60 1.48 -15.15
N GLU D 367 34.94 0.28 -15.63
CA GLU D 367 34.35 -0.95 -15.12
C GLU D 367 34.61 -1.06 -13.62
N LYS D 368 33.59 -1.48 -12.88
CA LYS D 368 33.73 -1.75 -11.46
C LYS D 368 33.26 -3.15 -11.13
N THR D 369 33.68 -3.62 -9.95
CA THR D 369 33.26 -4.93 -9.45
C THR D 369 32.71 -4.77 -8.07
N LYS D 370 31.82 -5.66 -7.69
CA LYS D 370 31.34 -5.76 -6.29
C LYS D 370 30.92 -7.21 -6.03
N ASP D 371 31.16 -7.64 -4.79
CA ASP D 371 31.04 -9.02 -4.38
C ASP D 371 30.03 -9.04 -3.23
N PHE D 372 28.87 -9.66 -3.45
CA PHE D 372 27.76 -9.59 -2.51
C PHE D 372 27.51 -10.93 -1.84
N ALA D 373 26.99 -10.89 -0.62
CA ALA D 373 26.46 -12.09 0.03
C ALA D 373 25.07 -11.84 0.56
N MET D 374 24.22 -12.87 0.57
CA MET D 374 22.83 -12.75 1.03
C MET D 374 22.74 -12.25 2.46
N GLU D 375 21.92 -11.20 2.67
CA GLU D 375 21.61 -10.75 4.01
C GLU D 375 20.93 -11.87 4.82
N SAH E . 19.56 12.00 21.31
CA SAH E . 19.37 11.35 19.96
CB SAH E . 19.60 9.83 20.03
CG SAH E . 18.82 9.10 21.13
SD SAH E . 19.05 7.34 21.12
C SAH E . 18.00 11.61 19.46
O SAH E . 17.74 11.38 18.27
OXT SAH E . 17.09 12.01 20.22
C5' SAH E . 20.18 7.12 22.46
C4' SAH E . 21.63 7.53 22.17
O4' SAH E . 22.38 7.47 23.38
C3' SAH E . 22.38 6.62 21.22
O3' SAH E . 22.98 7.44 20.19
C2' SAH E . 23.39 5.84 22.06
O2' SAH E . 24.61 5.47 21.41
C1' SAH E . 23.65 6.86 23.14
N9 SAH E . 24.13 6.37 24.44
C8 SAH E . 23.60 5.35 25.16
N7 SAH E . 24.25 5.19 26.32
C5 SAH E . 25.19 6.15 26.36
C6 SAH E . 26.24 6.57 27.33
N6 SAH E . 26.39 5.91 28.47
N1 SAH E . 27.02 7.63 27.01
C2 SAH E . 26.88 8.27 25.84
N3 SAH E . 25.95 7.95 24.92
C4 SAH E . 25.10 6.93 25.13
C12 O3P F . 16.14 4.83 21.98
C13 O3P F . 14.29 2.52 20.88
C14 O3P F . 15.70 -1.06 19.03
C15 O3P F . 16.30 -2.05 19.79
C16 O3P F . 17.55 -1.84 20.34
C8 O3P F . 14.98 3.06 17.00
C1 O3P F . 21.93 -0.88 20.56
C3 O3P F . 18.20 -0.63 20.14
C4 O3P F . 17.58 0.39 19.43
C5 O3P F . 16.34 0.17 18.84
C6 O3P F . 15.75 1.19 17.94
C7 O3P F . 15.17 0.86 16.74
N1 O3P F . 14.70 2.01 16.19
C10 O3P F . 15.96 3.40 19.36
C11 O3P F . 14.91 4.85 21.09
N2 O3P F . 14.77 3.72 20.18
C9 O3P F . 15.62 2.60 18.13
O O3P F . 20.32 -2.62 20.20
C O3P F . 20.56 -1.42 20.37
N O3P F . 19.60 -0.47 20.28
N3 O3P F . 16.27 6.02 22.88
C1 GOL G . -5.67 5.15 17.31
O1 GOL G . -6.32 6.41 17.42
C2 GOL G . -6.47 4.07 18.06
O2 GOL G . -5.65 2.88 18.05
C3 GOL G . -7.84 3.75 17.43
O3 GOL G . -8.47 2.59 18.06
N SAH H . -25.21 -11.58 -6.51
CA SAH H . -24.11 -10.94 -7.28
CB SAH H . -24.36 -9.44 -7.54
CG SAH H . -24.65 -8.57 -6.32
SD SAH H . -24.81 -6.82 -6.73
C SAH H . -22.84 -11.10 -6.51
O SAH H . -21.75 -11.02 -7.09
OXT SAH H . -22.91 -11.29 -5.27
C5' SAH H . -26.58 -6.61 -6.70
C4' SAH H . -27.29 -7.15 -7.94
O4' SAH H . -28.69 -7.01 -7.74
C3' SAH H . -27.04 -6.38 -9.24
O3' SAH H . -26.72 -7.29 -10.28
C2' SAH H . -28.34 -5.66 -9.56
O2' SAH H . -28.62 -5.49 -10.94
C1' SAH H . -29.34 -6.60 -8.94
N9 SAH H . -30.62 -6.02 -8.53
C8 SAH H . -30.77 -4.93 -7.79
N7 SAH H . -32.07 -4.71 -7.52
C5 SAH H . -32.77 -5.72 -8.09
C6 SAH H . -34.18 -6.12 -8.19
N6 SAH H . -35.10 -5.35 -7.62
N1 SAH H . -34.52 -7.24 -8.88
C2 SAH H . -33.56 -8.00 -9.47
N3 SAH H . -32.24 -7.71 -9.40
C4 SAH H . -31.79 -6.60 -8.74
C12 O3P I . -23.53 -3.95 -4.15
C13 O3P I . -21.54 -1.60 -3.70
C14 O3P I . -21.03 1.73 -6.24
C15 O3P I . -22.00 2.71 -6.34
C16 O3P I . -23.23 2.42 -6.93
C8 O3P I . -18.90 -2.44 -6.66
C1 O3P I . -26.09 0.96 -10.11
C3 O3P I . -23.47 1.14 -7.41
C4 O3P I . -22.51 0.14 -7.27
C5 O3P I . -21.27 0.44 -6.71
C6 O3P I . -20.16 -0.56 -6.75
C7 O3P I . -18.90 -0.27 -7.20
N1 O3P I . -18.14 -1.40 -7.14
C10 O3P I . -21.33 -2.75 -5.82
C11 O3P I . -22.06 -3.98 -3.78
N2 O3P I . -21.27 -2.88 -4.37
C9 O3P I . -20.18 -1.96 -6.40
O O3P I . -24.91 2.85 -9.25
C O3P I . -25.15 1.65 -9.18
N O3P I . -24.48 0.82 -8.36
N3 O3P I . -24.32 -5.10 -3.66
C1 GOL J . -33.23 2.24 13.27
O1 GOL J . -33.86 3.50 13.37
C2 GOL J . -32.80 1.79 14.66
O2 GOL J . -33.69 2.27 15.69
C3 GOL J . -32.76 0.28 14.70
O3 GOL J . -31.67 -0.10 15.54
N SAH K . -0.67 27.94 -14.68
CA SAH K . -1.13 27.02 -13.62
CB SAH K . -2.38 26.26 -14.05
CG SAH K . -2.31 25.54 -15.39
SD SAH K . -3.80 24.64 -15.72
C SAH K . -0.09 26.03 -13.26
O SAH K . -0.15 25.44 -12.17
OXT SAH K . 0.84 25.74 -14.04
C5' SAH K . -4.62 25.62 -16.94
C4' SAH K . -5.24 26.92 -16.38
O4' SAH K . -5.66 27.80 -17.46
C3' SAH K . -6.51 26.71 -15.55
O3' SAH K . -6.42 27.39 -14.28
C2' SAH K . -7.64 27.22 -16.42
O2' SAH K . -8.77 27.72 -15.71
C1' SAH K . -6.95 28.32 -17.21
N9 SAH K . -7.54 28.66 -18.51
C8 SAH K . -7.90 27.81 -19.52
N7 SAH K . -8.33 28.51 -20.60
C5 SAH K . -8.20 29.82 -20.30
C6 SAH K . -8.49 31.11 -20.97
N6 SAH K . -8.99 31.08 -22.23
N1 SAH K . -8.24 32.26 -20.30
C2 SAH K . -7.74 32.28 -19.05
N3 SAH K . -7.47 31.13 -18.37
C4 SAH K . -7.68 29.92 -18.93
C12 O3P L . -3.81 21.14 -17.43
C13 O3P L . -4.41 18.02 -17.47
C14 O3P L . -8.17 16.42 -16.45
C15 O3P L . -9.19 16.54 -17.39
C16 O3P L . -9.80 17.76 -17.61
C8 O3P L . -4.83 17.77 -13.46
C3 O3P L . -9.39 18.88 -16.89
C4 O3P L . -8.34 18.78 -15.98
C5 O3P L . -7.72 17.55 -15.76
C6 O3P L . -6.65 17.44 -14.73
C7 O3P L . -6.68 16.54 -13.68
N1 O3P L . -5.57 16.76 -12.93
C10 O3P L . -4.97 19.33 -15.51
C11 O3P L . -3.03 19.96 -16.91
N2 O3P L . -3.89 18.88 -16.40
C9 O3P L . -5.45 18.23 -14.60
O O3P L . -12.28 19.43 -17.03
C O3P L . -11.40 20.30 -17.15
N O3P L . -10.13 20.07 -16.79
N3 O3P L . -2.97 22.14 -18.12
N SAH M . 6.86 -28.12 -0.16
CA SAH M . 6.57 -27.09 0.84
CB SAH M . 7.82 -26.41 1.45
CG SAH M . 8.83 -25.73 0.48
SD SAH M . 10.18 -24.99 1.38
C SAH M . 5.69 -26.05 0.25
O SAH M . 5.02 -25.32 1.00
OXT SAH M . 5.65 -25.89 -0.98
C5' SAH M . 11.48 -26.17 1.15
C4' SAH M . 11.39 -27.37 2.08
O4' SAH M . 12.40 -28.31 1.71
C3' SAH M . 11.67 -27.04 3.55
O3' SAH M . 10.62 -27.55 4.38
C2' SAH M . 13.00 -27.66 3.88
O2' SAH M . 13.15 -28.06 5.24
C1' SAH M . 13.01 -28.82 2.91
N9 SAH M . 14.33 -29.32 2.51
C8 SAH M . 15.38 -28.58 2.09
N7 SAH M . 16.40 -29.37 1.74
C5 SAH M . 15.99 -30.63 1.96
C6 SAH M . 16.59 -31.97 1.79
N6 SAH M . 17.87 -32.04 1.34
N1 SAH M . 15.84 -33.06 2.11
C2 SAH M . 14.58 -32.96 2.56
N3 SAH M . 13.96 -31.76 2.73
C4 SAH M . 14.62 -30.60 2.45
C O3S N . 14.74 -22.04 7.20
O O3S N . 17.28 -20.02 6.08
N O3S N . 15.46 -20.54 4.83
C2 O3S N . 16.39 -20.79 5.78
C1 O3S N . 16.11 -22.06 6.54
C3 O3S N . 15.15 -19.32 4.23
C8 O3S N . 15.99 -18.20 4.12
C7 O3S N . 15.45 -16.98 3.78
C6 O3S N . 14.08 -16.85 3.59
C5 O3S N . 13.24 -17.96 3.72
C4 O3S N . 13.79 -19.19 4.02
C9 O3S N . 11.76 -17.80 3.61
C12 O3S N . 10.82 -18.60 2.90
C11 O3S N . 9.60 -18.04 3.14
N1 O3S N . 9.76 -16.95 3.93
C10 O3S N . 11.08 -16.78 4.23
C13 O3S N . 11.12 -19.77 2.00
N2 O3S N . 11.09 -19.39 0.58
C14 O3S N . 12.27 -18.58 0.23
C15 O3S N . 10.83 -20.50 -0.35
C16 O3S N . 11.78 -21.67 -0.19
N3 O3S N . 11.47 -22.79 -1.07
#